data_5LUZ
#
_entry.id   5LUZ
#
_cell.length_a   131.329
_cell.length_b   131.329
_cell.length_c   195.229
_cell.angle_alpha   90.00
_cell.angle_beta   90.00
_cell.angle_gamma   90.00
#
_symmetry.space_group_name_H-M   'P 43 21 2'
#
loop_
_entity.id
_entity.type
_entity.pdbx_description
1 polymer 'Neurolysin, mitochondrial'
2 polymer 'PRO-ARG-ARG-PRO neurotensin fragment'
3 non-polymer 'ZINC ION'
4 non-polymer 'CHLORIDE ION'
5 non-polymer GLYCEROL
6 water water
#
loop_
_entity_poly.entity_id
_entity_poly.type
_entity_poly.pdbx_seq_one_letter_code
_entity_poly.pdbx_strand_id
1 'polypeptide(L)'
;MGSSHHHHHHSSGLVPRGSSSYTVAGRNVLRWDLSPEQIKTRTEELIVQTKQVYDAVGMLGIEEVTYENCLQALADVEVK
YIVERTMLDFPQHVSSDKEVRAASTEADKRLSRFDIEMSMRGDIFERIVHLQETCDLGKIKPEARRYLEKSIKMGKRNGL
HLPEQVQNEIKSMKKRMSELCIDFNKNLNEDDTFLVFSKAELGALPDDFIDSLEKTDDDKYKITLKYPHYFPVMKKCCIP
ETRRRMEMAFNTRCKEENTIILQQLLPLRTKVAKLLGYSTHADFVLEMNTAKSTSRVTAFLDDLSQKLKPLGEAEREFIL
NLKKKECKDRGFEYDGKINAWDLYYYMTQTEELKYSIDQEFLKEYFPIEVVTEGLLNTYQELLGLSFEQMTDAHVWNKSV
TLYTVKDKATGEVLGQFYLDLYPREGKYNHAACFGLQPGCLLPDGSRMMAVAALVVNFSQPVAGRPSLLRHDEVRTYFHQ
FGHVMHQICAQTDFARFSGTNVETDFVEVPSQMLENWVWDVDSLRRLSKHYKDGSPIADDLLEKLVASRLVNTGLLTLRQ
IVLSKVDQSLHTNTSLDAASEYAKYCSEILGVAATPGTNMPATFGHLAGGYDGQYYGYLWSEVFSMDMFYSCFKKEGIMN
PEVGMKYRNLILKPGGSLDGMDMLHNFLKREPNQKAFLMSRGLHAP
;
A,B
2 'polypeptide(L)' (PCA)LYENKPRRPYIL C,D,P,Q
#
loop_
_chem_comp.id
_chem_comp.type
_chem_comp.name
_chem_comp.formula
CL non-polymer 'CHLORIDE ION' 'Cl -1'
GOL non-polymer GLYCEROL 'C3 H8 O3'
ZN non-polymer 'ZINC ION' 'Zn 2'
#
# COMPACT_ATOMS: atom_id res chain seq x y z
N SER A 20 -46.66 -8.85 1.81
CA SER A 20 -47.49 -8.35 2.94
C SER A 20 -46.69 -8.24 4.25
N SER A 21 -47.06 -7.26 5.08
CA SER A 21 -46.38 -7.01 6.36
C SER A 21 -46.74 -8.01 7.49
N TYR A 22 -47.72 -8.89 7.25
CA TYR A 22 -48.16 -9.89 8.25
C TYR A 22 -47.71 -11.33 7.94
N THR A 23 -46.84 -11.51 6.96
CA THR A 23 -46.37 -12.83 6.52
C THR A 23 -44.84 -12.92 6.50
N VAL A 24 -44.33 -14.14 6.37
CA VAL A 24 -42.88 -14.42 6.29
C VAL A 24 -42.44 -14.74 4.86
N ALA A 25 -43.20 -15.61 4.18
CA ALA A 25 -42.86 -16.16 2.85
C ALA A 25 -42.23 -15.16 1.87
N GLY A 26 -41.03 -15.49 1.39
CA GLY A 26 -40.36 -14.71 0.36
C GLY A 26 -39.82 -13.34 0.74
N ARG A 27 -39.80 -13.02 2.04
CA ARG A 27 -39.31 -11.73 2.51
C ARG A 27 -37.82 -11.76 2.89
N ASN A 28 -37.30 -12.94 3.22
CA ASN A 28 -35.86 -13.14 3.39
C ASN A 28 -35.24 -13.49 2.03
N VAL A 29 -34.76 -12.46 1.33
CA VAL A 29 -34.19 -12.58 -0.01
C VAL A 29 -32.80 -13.28 -0.01
N LEU A 30 -32.19 -13.40 1.17
CA LEU A 30 -30.79 -13.82 1.29
C LEU A 30 -30.56 -15.30 0.99
N ARG A 31 -29.38 -15.59 0.47
CA ARG A 31 -28.94 -16.94 0.10
C ARG A 31 -27.47 -17.07 0.47
N TRP A 32 -27.09 -18.20 1.04
CA TRP A 32 -25.70 -18.51 1.38
C TRP A 32 -25.18 -19.75 0.60
N ASP A 33 -25.63 -19.88 -0.65
CA ASP A 33 -25.18 -20.95 -1.57
C ASP A 33 -23.98 -20.56 -2.42
N LEU A 34 -23.53 -19.31 -2.32
CA LEU A 34 -22.73 -18.70 -3.38
C LEU A 34 -21.31 -19.26 -3.45
N SER A 35 -20.89 -19.61 -4.66
CA SER A 35 -19.51 -20.06 -4.94
C SER A 35 -18.58 -18.85 -5.02
N PRO A 36 -17.25 -19.08 -5.11
CA PRO A 36 -16.33 -17.97 -5.35
C PRO A 36 -16.54 -17.22 -6.68
N GLU A 37 -16.92 -17.93 -7.74
CA GLU A 37 -17.22 -17.30 -9.03
C GLU A 37 -18.55 -16.52 -8.99
N GLN A 38 -19.56 -17.06 -8.32
CA GLN A 38 -20.88 -16.40 -8.19
C GLN A 38 -20.79 -15.04 -7.48
N ILE A 39 -19.94 -14.95 -6.45
CA ILE A 39 -19.71 -13.69 -5.72
C ILE A 39 -19.03 -12.65 -6.61
N LYS A 40 -17.96 -13.06 -7.28
CA LYS A 40 -17.19 -12.18 -8.17
C LYS A 40 -18.06 -11.58 -9.28
N THR A 41 -18.92 -12.40 -9.87
CA THR A 41 -19.79 -11.98 -10.96
C THR A 41 -20.96 -11.14 -10.46
N ARG A 42 -21.55 -11.54 -9.31
CA ARG A 42 -22.60 -10.73 -8.68
C ARG A 42 -22.11 -9.36 -8.20
N THR A 43 -20.85 -9.29 -7.78
CA THR A 43 -20.20 -8.02 -7.44
C THR A 43 -20.22 -7.09 -8.65
N GLU A 44 -19.77 -7.60 -9.80
CA GLU A 44 -19.76 -6.80 -11.03
C GLU A 44 -21.19 -6.44 -11.47
N GLU A 45 -22.07 -7.43 -11.51
CA GLU A 45 -23.49 -7.22 -11.86
C GLU A 45 -24.13 -6.12 -10.98
N LEU A 46 -23.90 -6.19 -9.68
CA LEU A 46 -24.43 -5.22 -8.71
C LEU A 46 -23.91 -3.80 -8.95
N ILE A 47 -22.64 -3.69 -9.30
CA ILE A 47 -22.04 -2.39 -9.64
C ILE A 47 -22.67 -1.81 -10.91
N VAL A 48 -22.86 -2.64 -11.94
CA VAL A 48 -23.50 -2.20 -13.18
C VAL A 48 -24.92 -1.71 -12.91
N GLN A 49 -25.72 -2.53 -12.22
CA GLN A 49 -27.11 -2.19 -11.85
C GLN A 49 -27.24 -0.91 -11.03
N THR A 50 -26.36 -0.75 -10.04
CA THR A 50 -26.41 0.38 -9.11
C THR A 50 -25.89 1.67 -9.75
N LYS A 51 -24.75 1.58 -10.44
CA LYS A 51 -24.17 2.75 -11.13
C LYS A 51 -25.14 3.34 -12.18
N GLN A 52 -25.85 2.45 -12.86
CA GLN A 52 -26.91 2.82 -13.82
C GLN A 52 -27.92 3.85 -13.30
N VAL A 53 -28.29 3.72 -12.02
CA VAL A 53 -29.20 4.65 -11.36
C VAL A 53 -28.52 5.98 -11.08
N TYR A 54 -27.29 5.93 -10.56
CA TYR A 54 -26.50 7.13 -10.31
C TYR A 54 -26.18 7.88 -11.61
N ASP A 55 -25.93 7.13 -12.70
CA ASP A 55 -25.78 7.72 -14.04
C ASP A 55 -27.09 8.35 -14.52
N ALA A 56 -28.20 7.66 -14.31
CA ALA A 56 -29.52 8.15 -14.70
C ALA A 56 -29.89 9.47 -14.02
N VAL A 57 -29.61 9.57 -12.71
CA VAL A 57 -29.87 10.80 -11.95
C VAL A 57 -28.90 11.92 -12.36
N GLY A 58 -27.64 11.57 -12.56
CA GLY A 58 -26.61 12.50 -13.01
C GLY A 58 -26.84 13.12 -14.38
N MET A 59 -27.44 12.35 -15.28
CA MET A 59 -27.77 12.84 -16.63
C MET A 59 -28.98 13.79 -16.66
N LEU A 60 -29.81 13.79 -15.60
CA LEU A 60 -30.93 14.75 -15.51
C LEU A 60 -30.42 16.18 -15.47
N GLY A 61 -31.13 17.07 -16.15
CA GLY A 61 -30.81 18.50 -16.10
C GLY A 61 -31.18 19.07 -14.75
N ILE A 62 -30.53 20.18 -14.39
CA ILE A 62 -30.71 20.79 -13.07
C ILE A 62 -32.16 21.22 -12.84
N GLU A 63 -32.83 21.69 -13.89
CA GLU A 63 -34.24 22.11 -13.82
C GLU A 63 -35.19 20.92 -13.69
N GLU A 64 -34.83 19.80 -14.31
CA GLU A 64 -35.71 18.62 -14.37
C GLU A 64 -35.78 17.78 -13.08
N VAL A 65 -34.93 18.09 -12.10
CA VAL A 65 -34.86 17.31 -10.85
C VAL A 65 -36.13 17.46 -10.00
N THR A 66 -36.64 16.32 -9.52
CA THR A 66 -37.83 16.25 -8.66
C THR A 66 -37.62 15.21 -7.56
N TYR A 67 -38.58 15.08 -6.66
CA TYR A 67 -38.57 14.03 -5.63
C TYR A 67 -38.53 12.61 -6.23
N GLU A 68 -39.33 12.37 -7.26
CA GLU A 68 -39.51 11.03 -7.85
C GLU A 68 -38.29 10.53 -8.63
N ASN A 69 -37.71 11.42 -9.45
CA ASN A 69 -36.58 11.04 -10.33
C ASN A 69 -35.17 11.20 -9.74
N CYS A 70 -35.07 11.80 -8.54
CA CYS A 70 -33.77 12.07 -7.91
C CYS A 70 -33.69 11.50 -6.50
N LEU A 71 -34.51 12.01 -5.58
CA LEU A 71 -34.48 11.59 -4.18
C LEU A 71 -34.95 10.14 -4.01
N GLN A 72 -36.10 9.83 -4.58
CA GLN A 72 -36.67 8.49 -4.50
C GLN A 72 -35.84 7.46 -5.28
N ALA A 73 -35.29 7.87 -6.42
CA ALA A 73 -34.44 6.98 -7.23
C ALA A 73 -33.18 6.53 -6.47
N LEU A 74 -32.53 7.47 -5.79
CA LEU A 74 -31.35 7.17 -4.97
C LEU A 74 -31.69 6.36 -3.72
N ALA A 75 -32.80 6.69 -3.09
CA ALA A 75 -33.27 5.96 -1.91
C ALA A 75 -33.66 4.51 -2.22
N ASP A 76 -34.22 4.27 -3.39
CA ASP A 76 -34.62 2.92 -3.82
C ASP A 76 -33.42 2.04 -4.15
N VAL A 77 -32.42 2.62 -4.83
CA VAL A 77 -31.21 1.87 -5.19
C VAL A 77 -30.32 1.59 -3.96
N GLU A 78 -30.38 2.47 -2.95
CA GLU A 78 -29.73 2.19 -1.65
C GLU A 78 -30.27 0.94 -0.95
N VAL A 79 -31.58 0.70 -1.09
CA VAL A 79 -32.22 -0.50 -0.52
C VAL A 79 -31.76 -1.74 -1.31
N LYS A 80 -31.88 -1.66 -2.64
CA LYS A 80 -31.50 -2.77 -3.53
C LYS A 80 -30.01 -3.11 -3.42
N TYR A 81 -29.17 -2.08 -3.27
CA TYR A 81 -27.72 -2.28 -3.16
C TYR A 81 -27.32 -2.93 -1.84
N ILE A 82 -27.74 -2.35 -0.72
CA ILE A 82 -27.31 -2.81 0.60
C ILE A 82 -27.74 -4.27 0.89
N VAL A 83 -28.88 -4.68 0.35
CA VAL A 83 -29.37 -6.06 0.51
C VAL A 83 -28.51 -7.03 -0.30
N GLU A 84 -28.30 -6.72 -1.58
CA GLU A 84 -27.43 -7.54 -2.45
C GLU A 84 -26.01 -7.59 -1.90
N ARG A 85 -25.54 -6.47 -1.37
CA ARG A 85 -24.17 -6.35 -0.87
C ARG A 85 -23.86 -7.31 0.30
N THR A 86 -24.83 -7.56 1.18
CA THR A 86 -24.59 -8.44 2.34
C THR A 86 -24.44 -9.93 1.96
N MET A 87 -25.05 -10.36 0.86
CA MET A 87 -24.77 -11.70 0.31
C MET A 87 -23.31 -11.86 -0.16
N LEU A 88 -22.68 -10.73 -0.51
CA LEU A 88 -21.31 -10.69 -1.01
C LEU A 88 -20.30 -10.41 0.09
N ASP A 89 -20.57 -9.43 0.97
CA ASP A 89 -19.62 -9.01 2.01
C ASP A 89 -19.70 -9.78 3.34
N PHE A 90 -20.80 -10.47 3.62
CA PHE A 90 -20.97 -11.22 4.89
C PHE A 90 -20.28 -12.59 4.98
N PRO A 91 -20.19 -13.35 3.86
CA PRO A 91 -19.52 -14.66 3.92
C PRO A 91 -18.04 -14.69 4.32
N GLN A 92 -17.32 -13.56 4.25
CA GLN A 92 -15.94 -13.49 4.78
C GLN A 92 -15.85 -13.72 6.30
N HIS A 93 -16.95 -13.47 7.02
CA HIS A 93 -17.01 -13.63 8.48
C HIS A 93 -17.54 -14.99 8.95
N VAL A 94 -18.28 -15.71 8.10
CA VAL A 94 -18.98 -16.94 8.52
C VAL A 94 -18.86 -18.20 7.64
N SER A 95 -18.41 -18.09 6.40
CA SER A 95 -18.34 -19.25 5.50
C SER A 95 -17.20 -20.19 5.90
N SER A 96 -17.48 -21.48 5.98
CA SER A 96 -16.47 -22.50 6.29
C SER A 96 -15.51 -22.73 5.12
N ASP A 97 -15.94 -22.40 3.90
CA ASP A 97 -15.11 -22.48 2.69
C ASP A 97 -14.17 -21.27 2.63
N LYS A 98 -12.86 -21.53 2.65
CA LYS A 98 -11.84 -20.46 2.63
C LYS A 98 -11.77 -19.69 1.31
N GLU A 99 -12.10 -20.35 0.19
CA GLU A 99 -12.16 -19.68 -1.12
C GLU A 99 -13.37 -18.74 -1.26
N VAL A 100 -14.46 -19.05 -0.55
CA VAL A 100 -15.62 -18.15 -0.46
C VAL A 100 -15.28 -16.92 0.40
N ARG A 101 -14.57 -17.14 1.51
CA ARG A 101 -14.12 -16.03 2.37
C ARG A 101 -13.21 -15.06 1.62
N ALA A 102 -12.32 -15.59 0.78
CA ALA A 102 -11.41 -14.77 -0.02
C ALA A 102 -12.15 -13.93 -1.06
N ALA A 103 -13.13 -14.54 -1.73
CA ALA A 103 -13.98 -13.86 -2.72
C ALA A 103 -14.87 -12.81 -2.06
N SER A 104 -15.43 -13.16 -0.90
CA SER A 104 -16.24 -12.24 -0.10
C SER A 104 -15.43 -11.04 0.39
N THR A 105 -14.20 -11.29 0.84
CA THR A 105 -13.28 -10.23 1.24
C THR A 105 -12.95 -9.33 0.04
N GLU A 106 -12.59 -9.95 -1.08
CA GLU A 106 -12.22 -9.20 -2.29
C GLU A 106 -13.41 -8.42 -2.86
N ALA A 107 -14.60 -8.99 -2.77
CA ALA A 107 -15.85 -8.28 -3.08
C ALA A 107 -16.07 -7.06 -2.17
N ASP A 108 -15.78 -7.23 -0.88
CA ASP A 108 -15.90 -6.15 0.11
C ASP A 108 -14.93 -4.99 -0.18
N LYS A 109 -13.68 -5.31 -0.52
CA LYS A 109 -12.71 -4.28 -0.95
C LYS A 109 -13.18 -3.55 -2.20
N ARG A 110 -13.65 -4.30 -3.20
CA ARG A 110 -14.12 -3.74 -4.47
C ARG A 110 -15.33 -2.84 -4.27
N LEU A 111 -16.32 -3.35 -3.57
CA LEU A 111 -17.56 -2.60 -3.33
C LEU A 111 -17.33 -1.37 -2.44
N SER A 112 -16.33 -1.43 -1.56
CA SER A 112 -15.91 -0.26 -0.79
C SER A 112 -15.33 0.81 -1.69
N ARG A 113 -14.50 0.40 -2.66
CA ARG A 113 -13.99 1.34 -3.69
C ARG A 113 -15.12 1.89 -4.56
N PHE A 114 -16.12 1.04 -4.87
CA PHE A 114 -17.33 1.49 -5.56
C PHE A 114 -18.13 2.51 -4.75
N ASP A 115 -18.30 2.26 -3.44
CA ASP A 115 -19.00 3.20 -2.55
C ASP A 115 -18.34 4.58 -2.53
N ILE A 116 -17.02 4.59 -2.53
CA ILE A 116 -16.25 5.84 -2.52
C ILE A 116 -16.52 6.64 -3.80
N GLU A 117 -16.56 5.95 -4.95
CA GLU A 117 -16.84 6.60 -6.24
C GLU A 117 -18.23 7.22 -6.29
N MET A 118 -19.24 6.48 -5.83
CA MET A 118 -20.63 6.94 -5.84
C MET A 118 -20.89 8.05 -4.81
N SER A 119 -20.24 7.96 -3.65
CA SER A 119 -20.36 9.01 -2.63
C SER A 119 -19.77 10.34 -3.10
N MET A 120 -18.73 10.27 -3.95
CA MET A 120 -18.03 11.45 -4.43
C MET A 120 -18.47 11.98 -5.81
N ARG A 121 -19.67 11.58 -6.26
CA ARG A 121 -20.24 12.12 -7.50
C ARG A 121 -20.65 13.58 -7.34
N GLY A 122 -19.96 14.48 -8.04
CA GLY A 122 -20.24 15.92 -7.97
C GLY A 122 -21.57 16.32 -8.59
N ASP A 123 -21.92 15.70 -9.71
CA ASP A 123 -23.23 15.92 -10.36
C ASP A 123 -24.44 15.55 -9.49
N ILE A 124 -24.33 14.46 -8.72
CA ILE A 124 -25.38 14.05 -7.79
C ILE A 124 -25.55 15.10 -6.68
N PHE A 125 -24.43 15.42 -6.02
CA PHE A 125 -24.39 16.44 -4.96
C PHE A 125 -24.97 17.79 -5.40
N GLU A 126 -24.61 18.22 -6.59
CA GLU A 126 -25.13 19.43 -7.24
C GLU A 126 -26.66 19.41 -7.33
N ARG A 127 -27.22 18.27 -7.74
CA ARG A 127 -28.66 18.08 -7.89
C ARG A 127 -29.41 17.85 -6.57
N ILE A 128 -28.74 17.29 -5.57
CA ILE A 128 -29.30 17.15 -4.22
C ILE A 128 -29.38 18.52 -3.52
N VAL A 129 -28.37 19.37 -3.74
CA VAL A 129 -28.38 20.75 -3.23
C VAL A 129 -29.50 21.57 -3.89
N HIS A 130 -29.64 21.44 -5.21
CA HIS A 130 -30.68 22.15 -5.95
C HIS A 130 -32.09 21.69 -5.58
N LEU A 131 -32.25 20.38 -5.34
CA LEU A 131 -33.54 19.85 -4.89
C LEU A 131 -33.93 20.37 -3.50
N GLN A 132 -32.96 20.69 -2.64
CA GLN A 132 -33.25 21.26 -1.32
C GLN A 132 -33.72 22.72 -1.39
N GLU A 133 -33.02 23.55 -2.15
CA GLU A 133 -33.35 24.98 -2.27
C GLU A 133 -34.73 25.24 -2.90
N THR A 134 -35.05 24.49 -3.97
CA THR A 134 -36.27 24.70 -4.75
C THR A 134 -37.51 24.01 -4.18
N CYS A 135 -37.35 22.76 -3.74
CA CYS A 135 -38.48 21.94 -3.23
C CYS A 135 -39.16 22.56 -2.01
N ASP A 136 -40.46 22.33 -1.90
CA ASP A 136 -41.25 22.72 -0.74
C ASP A 136 -41.01 21.68 0.35
N LEU A 137 -40.11 21.99 1.28
CA LEU A 137 -39.65 21.04 2.29
C LEU A 137 -40.72 20.73 3.36
N GLY A 138 -41.64 21.66 3.59
CA GLY A 138 -42.76 21.44 4.48
C GLY A 138 -43.75 20.37 4.02
N LYS A 139 -43.91 20.21 2.71
CA LYS A 139 -44.83 19.23 2.13
C LYS A 139 -44.26 17.82 1.95
N ILE A 140 -42.96 17.63 2.25
CA ILE A 140 -42.33 16.31 2.25
C ILE A 140 -42.02 15.88 3.69
N LYS A 141 -42.05 14.57 3.94
CA LYS A 141 -42.00 14.00 5.31
C LYS A 141 -40.74 14.40 6.10
N PRO A 142 -40.79 14.36 7.45
CA PRO A 142 -39.62 14.70 8.29
C PRO A 142 -38.36 13.88 7.97
N GLU A 143 -38.53 12.59 7.70
CA GLU A 143 -37.42 11.70 7.38
C GLU A 143 -36.89 11.94 5.96
N ALA A 144 -37.74 12.43 5.06
CA ALA A 144 -37.31 12.87 3.72
C ALA A 144 -36.44 14.14 3.79
N ARG A 145 -36.83 15.09 4.65
CA ARG A 145 -35.99 16.27 4.94
C ARG A 145 -34.64 15.86 5.53
N ARG A 146 -34.67 14.85 6.40
CA ARG A 146 -33.48 14.31 7.04
C ARG A 146 -32.53 13.65 6.02
N TYR A 147 -33.09 12.90 5.07
CA TYR A 147 -32.32 12.31 3.97
C TYR A 147 -31.54 13.37 3.18
N LEU A 148 -32.20 14.50 2.86
CA LEU A 148 -31.57 15.61 2.16
C LEU A 148 -30.49 16.28 3.00
N GLU A 149 -30.81 16.57 4.26
CA GLU A 149 -29.86 17.20 5.19
C GLU A 149 -28.58 16.38 5.38
N LYS A 150 -28.72 15.06 5.50
CA LYS A 150 -27.57 14.16 5.68
C LYS A 150 -26.79 13.94 4.38
N SER A 151 -27.49 13.79 3.26
CA SER A 151 -26.84 13.64 1.93
C SER A 151 -25.95 14.84 1.60
N ILE A 152 -26.46 16.04 1.86
CA ILE A 152 -25.69 17.29 1.67
C ILE A 152 -24.52 17.36 2.65
N LYS A 153 -24.76 16.99 3.91
CA LYS A 153 -23.71 16.98 4.93
C LYS A 153 -22.59 16.00 4.57
N MET A 154 -22.94 14.79 4.12
CA MET A 154 -21.96 13.81 3.66
C MET A 154 -21.18 14.32 2.44
N GLY A 155 -21.86 15.02 1.53
CA GLY A 155 -21.21 15.63 0.37
C GLY A 155 -20.11 16.62 0.73
N LYS A 156 -20.36 17.43 1.76
CA LYS A 156 -19.35 18.35 2.30
C LYS A 156 -18.25 17.62 3.06
N ARG A 157 -18.63 16.54 3.78
CA ARG A 157 -17.66 15.68 4.45
C ARG A 157 -16.79 14.84 3.49
N ASN A 158 -17.26 14.65 2.25
CA ASN A 158 -16.44 14.06 1.18
C ASN A 158 -15.71 15.09 0.30
N GLY A 159 -15.90 16.38 0.60
CA GLY A 159 -15.14 17.45 -0.03
C GLY A 159 -15.61 17.87 -1.42
N LEU A 160 -16.91 17.73 -1.68
CA LEU A 160 -17.46 18.04 -3.00
C LEU A 160 -17.62 19.55 -3.29
N HIS A 161 -17.51 20.37 -2.25
CA HIS A 161 -17.39 21.84 -2.39
C HIS A 161 -15.97 22.32 -2.79
N LEU A 162 -14.97 21.47 -2.60
CA LEU A 162 -13.57 21.78 -2.90
C LEU A 162 -13.23 21.58 -4.39
N PRO A 163 -12.06 22.06 -4.85
CA PRO A 163 -11.69 21.84 -6.25
C PRO A 163 -11.42 20.37 -6.61
N GLU A 164 -11.64 20.02 -7.88
CA GLU A 164 -11.55 18.64 -8.36
C GLU A 164 -10.22 17.94 -8.08
N GLN A 165 -9.13 18.68 -8.25
CA GLN A 165 -7.79 18.15 -7.93
C GLN A 165 -7.62 17.76 -6.46
N VAL A 166 -8.31 18.45 -5.56
CA VAL A 166 -8.30 18.12 -4.13
C VAL A 166 -9.22 16.93 -3.87
N GLN A 167 -10.35 16.87 -4.58
CA GLN A 167 -11.27 15.72 -4.49
C GLN A 167 -10.60 14.42 -4.91
N ASN A 168 -9.86 14.46 -6.02
CA ASN A 168 -9.16 13.29 -6.54
C ASN A 168 -8.07 12.79 -5.60
N GLU A 169 -7.45 13.72 -4.87
CA GLU A 169 -6.52 13.37 -3.79
C GLU A 169 -7.22 12.72 -2.60
N ILE A 170 -8.37 13.29 -2.23
CA ILE A 170 -9.19 12.76 -1.13
C ILE A 170 -9.71 11.36 -1.49
N LYS A 171 -10.05 11.16 -2.76
CA LYS A 171 -10.50 9.87 -3.27
C LYS A 171 -9.40 8.79 -3.21
N SER A 172 -8.19 9.15 -3.61
CA SER A 172 -7.04 8.23 -3.57
C SER A 172 -6.80 7.73 -2.16
N MET A 173 -6.76 8.65 -1.21
CA MET A 173 -6.47 8.34 0.19
C MET A 173 -7.58 7.53 0.86
N LYS A 174 -8.83 7.78 0.48
CA LYS A 174 -9.97 7.02 1.03
C LYS A 174 -10.02 5.57 0.55
N LYS A 175 -9.67 5.32 -0.70
CA LYS A 175 -9.55 3.95 -1.22
C LYS A 175 -8.39 3.20 -0.56
N ARG A 176 -7.27 3.89 -0.32
CA ARG A 176 -6.16 3.33 0.43
C ARG A 176 -6.59 3.01 1.87
N MET A 177 -7.16 4.00 2.54
CA MET A 177 -7.64 3.85 3.93
C MET A 177 -8.64 2.70 4.13
N SER A 178 -9.47 2.43 3.11
CA SER A 178 -10.42 1.32 3.14
C SER A 178 -9.71 -0.03 3.16
N GLU A 179 -8.77 -0.21 2.23
CA GLU A 179 -8.02 -1.46 2.11
C GLU A 179 -7.16 -1.74 3.34
N LEU A 180 -6.56 -0.68 3.89
CA LEU A 180 -5.77 -0.78 5.11
C LEU A 180 -6.64 -1.24 6.28
N CYS A 181 -7.81 -0.63 6.44
CA CYS A 181 -8.76 -1.01 7.49
C CYS A 181 -9.20 -2.48 7.41
N ILE A 182 -9.54 -2.93 6.20
CA ILE A 182 -9.91 -4.33 5.96
C ILE A 182 -8.72 -5.27 6.21
N ASP A 183 -7.52 -4.89 5.76
CA ASP A 183 -6.30 -5.67 6.00
C ASP A 183 -5.95 -5.79 7.47
N PHE A 184 -6.06 -4.68 8.20
CA PHE A 184 -5.76 -4.61 9.65
C PHE A 184 -6.49 -5.71 10.43
N ASN A 185 -7.82 -5.74 10.27
CA ASN A 185 -8.67 -6.70 10.99
C ASN A 185 -8.63 -8.13 10.44
N LYS A 186 -8.39 -8.28 9.14
CA LYS A 186 -8.21 -9.61 8.54
C LYS A 186 -6.93 -10.28 9.06
N ASN A 187 -5.84 -9.51 9.18
CA ASN A 187 -4.59 -10.03 9.78
C ASN A 187 -4.81 -10.61 11.17
N LEU A 188 -5.60 -9.91 11.98
CA LEU A 188 -5.92 -10.35 13.34
C LEU A 188 -6.84 -11.58 13.35
N ASN A 189 -7.80 -11.62 12.44
CA ASN A 189 -8.68 -12.78 12.28
C ASN A 189 -7.94 -14.02 11.76
N GLU A 190 -7.08 -13.81 10.77
CA GLU A 190 -6.31 -14.91 10.14
C GLU A 190 -5.16 -15.44 11.02
N ASP A 191 -4.80 -14.72 12.08
CA ASP A 191 -3.69 -15.12 12.96
C ASP A 191 -3.90 -16.49 13.62
N ASP A 192 -2.85 -17.30 13.63
CA ASP A 192 -2.87 -18.66 14.18
C ASP A 192 -1.68 -18.91 15.11
N THR A 193 -1.23 -17.85 15.80
CA THR A 193 -0.06 -17.93 16.68
C THR A 193 -0.40 -18.79 17.90
N PHE A 194 0.56 -19.63 18.30
CA PHE A 194 0.40 -20.49 19.47
C PHE A 194 1.73 -20.69 20.20
N LEU A 195 1.63 -20.89 21.52
CA LEU A 195 2.77 -21.26 22.35
C LEU A 195 2.54 -22.68 22.89
N VAL A 196 3.60 -23.30 23.40
CA VAL A 196 3.54 -24.68 23.89
C VAL A 196 4.04 -24.77 25.34
N PHE A 197 3.26 -25.45 26.18
CA PHE A 197 3.56 -25.62 27.61
C PHE A 197 3.34 -27.05 28.07
N SER A 198 3.96 -27.40 29.20
CA SER A 198 3.72 -28.68 29.89
C SER A 198 2.57 -28.55 30.89
N LYS A 199 2.20 -29.68 31.52
CA LYS A 199 1.15 -29.71 32.55
C LYS A 199 1.53 -28.87 33.78
N ALA A 200 2.79 -28.97 34.20
CA ALA A 200 3.31 -28.19 35.34
C ALA A 200 3.26 -26.69 35.08
N GLU A 201 3.57 -26.29 33.85
CA GLU A 201 3.54 -24.89 33.42
C GLU A 201 2.11 -24.32 33.30
N LEU A 202 1.12 -25.19 33.05
CA LEU A 202 -0.30 -24.78 33.04
C LEU A 202 -0.99 -25.09 34.38
N GLY A 203 -0.32 -24.76 35.48
CA GLY A 203 -0.79 -25.10 36.82
C GLY A 203 -2.05 -24.38 37.24
N ALA A 204 -2.91 -25.08 38.00
CA ALA A 204 -4.19 -24.57 38.49
C ALA A 204 -5.22 -24.23 37.39
N LEU A 205 -5.10 -24.88 36.24
CA LEU A 205 -6.11 -24.79 35.17
C LEU A 205 -6.90 -26.09 35.18
N PRO A 206 -8.25 -26.00 35.09
CA PRO A 206 -9.11 -27.17 35.30
C PRO A 206 -9.00 -28.26 34.23
N ASP A 207 -9.52 -29.44 34.54
CA ASP A 207 -9.50 -30.58 33.62
C ASP A 207 -10.61 -30.44 32.58
N PHE A 209 -10.57 -27.80 30.64
CA PHE A 209 -9.74 -26.93 29.81
C PHE A 209 -8.55 -27.67 29.24
N ILE A 210 -7.80 -28.38 30.09
CA ILE A 210 -6.57 -29.08 29.70
C ILE A 210 -6.87 -30.24 28.74
N ASP A 211 -8.00 -30.92 28.96
CA ASP A 211 -8.39 -32.06 28.12
C ASP A 211 -8.92 -31.62 26.75
N SER A 212 -9.67 -30.50 26.71
CA SER A 212 -10.09 -29.87 25.45
C SER A 212 -8.96 -29.00 24.91
N LEU A 213 -7.91 -29.65 24.43
CA LEU A 213 -6.63 -29.01 24.11
C LEU A 213 -5.75 -30.00 23.35
N GLU A 214 -4.99 -29.52 22.38
CA GLU A 214 -4.24 -30.37 21.45
C GLU A 214 -2.83 -30.68 21.96
N LYS A 215 -2.47 -31.97 21.94
CA LYS A 215 -1.12 -32.41 22.34
C LYS A 215 -0.12 -32.35 21.18
N THR A 216 1.13 -32.02 21.51
CA THR A 216 2.25 -32.07 20.57
C THR A 216 3.23 -33.13 21.08
N ASP A 217 4.37 -33.26 20.40
CA ASP A 217 5.47 -34.09 20.88
C ASP A 217 6.04 -33.51 22.18
N ASP A 218 6.58 -34.40 23.03
CA ASP A 218 7.12 -34.07 24.38
C ASP A 218 6.03 -33.90 25.46
N ASP A 219 4.85 -34.48 25.24
CA ASP A 219 3.69 -34.35 26.17
C ASP A 219 3.41 -32.89 26.58
N LYS A 220 3.45 -31.99 25.59
CA LYS A 220 3.17 -30.57 25.78
C LYS A 220 1.88 -30.20 25.06
N TYR A 221 1.21 -29.15 25.55
CA TYR A 221 -0.10 -28.72 25.06
C TYR A 221 0.01 -27.44 24.22
N LYS A 222 -0.87 -27.31 23.22
CA LYS A 222 -0.95 -26.11 22.37
C LYS A 222 -1.93 -25.11 22.95
N ILE A 223 -1.48 -23.87 23.15
CA ILE A 223 -2.35 -22.76 23.57
C ILE A 223 -2.40 -21.69 22.48
N THR A 224 -3.56 -21.55 21.83
CA THR A 224 -3.83 -20.45 20.91
C THR A 224 -4.00 -19.13 21.66
N LEU A 225 -3.90 -18.01 20.93
CA LEU A 225 -4.12 -16.67 21.49
C LEU A 225 -5.56 -16.19 21.33
N LYS A 226 -6.48 -17.09 21.00
CA LYS A 226 -7.89 -16.75 20.87
C LYS A 226 -8.51 -16.62 22.26
N TYR A 227 -9.59 -15.85 22.35
CA TYR A 227 -10.21 -15.47 23.64
C TYR A 227 -10.58 -16.66 24.56
N PRO A 228 -11.11 -17.77 23.99
CA PRO A 228 -11.36 -18.97 24.81
C PRO A 228 -10.12 -19.64 25.45
N HIS A 229 -8.92 -19.35 24.95
CA HIS A 229 -7.67 -19.86 25.54
C HIS A 229 -6.95 -18.80 26.37
N TYR A 230 -6.71 -17.62 25.77
CA TYR A 230 -5.93 -16.55 26.39
C TYR A 230 -6.43 -16.18 27.79
N PHE A 231 -7.70 -15.81 27.90
CA PHE A 231 -8.26 -15.30 29.15
C PHE A 231 -8.33 -16.31 30.30
N PRO A 232 -8.75 -17.56 30.03
CA PRO A 232 -8.61 -18.59 31.07
C PRO A 232 -7.18 -18.77 31.62
N VAL A 233 -6.16 -18.66 30.77
CA VAL A 233 -4.78 -18.75 31.24
C VAL A 233 -4.44 -17.56 32.14
N MET A 234 -4.73 -16.35 31.66
CA MET A 234 -4.42 -15.13 32.41
C MET A 234 -5.20 -15.03 33.72
N LYS A 235 -6.44 -15.52 33.72
CA LYS A 235 -7.29 -15.49 34.91
C LYS A 235 -6.97 -16.57 35.96
N LYS A 236 -6.64 -17.78 35.50
CA LYS A 236 -6.52 -18.96 36.38
C LYS A 236 -5.11 -19.50 36.60
N CYS A 237 -4.21 -19.34 35.63
CA CYS A 237 -2.88 -20.00 35.70
C CYS A 237 -2.01 -19.39 36.80
N CYS A 238 -1.48 -20.26 37.67
CA CYS A 238 -0.75 -19.82 38.86
C CYS A 238 0.77 -19.73 38.71
N ILE A 239 1.30 -20.05 37.53
CA ILE A 239 2.73 -19.88 37.24
C ILE A 239 2.89 -18.52 36.54
N PRO A 240 3.57 -17.55 37.20
CA PRO A 240 3.77 -16.22 36.60
C PRO A 240 4.44 -16.18 35.22
N GLU A 241 5.40 -17.08 34.98
CA GLU A 241 6.17 -17.08 33.72
C GLU A 241 5.32 -17.42 32.49
N THR A 242 4.29 -18.25 32.65
CA THR A 242 3.40 -18.61 31.53
C THR A 242 2.35 -17.54 31.26
N ARG A 243 1.90 -16.86 32.31
CA ARG A 243 1.08 -15.65 32.15
C ARG A 243 1.88 -14.57 31.41
N ARG A 244 3.15 -14.42 31.79
CA ARG A 244 4.06 -13.44 31.19
C ARG A 244 4.22 -13.65 29.68
N ARG A 245 4.52 -14.89 29.28
CA ARG A 245 4.75 -15.21 27.87
C ARG A 245 3.46 -15.13 27.04
N MET A 246 2.35 -15.61 27.61
CA MET A 246 1.05 -15.50 26.95
C MET A 246 0.63 -14.05 26.72
N GLU A 247 0.88 -13.20 27.71
CA GLU A 247 0.59 -11.76 27.62
C GLU A 247 1.49 -11.07 26.58
N MET A 248 2.76 -11.49 26.50
CA MET A 248 3.70 -10.96 25.50
C MET A 248 3.24 -11.31 24.08
N ALA A 249 2.84 -12.57 23.87
CA ALA A 249 2.35 -13.04 22.57
C ALA A 249 1.03 -12.39 22.16
N PHE A 250 0.14 -12.18 23.12
CA PHE A 250 -1.17 -11.58 22.87
C PHE A 250 -1.06 -10.13 22.41
N ASN A 251 -0.28 -9.35 23.13
CA ASN A 251 -0.08 -7.93 22.82
C ASN A 251 1.05 -7.66 21.81
N THR A 252 1.44 -8.68 21.05
CA THR A 252 2.30 -8.54 19.86
C THR A 252 1.71 -9.24 18.61
N ARG A 253 0.41 -9.54 18.63
CA ARG A 253 -0.25 -10.17 17.47
C ARG A 253 -0.24 -9.21 16.31
N CYS A 254 0.27 -9.68 15.17
CA CYS A 254 0.40 -8.89 13.95
C CYS A 254 1.22 -7.61 14.16
N LYS A 255 2.21 -7.65 15.06
CA LYS A 255 2.95 -6.46 15.45
C LYS A 255 3.58 -5.73 14.25
N GLU A 256 4.33 -6.46 13.42
CA GLU A 256 5.06 -5.83 12.31
C GLU A 256 4.10 -5.32 11.22
N GLU A 257 3.23 -6.21 10.75
CA GLU A 257 2.30 -5.87 9.67
C GLU A 257 1.25 -4.81 10.04
N ASN A 258 0.76 -4.82 11.28
CA ASN A 258 -0.23 -3.83 11.74
C ASN A 258 0.36 -2.52 12.31
N THR A 259 1.64 -2.52 12.71
CA THR A 259 2.34 -1.26 12.99
C THR A 259 2.55 -0.50 11.67
N ILE A 260 2.97 -1.21 10.61
CA ILE A 260 3.10 -0.64 9.27
C ILE A 260 1.78 0.00 8.80
N ILE A 261 0.66 -0.72 8.99
CA ILE A 261 -0.67 -0.20 8.63
C ILE A 261 -1.01 1.08 9.41
N LEU A 262 -0.86 1.05 10.74
CA LEU A 262 -1.12 2.24 11.58
C LEU A 262 -0.29 3.47 11.20
N GLN A 263 0.98 3.23 10.87
CA GLN A 263 1.89 4.30 10.44
C GLN A 263 1.49 4.95 9.10
N GLN A 264 0.79 4.21 8.25
CA GLN A 264 0.12 4.80 7.08
C GLN A 264 -1.23 5.40 7.48
N LEU A 265 -2.05 4.58 8.12
CA LEU A 265 -3.47 4.88 8.34
C LEU A 265 -3.76 6.18 9.10
N LEU A 266 -2.99 6.44 10.15
CA LEU A 266 -3.25 7.61 11.00
C LEU A 266 -2.87 8.93 10.32
N PRO A 267 -1.67 9.01 9.70
CA PRO A 267 -1.38 10.21 8.90
C PRO A 267 -2.37 10.51 7.77
N LEU A 268 -2.82 9.46 7.05
CA LEU A 268 -3.81 9.64 6.00
C LEU A 268 -5.11 10.23 6.53
N ARG A 269 -5.59 9.69 7.67
CA ARG A 269 -6.76 10.25 8.37
C ARG A 269 -6.59 11.72 8.76
N THR A 270 -5.39 12.09 9.21
CA THR A 270 -5.07 13.48 9.53
C THR A 270 -5.09 14.37 8.29
N LYS A 271 -4.40 13.92 7.24
CA LYS A 271 -4.22 14.70 6.00
C LYS A 271 -5.55 14.96 5.31
N VAL A 272 -6.40 13.95 5.26
CA VAL A 272 -7.76 14.06 4.72
C VAL A 272 -8.62 15.02 5.56
N ALA A 273 -8.52 14.90 6.89
CA ALA A 273 -9.24 15.79 7.80
C ALA A 273 -8.82 17.26 7.63
N LYS A 274 -7.52 17.49 7.41
CA LYS A 274 -6.99 18.83 7.15
C LYS A 274 -7.53 19.40 5.82
N LEU A 275 -7.54 18.57 4.77
CA LEU A 275 -8.08 18.98 3.47
C LEU A 275 -9.58 19.31 3.51
N LEU A 276 -10.32 18.60 4.36
CA LEU A 276 -11.75 18.86 4.57
C LEU A 276 -12.04 20.03 5.52
N GLY A 277 -11.01 20.58 6.16
CA GLY A 277 -11.13 21.76 7.02
C GLY A 277 -11.26 21.49 8.52
N TYR A 278 -10.82 20.32 8.97
CA TYR A 278 -10.83 19.95 10.39
C TYR A 278 -9.37 19.90 10.89
N SER A 279 -9.16 20.30 12.15
CA SER A 279 -7.84 20.30 12.75
C SER A 279 -7.27 18.89 12.90
N THR A 280 -8.15 17.95 13.24
CA THR A 280 -7.78 16.55 13.46
C THR A 280 -8.85 15.61 12.92
N HIS A 281 -8.50 14.32 12.88
CA HIS A 281 -9.46 13.26 12.55
C HIS A 281 -10.53 13.10 13.64
N ALA A 282 -10.13 13.25 14.90
CA ALA A 282 -11.08 13.17 16.02
C ALA A 282 -12.17 14.24 15.92
N ASP A 283 -11.81 15.45 15.51
CA ASP A 283 -12.79 16.53 15.31
C ASP A 283 -13.75 16.19 14.18
N PHE A 284 -13.20 15.68 13.07
CA PHE A 284 -13.97 15.24 11.90
C PHE A 284 -15.03 14.21 12.26
N VAL A 285 -14.62 13.20 13.02
CA VAL A 285 -15.48 12.08 13.34
C VAL A 285 -16.50 12.39 14.46
N LEU A 286 -16.13 13.25 15.40
CA LEU A 286 -17.02 13.63 16.51
C LEU A 286 -18.27 14.43 16.09
N GLU A 287 -18.16 15.15 14.98
CA GLU A 287 -19.28 15.93 14.45
C GLU A 287 -20.53 15.08 14.16
N MET A 288 -20.32 13.80 13.79
CA MET A 288 -21.42 12.85 13.53
C MET A 288 -21.86 12.06 14.77
N ASN A 289 -21.50 12.53 15.97
CA ASN A 289 -21.85 11.86 17.21
C ASN A 289 -22.61 12.78 18.15
N THR A 290 -23.31 12.18 19.12
CA THR A 290 -24.10 12.91 20.09
C THR A 290 -23.24 13.74 21.03
N ALA A 291 -21.99 13.31 21.25
CA ALA A 291 -21.00 14.08 22.00
C ALA A 291 -20.58 15.40 21.30
N LYS A 292 -20.74 15.46 19.98
CA LYS A 292 -20.57 16.68 19.15
C LYS A 292 -19.13 17.05 18.85
N SER A 293 -18.31 17.20 19.90
CA SER A 293 -16.95 17.68 19.76
C SER A 293 -15.99 16.92 20.68
N THR A 294 -14.70 16.97 20.33
CA THR A 294 -13.66 16.31 21.12
C THR A 294 -13.44 16.95 22.50
N SER A 295 -13.81 18.22 22.66
CA SER A 295 -13.72 18.90 23.95
C SER A 295 -14.63 18.26 25.00
N ARG A 296 -15.84 17.89 24.59
CA ARG A 296 -16.77 17.18 25.47
C ARG A 296 -16.29 15.76 25.81
N VAL A 297 -15.63 15.09 24.88
CA VAL A 297 -15.07 13.74 25.14
C VAL A 297 -13.93 13.82 26.15
N THR A 298 -13.00 14.74 25.92
CA THR A 298 -11.85 14.94 26.81
C THR A 298 -12.30 15.30 28.23
N ALA A 299 -13.28 16.19 28.35
CA ALA A 299 -13.86 16.54 29.64
C ALA A 299 -14.62 15.38 30.27
N PHE A 300 -15.35 14.63 29.45
CA PHE A 300 -16.08 13.44 29.91
C PHE A 300 -15.14 12.38 30.49
N LEU A 301 -14.09 12.04 29.75
CA LEU A 301 -13.13 11.02 30.18
C LEU A 301 -12.26 11.45 31.37
N ASP A 302 -11.75 12.68 31.33
CA ASP A 302 -10.91 13.21 32.42
C ASP A 302 -11.67 13.33 33.74
N ASP A 303 -12.92 13.78 33.66
CA ASP A 303 -13.78 13.93 34.84
C ASP A 303 -14.10 12.57 35.47
N LEU A 304 -14.41 11.58 34.63
CA LEU A 304 -14.72 10.22 35.07
C LEU A 304 -13.47 9.51 35.62
N SER A 305 -12.36 9.66 34.90
CA SER A 305 -11.03 9.22 35.34
C SER A 305 -10.64 9.72 36.74
N GLN A 306 -11.00 10.96 37.05
CA GLN A 306 -10.72 11.57 38.36
C GLN A 306 -11.56 10.92 39.47
N LYS A 307 -12.84 10.68 39.21
CA LYS A 307 -13.74 10.03 40.17
C LYS A 307 -13.34 8.58 40.52
N LEU A 308 -12.77 7.87 39.56
CA LEU A 308 -12.37 6.46 39.75
C LEU A 308 -10.97 6.29 40.35
N LYS A 309 -10.19 7.37 40.41
CA LYS A 309 -8.81 7.30 40.91
C LYS A 309 -8.70 6.66 42.31
N PRO A 310 -9.54 7.06 43.28
CA PRO A 310 -9.49 6.45 44.62
C PRO A 310 -9.83 4.94 44.64
N LEU A 311 -10.87 4.53 43.91
CA LEU A 311 -11.16 3.09 43.74
C LEU A 311 -9.98 2.33 43.13
N GLY A 312 -9.38 2.91 42.10
CA GLY A 312 -8.22 2.33 41.44
C GLY A 312 -7.05 2.10 42.39
N GLU A 313 -6.77 3.11 43.23
CA GLU A 313 -5.71 3.02 44.24
C GLU A 313 -6.01 1.95 45.27
N ALA A 314 -7.24 1.94 45.79
CA ALA A 314 -7.68 0.94 46.75
C ALA A 314 -7.56 -0.48 46.19
N GLU A 315 -8.04 -0.66 44.96
CA GLU A 315 -8.01 -1.96 44.29
C GLU A 315 -6.59 -2.41 43.90
N ARG A 316 -5.75 -1.45 43.49
CA ARG A 316 -4.33 -1.73 43.23
C ARG A 316 -3.59 -2.14 44.50
N GLU A 317 -3.98 -1.58 45.64
CA GLU A 317 -3.31 -1.85 46.92
C GLU A 317 -3.68 -3.22 47.47
N PHE A 318 -4.95 -3.63 47.31
CA PHE A 318 -5.39 -4.97 47.70
C PHE A 318 -4.79 -6.08 46.83
N ILE A 319 -4.74 -5.85 45.51
CA ILE A 319 -4.09 -6.78 44.57
C ILE A 319 -2.61 -6.98 44.88
N LEU A 320 -1.92 -5.89 45.21
CA LEU A 320 -0.49 -5.92 45.46
C LEU A 320 -0.15 -6.66 46.77
N ASN A 321 -0.93 -6.41 47.82
CA ASN A 321 -0.84 -7.17 49.08
C ASN A 321 -1.11 -8.66 48.85
N LEU A 322 -2.14 -8.94 48.08
CA LEU A 322 -2.55 -10.31 47.76
C LEU A 322 -1.46 -11.05 46.96
N LYS A 323 -0.76 -10.33 46.09
CA LYS A 323 0.39 -10.88 45.37
C LYS A 323 1.54 -11.21 46.31
N LYS A 324 1.85 -10.30 47.24
CA LYS A 324 2.91 -10.51 48.22
C LYS A 324 2.65 -11.74 49.11
N LYS A 325 1.38 -11.96 49.45
CA LYS A 325 0.98 -13.16 50.20
C LYS A 325 1.17 -14.43 49.36
N GLU A 326 0.69 -14.41 48.11
CA GLU A 326 0.81 -15.59 47.23
C GLU A 326 2.26 -15.89 46.87
N CYS A 327 3.06 -14.84 46.65
CA CYS A 327 4.50 -15.00 46.42
C CYS A 327 5.23 -15.54 47.64
N LYS A 328 4.79 -15.12 48.84
CA LYS A 328 5.31 -15.65 50.11
C LYS A 328 4.90 -17.11 50.30
N ASP A 329 3.60 -17.39 50.14
CA ASP A 329 3.04 -18.73 50.38
C ASP A 329 3.59 -19.79 49.42
N ARG A 330 3.68 -19.45 48.13
CA ARG A 330 4.28 -20.34 47.12
C ARG A 330 5.81 -20.30 47.08
N GLY A 331 6.41 -19.26 47.68
CA GLY A 331 7.85 -19.09 47.71
C GLY A 331 8.44 -18.57 46.40
N PHE A 332 7.63 -17.87 45.60
CA PHE A 332 8.11 -17.20 44.38
C PHE A 332 8.83 -15.90 44.72
N GLU A 333 9.53 -15.34 43.74
CA GLU A 333 10.10 -14.01 43.85
C GLU A 333 8.98 -12.97 43.75
N TYR A 334 9.12 -11.89 44.52
CA TYR A 334 8.12 -10.81 44.58
C TYR A 334 8.71 -9.49 44.10
N ASP A 335 8.28 -9.04 42.92
CA ASP A 335 8.85 -7.83 42.27
C ASP A 335 8.27 -6.49 42.74
N GLY A 336 7.28 -6.49 43.62
CA GLY A 336 6.75 -5.26 44.20
C GLY A 336 5.87 -4.39 43.31
N LYS A 337 5.27 -5.00 42.29
CA LYS A 337 4.42 -4.27 41.35
C LYS A 337 3.39 -5.18 40.68
N ILE A 338 2.34 -4.56 40.15
CA ILE A 338 1.36 -5.27 39.32
C ILE A 338 1.84 -5.16 37.88
N ASN A 339 2.17 -6.31 37.28
CA ASN A 339 2.50 -6.39 35.86
C ASN A 339 1.23 -6.62 35.06
N ALA A 340 1.26 -6.32 33.76
CA ALA A 340 0.11 -6.55 32.88
C ALA A 340 -0.36 -8.01 32.93
N TRP A 341 0.59 -8.93 33.03
CA TRP A 341 0.32 -10.37 33.14
C TRP A 341 -0.17 -10.85 34.52
N ASP A 342 -0.27 -9.96 35.51
CA ASP A 342 -0.86 -10.26 36.82
C ASP A 342 -2.29 -9.75 37.00
N LEU A 343 -2.69 -8.76 36.20
CA LEU A 343 -3.90 -7.97 36.48
C LEU A 343 -5.19 -8.82 36.50
N TYR A 344 -5.40 -9.63 35.47
CA TYR A 344 -6.61 -10.45 35.39
C TYR A 344 -6.61 -11.59 36.41
N TYR A 345 -5.44 -12.14 36.69
CA TYR A 345 -5.26 -13.20 37.68
C TYR A 345 -5.72 -12.76 39.08
N TYR A 346 -5.14 -11.67 39.58
CA TYR A 346 -5.47 -11.20 40.93
C TYR A 346 -6.82 -10.48 41.01
N MET A 347 -7.33 -9.98 39.88
CA MET A 347 -8.73 -9.52 39.81
C MET A 347 -9.71 -10.68 39.97
N THR A 348 -9.34 -11.86 39.46
CA THR A 348 -10.14 -13.07 39.64
C THR A 348 -10.10 -13.55 41.10
N GLN A 349 -8.90 -13.59 41.69
CA GLN A 349 -8.75 -13.91 43.12
C GLN A 349 -9.52 -12.92 44.02
N THR A 350 -9.56 -11.65 43.63
CA THR A 350 -10.31 -10.63 44.36
C THR A 350 -11.81 -10.96 44.40
N GLU A 351 -12.34 -11.40 43.27
CA GLU A 351 -13.74 -11.81 43.18
C GLU A 351 -14.05 -13.06 44.02
N GLU A 352 -13.16 -14.05 43.95
CA GLU A 352 -13.32 -15.29 44.73
C GLU A 352 -13.28 -15.06 46.25
N LEU A 353 -12.37 -14.20 46.69
CA LEU A 353 -12.24 -13.87 48.11
C LEU A 353 -13.39 -12.99 48.63
N LYS A 354 -13.69 -11.91 47.91
CA LYS A 354 -14.65 -10.91 48.39
C LYS A 354 -16.12 -11.24 48.13
N TYR A 355 -16.40 -12.04 47.10
CA TYR A 355 -17.79 -12.38 46.75
C TYR A 355 -18.11 -13.89 46.63
N SER A 356 -17.14 -14.75 46.94
CA SER A 356 -17.34 -16.21 46.92
C SER A 356 -17.79 -16.77 45.56
N ILE A 357 -17.45 -16.06 44.47
CA ILE A 357 -17.88 -16.43 43.12
C ILE A 357 -16.79 -17.27 42.48
N ASP A 358 -17.03 -18.56 42.35
CA ASP A 358 -16.18 -19.44 41.55
C ASP A 358 -16.86 -19.56 40.18
N GLN A 359 -16.28 -18.93 39.17
CA GLN A 359 -16.86 -18.89 37.82
C GLN A 359 -17.01 -20.27 37.16
N GLU A 360 -16.12 -21.20 37.50
CA GLU A 360 -16.17 -22.57 36.95
C GLU A 360 -17.25 -23.44 37.62
N PHE A 361 -17.55 -23.17 38.88
CA PHE A 361 -18.73 -23.74 39.54
C PHE A 361 -20.00 -23.11 38.96
N LEU A 362 -20.07 -21.78 39.02
CA LEU A 362 -21.27 -21.02 38.64
C LEU A 362 -21.76 -21.27 37.21
N LYS A 363 -20.85 -21.56 36.29
CA LYS A 363 -21.22 -21.86 34.90
C LYS A 363 -21.97 -23.19 34.72
N GLU A 364 -21.85 -24.10 35.69
CA GLU A 364 -22.64 -25.33 35.70
C GLU A 364 -24.15 -25.06 35.70
N TYR A 365 -24.55 -23.92 36.28
CA TYR A 365 -25.93 -23.46 36.29
C TYR A 365 -26.38 -22.70 35.03
N PHE A 366 -25.49 -22.47 34.07
CA PHE A 366 -25.82 -21.79 32.81
C PHE A 366 -25.51 -22.64 31.57
N PRO A 367 -26.24 -23.75 31.39
CA PRO A 367 -26.14 -24.46 30.11
C PRO A 367 -26.74 -23.64 28.97
N ILE A 368 -26.09 -23.68 27.80
CA ILE A 368 -26.47 -22.84 26.65
C ILE A 368 -27.97 -22.85 26.32
N GLU A 369 -28.62 -24.02 26.38
CA GLU A 369 -30.05 -24.14 26.09
C GLU A 369 -30.94 -23.38 27.07
N VAL A 370 -30.60 -23.44 28.35
CA VAL A 370 -31.38 -22.76 29.40
C VAL A 370 -31.18 -21.23 29.35
N VAL A 371 -30.00 -20.78 28.95
CA VAL A 371 -29.71 -19.36 28.79
C VAL A 371 -30.44 -18.82 27.56
N THR A 372 -30.27 -19.50 26.42
CA THR A 372 -30.96 -19.14 25.18
C THR A 372 -32.48 -19.04 25.41
N GLU A 373 -33.07 -20.09 25.97
CA GLU A 373 -34.49 -20.10 26.37
C GLU A 373 -34.86 -18.89 27.23
N GLY A 374 -34.12 -18.68 28.32
CA GLY A 374 -34.37 -17.58 29.25
C GLY A 374 -34.24 -16.20 28.62
N LEU A 375 -33.18 -16.02 27.81
CA LEU A 375 -32.95 -14.78 27.06
C LEU A 375 -34.13 -14.43 26.16
N LEU A 376 -34.54 -15.40 25.34
CA LEU A 376 -35.62 -15.20 24.37
C LEU A 376 -36.97 -14.95 25.04
N ASN A 377 -37.24 -15.64 26.14
CA ASN A 377 -38.47 -15.40 26.93
C ASN A 377 -38.50 -14.01 27.57
N THR A 378 -37.37 -13.60 28.18
CA THR A 378 -37.25 -12.28 28.79
C THR A 378 -37.72 -11.18 27.85
N TYR A 379 -37.22 -11.19 26.61
CA TYR A 379 -37.46 -10.08 25.66
C TYR A 379 -38.66 -10.24 24.77
N GLN A 380 -39.22 -11.44 24.69
CA GLN A 380 -40.58 -11.61 24.19
C GLN A 380 -41.55 -10.92 25.15
N GLU A 381 -41.40 -11.19 26.45
CA GLU A 381 -42.28 -10.63 27.47
C GLU A 381 -42.10 -9.12 27.62
N LEU A 382 -40.86 -8.64 27.63
CA LEU A 382 -40.56 -7.22 27.85
C LEU A 382 -40.98 -6.33 26.69
N LEU A 383 -40.58 -6.69 25.48
CA LEU A 383 -40.83 -5.88 24.29
C LEU A 383 -42.14 -6.22 23.57
N GLY A 384 -42.93 -7.16 24.10
CA GLY A 384 -44.21 -7.54 23.51
C GLY A 384 -44.04 -8.18 22.14
N LEU A 385 -43.14 -9.16 22.07
CA LEU A 385 -42.79 -9.84 20.82
C LEU A 385 -43.01 -11.33 20.97
N SER A 386 -43.07 -12.02 19.83
CA SER A 386 -43.24 -13.46 19.76
C SER A 386 -42.20 -14.04 18.81
N PHE A 387 -41.39 -14.97 19.30
CA PHE A 387 -40.32 -15.59 18.52
C PHE A 387 -40.72 -17.02 18.20
N GLU A 388 -40.48 -17.45 16.96
CA GLU A 388 -40.65 -18.84 16.56
C GLU A 388 -39.44 -19.30 15.75
N GLN A 389 -38.82 -20.40 16.15
CA GLN A 389 -37.71 -21.00 15.41
C GLN A 389 -38.23 -21.65 14.13
N MET A 390 -37.49 -21.48 13.04
CA MET A 390 -37.86 -22.03 11.73
C MET A 390 -37.14 -23.35 11.49
N THR A 391 -37.89 -24.40 11.16
CA THR A 391 -37.33 -25.73 10.92
C THR A 391 -36.88 -25.88 9.45
N ASP A 392 -35.73 -26.50 9.25
CA ASP A 392 -35.07 -26.64 7.93
C ASP A 392 -34.84 -25.27 7.28
N ALA A 393 -34.29 -24.34 8.06
CA ALA A 393 -34.02 -22.99 7.58
C ALA A 393 -32.77 -22.99 6.72
N HIS A 394 -32.76 -22.10 5.73
CA HIS A 394 -31.60 -21.92 4.87
C HIS A 394 -30.52 -21.15 5.63
N VAL A 395 -29.41 -21.82 5.91
CA VAL A 395 -28.35 -21.25 6.74
C VAL A 395 -26.96 -21.54 6.18
N TRP A 396 -26.00 -20.72 6.59
CA TRP A 396 -24.60 -20.83 6.15
C TRP A 396 -23.79 -21.90 6.88
N ASN A 397 -24.34 -22.43 7.98
CA ASN A 397 -23.72 -23.53 8.73
C ASN A 397 -24.82 -24.35 9.42
N LYS A 398 -24.63 -25.67 9.49
CA LYS A 398 -25.59 -26.59 10.12
C LYS A 398 -26.03 -26.17 11.54
N SER A 399 -25.09 -25.66 12.33
CA SER A 399 -25.34 -25.28 13.72
C SER A 399 -26.09 -23.94 13.90
N VAL A 400 -26.16 -23.13 12.83
CA VAL A 400 -26.87 -21.85 12.87
C VAL A 400 -28.38 -22.08 12.80
N THR A 401 -29.12 -21.32 13.60
CA THR A 401 -30.56 -21.44 13.72
C THR A 401 -31.23 -20.11 13.33
N LEU A 402 -32.43 -20.19 12.76
CA LEU A 402 -33.20 -19.00 12.35
C LEU A 402 -34.46 -18.85 13.21
N TYR A 403 -34.82 -17.60 13.52
CA TYR A 403 -36.03 -17.26 14.28
C TYR A 403 -36.81 -16.15 13.57
N THR A 404 -38.14 -16.17 13.66
CA THR A 404 -39.01 -15.12 13.10
C THR A 404 -39.63 -14.32 14.24
N VAL A 405 -39.66 -13.00 14.10
CA VAL A 405 -40.13 -12.09 15.15
C VAL A 405 -41.48 -11.46 14.79
N LYS A 406 -42.49 -11.67 15.64
CA LYS A 406 -43.83 -11.07 15.47
C LYS A 406 -44.16 -10.07 16.58
N ASP A 407 -45.18 -9.24 16.34
CA ASP A 407 -45.61 -8.20 17.29
C ASP A 407 -46.49 -8.69 18.45
N LYS A 408 -47.02 -9.92 18.38
CA LYS A 408 -47.93 -10.48 19.41
C LYS A 408 -49.34 -9.86 19.39
N ALA A 409 -49.43 -8.55 19.64
CA ALA A 409 -50.71 -7.82 19.60
C ALA A 409 -51.34 -7.80 18.20
N THR A 410 -50.58 -7.33 17.22
CA THR A 410 -51.05 -7.25 15.82
C THR A 410 -50.66 -8.47 14.98
N GLY A 411 -49.67 -9.23 15.43
CA GLY A 411 -49.12 -10.34 14.65
C GLY A 411 -48.30 -9.92 13.43
N GLU A 412 -47.84 -8.66 13.42
CA GLU A 412 -47.00 -8.13 12.35
C GLU A 412 -45.62 -8.80 12.41
N VAL A 413 -45.12 -9.22 11.25
CA VAL A 413 -43.81 -9.88 11.14
C VAL A 413 -42.73 -8.81 10.95
N LEU A 414 -42.03 -8.50 12.06
CA LEU A 414 -41.04 -7.41 12.08
C LEU A 414 -39.73 -7.82 11.43
N GLY A 415 -39.22 -8.98 11.81
CA GLY A 415 -37.96 -9.45 11.28
C GLY A 415 -37.60 -10.89 11.57
N GLN A 416 -36.35 -11.24 11.26
CA GLN A 416 -35.76 -12.53 11.59
C GLN A 416 -34.35 -12.31 12.13
N PHE A 417 -33.88 -13.26 12.95
CA PHE A 417 -32.49 -13.27 13.38
C PHE A 417 -31.88 -14.67 13.29
N TYR A 418 -30.65 -14.74 12.80
CA TYR A 418 -29.85 -15.95 12.86
C TYR A 418 -29.06 -15.94 14.18
N LEU A 419 -28.87 -17.11 14.77
CA LEU A 419 -27.97 -17.27 15.93
C LEU A 419 -26.81 -18.18 15.54
N ASP A 420 -25.60 -17.63 15.59
CA ASP A 420 -24.37 -18.35 15.23
C ASP A 420 -23.44 -18.33 16.45
N LEU A 421 -23.61 -19.34 17.30
CA LEU A 421 -23.10 -19.31 18.68
C LEU A 421 -21.76 -20.03 18.92
N TYR A 422 -21.40 -20.97 18.04
CA TYR A 422 -20.26 -21.87 18.28
C TYR A 422 -19.08 -21.56 17.35
N PRO A 423 -17.83 -21.69 17.86
CA PRO A 423 -16.66 -21.36 17.06
C PRO A 423 -16.28 -22.46 16.07
N ARG A 424 -15.54 -22.06 15.04
CA ARG A 424 -15.02 -22.98 14.05
C ARG A 424 -13.91 -22.28 13.27
N GLU A 425 -13.23 -23.03 12.41
CA GLU A 425 -12.19 -22.47 11.55
C GLU A 425 -12.82 -21.46 10.59
N GLY A 426 -12.17 -20.31 10.44
CA GLY A 426 -12.61 -19.27 9.51
C GLY A 426 -13.65 -18.28 10.03
N LYS A 427 -14.25 -18.57 11.18
CA LYS A 427 -15.30 -17.71 11.74
C LYS A 427 -14.71 -16.49 12.44
N TYR A 428 -15.49 -15.41 12.46
CA TYR A 428 -15.15 -14.21 13.20
C TYR A 428 -14.98 -14.54 14.70
N ASN A 429 -13.88 -14.09 15.29
CA ASN A 429 -13.44 -14.55 16.63
C ASN A 429 -14.20 -13.99 17.82
N HIS A 430 -14.66 -12.75 17.73
CA HIS A 430 -15.26 -12.03 18.86
C HIS A 430 -16.79 -11.92 18.73
N ALA A 431 -17.43 -11.27 19.70
CA ALA A 431 -18.89 -11.10 19.70
C ALA A 431 -19.29 -9.93 18.81
N ALA A 432 -20.25 -10.14 17.90
CA ALA A 432 -20.75 -9.08 17.03
C ALA A 432 -22.19 -9.31 16.55
N CYS A 433 -22.80 -8.23 16.06
CA CYS A 433 -24.13 -8.25 15.46
C CYS A 433 -24.07 -7.60 14.07
N PHE A 434 -24.69 -8.24 13.08
CA PHE A 434 -24.66 -7.78 11.68
C PHE A 434 -26.06 -7.50 11.20
N GLY A 435 -26.27 -6.33 10.60
CA GLY A 435 -27.50 -6.03 9.87
C GLY A 435 -27.39 -6.63 8.48
N LEU A 436 -28.27 -7.57 8.16
CA LEU A 436 -28.26 -8.23 6.85
C LEU A 436 -29.32 -7.62 5.92
N GLN A 437 -30.54 -7.42 6.43
CA GLN A 437 -31.61 -6.70 5.71
C GLN A 437 -32.12 -5.53 6.55
N PRO A 438 -32.31 -4.34 5.94
CA PRO A 438 -32.85 -3.18 6.64
C PRO A 438 -34.37 -3.25 6.75
N GLY A 439 -34.92 -2.73 7.85
CA GLY A 439 -36.37 -2.69 8.06
C GLY A 439 -37.02 -1.44 7.46
N CYS A 440 -36.79 -1.22 6.17
CA CYS A 440 -37.18 0.02 5.48
C CYS A 440 -38.31 -0.18 4.47
N LEU A 441 -38.77 0.92 3.88
CA LEU A 441 -39.76 0.88 2.78
C LEU A 441 -39.11 0.58 1.44
N LEU A 442 -39.91 -0.01 0.55
CA LEU A 442 -39.48 -0.41 -0.80
C LEU A 442 -40.13 0.53 -1.84
N PRO A 443 -39.74 0.41 -3.13
CA PRO A 443 -40.50 1.09 -4.20
C PRO A 443 -41.96 0.65 -4.23
N ASP A 444 -42.16 -0.67 -4.10
CA ASP A 444 -43.47 -1.32 -3.91
C ASP A 444 -44.41 -0.58 -2.94
N GLY A 445 -43.88 -0.04 -1.85
CA GLY A 445 -44.66 0.60 -0.79
C GLY A 445 -44.77 -0.27 0.46
N SER A 446 -44.38 -1.54 0.34
CA SER A 446 -44.40 -2.49 1.44
C SER A 446 -43.16 -2.34 2.33
N ARG A 447 -43.27 -2.86 3.54
CA ARG A 447 -42.18 -2.88 4.51
C ARG A 447 -41.27 -4.06 4.21
N MET A 448 -39.96 -3.82 4.15
CA MET A 448 -38.98 -4.91 4.07
C MET A 448 -38.79 -5.49 5.45
N MET A 449 -38.74 -6.82 5.52
CA MET A 449 -38.49 -7.54 6.76
C MET A 449 -37.04 -7.34 7.18
N ALA A 450 -36.82 -6.93 8.43
CA ALA A 450 -35.47 -6.75 8.98
C ALA A 450 -34.82 -8.11 9.23
N VAL A 451 -33.52 -8.23 8.98
CA VAL A 451 -32.79 -9.48 9.25
C VAL A 451 -31.45 -9.15 9.91
N ALA A 452 -31.12 -9.93 10.94
CA ALA A 452 -29.92 -9.73 11.75
C ALA A 452 -29.26 -11.07 12.04
N ALA A 453 -27.97 -11.03 12.39
CA ALA A 453 -27.21 -12.24 12.72
C ALA A 453 -26.40 -12.00 13.98
N LEU A 454 -26.67 -12.78 15.02
CA LEU A 454 -25.89 -12.75 16.25
C LEU A 454 -24.73 -13.73 16.11
N VAL A 455 -23.51 -13.21 16.22
CA VAL A 455 -22.29 -13.99 15.98
C VAL A 455 -21.40 -13.93 17.22
N VAL A 456 -21.34 -15.04 17.95
CA VAL A 456 -20.55 -15.16 19.19
C VAL A 456 -19.83 -16.51 19.22
N ASN A 457 -18.95 -16.70 20.21
CA ASN A 457 -18.15 -17.92 20.31
C ASN A 457 -18.14 -18.52 21.72
N PHE A 458 -19.14 -19.35 22.01
CA PHE A 458 -19.21 -20.14 23.24
C PHE A 458 -18.86 -21.58 22.89
N SER A 459 -18.38 -22.36 23.87
CA SER A 459 -18.08 -23.80 23.67
C SER A 459 -19.28 -24.58 23.12
N GLN A 460 -19.06 -25.80 22.61
CA GLN A 460 -20.16 -26.59 22.03
C GLN A 460 -20.24 -28.03 22.50
N PRO A 461 -21.48 -28.56 22.65
CA PRO A 461 -21.71 -29.97 22.96
C PRO A 461 -21.81 -30.85 21.70
N GLY A 464 -18.42 -35.93 26.55
CA GLY A 464 -19.69 -35.38 26.07
C GLY A 464 -20.40 -34.59 27.16
N ARG A 465 -20.12 -33.29 27.21
CA ARG A 465 -20.65 -32.37 28.22
C ARG A 465 -21.32 -31.20 27.51
N PRO A 466 -22.45 -30.66 28.04
CA PRO A 466 -23.07 -29.52 27.36
C PRO A 466 -22.23 -28.24 27.46
N SER A 467 -22.55 -27.27 26.61
CA SER A 467 -21.88 -25.97 26.67
C SER A 467 -22.31 -25.23 27.93
N LEU A 468 -21.34 -24.84 28.75
CA LEU A 468 -21.61 -24.12 29.99
C LEU A 468 -21.06 -22.70 29.86
N LEU A 469 -21.93 -21.73 30.09
CA LEU A 469 -21.58 -20.32 29.94
C LEU A 469 -21.17 -19.71 31.27
N ARG A 470 -20.03 -19.01 31.26
CA ARG A 470 -19.67 -18.12 32.36
C ARG A 470 -20.63 -16.93 32.38
N HIS A 471 -20.70 -16.24 33.51
CA HIS A 471 -21.66 -15.14 33.67
C HIS A 471 -21.42 -13.99 32.67
N ASP A 472 -20.16 -13.67 32.38
CA ASP A 472 -19.83 -12.66 31.35
C ASP A 472 -20.20 -13.12 29.93
N GLU A 473 -20.21 -14.43 29.69
CA GLU A 473 -20.71 -14.98 28.42
C GLU A 473 -22.22 -14.80 28.26
N VAL A 474 -22.97 -14.95 29.36
CA VAL A 474 -24.41 -14.67 29.39
C VAL A 474 -24.64 -13.17 29.14
N ARG A 475 -23.84 -12.35 29.80
CA ARG A 475 -23.90 -10.89 29.64
C ARG A 475 -23.59 -10.43 28.20
N THR A 476 -22.60 -11.06 27.58
CA THR A 476 -22.27 -10.86 26.15
C THR A 476 -23.42 -11.28 25.25
N TYR A 477 -24.04 -12.42 25.58
CA TYR A 477 -25.21 -12.94 24.86
C TYR A 477 -26.34 -11.90 24.91
N PHE A 478 -26.62 -11.41 26.11
CA PHE A 478 -27.64 -10.37 26.33
C PHE A 478 -27.31 -9.06 25.62
N HIS A 479 -26.04 -8.66 25.72
CA HIS A 479 -25.51 -7.47 25.06
C HIS A 479 -25.81 -7.50 23.57
N GLN A 480 -25.33 -8.54 22.89
CA GLN A 480 -25.51 -8.67 21.45
C GLN A 480 -26.97 -8.81 21.01
N PHE A 481 -27.80 -9.47 21.82
CA PHE A 481 -29.23 -9.57 21.52
C PHE A 481 -29.96 -8.22 21.58
N GLY A 482 -29.41 -7.26 22.32
CA GLY A 482 -29.89 -5.87 22.27
C GLY A 482 -29.75 -5.20 20.92
N HIS A 483 -28.67 -5.52 20.20
CA HIS A 483 -28.50 -5.04 18.82
C HIS A 483 -29.47 -5.73 17.87
N VAL A 484 -29.69 -7.03 18.09
CA VAL A 484 -30.64 -7.80 17.29
C VAL A 484 -32.05 -7.22 17.42
N MET A 485 -32.43 -6.86 18.64
CA MET A 485 -33.73 -6.23 18.90
C MET A 485 -33.80 -4.82 18.32
N HIS A 486 -32.71 -4.07 18.42
CA HIS A 486 -32.62 -2.77 17.78
C HIS A 486 -32.71 -2.88 16.25
N GLN A 487 -32.05 -3.89 15.69
CA GLN A 487 -32.05 -4.13 14.25
C GLN A 487 -33.45 -4.48 13.70
N ILE A 488 -34.22 -5.24 14.49
CA ILE A 488 -35.53 -5.76 14.05
C ILE A 488 -36.69 -4.81 14.38
N CYS A 489 -36.71 -4.28 15.60
CA CYS A 489 -37.77 -3.35 16.00
C CYS A 489 -37.71 -2.01 15.26
N ALA A 490 -36.53 -1.62 14.76
CA ALA A 490 -36.37 -0.38 14.00
C ALA A 490 -37.14 -0.45 12.68
N GLN A 491 -37.99 0.55 12.45
CA GLN A 491 -38.76 0.68 11.21
C GLN A 491 -38.69 2.12 10.72
N THR A 492 -38.02 2.30 9.57
CA THR A 492 -37.80 3.62 8.97
C THR A 492 -38.21 3.58 7.50
N ASP A 493 -38.36 4.75 6.90
CA ASP A 493 -38.67 4.84 5.46
C ASP A 493 -37.46 4.50 4.62
N PHE A 494 -36.35 5.15 4.92
CA PHE A 494 -35.11 5.04 4.14
C PHE A 494 -34.14 4.03 4.74
N ALA A 495 -33.42 3.31 3.87
CA ALA A 495 -32.46 2.28 4.29
C ALA A 495 -31.32 2.84 5.15
N ARG A 496 -30.80 4.02 4.79
CA ARG A 496 -29.65 4.59 5.50
C ARG A 496 -29.92 4.93 6.97
N PHE A 497 -31.17 5.17 7.33
CA PHE A 497 -31.57 5.41 8.73
C PHE A 497 -32.06 4.17 9.48
N SER A 498 -32.16 3.03 8.80
CA SER A 498 -32.79 1.84 9.38
C SER A 498 -31.86 1.08 10.32
N GLY A 499 -32.48 0.25 11.16
CA GLY A 499 -31.76 -0.66 12.03
C GLY A 499 -30.92 0.06 13.06
N THR A 500 -29.67 -0.36 13.18
CA THR A 500 -28.71 0.19 14.12
C THR A 500 -27.96 1.42 13.59
N ASN A 501 -28.33 1.95 12.42
CA ASN A 501 -27.61 3.09 11.82
C ASN A 501 -27.80 4.42 12.58
N VAL A 502 -27.39 4.43 13.85
CA VAL A 502 -27.47 5.60 14.72
C VAL A 502 -26.06 6.14 14.88
N GLU A 503 -25.90 7.17 15.71
CA GLU A 503 -24.58 7.71 16.03
C GLU A 503 -23.75 6.62 16.72
N THR A 504 -22.47 6.52 16.38
CA THR A 504 -21.60 5.46 16.92
C THR A 504 -21.49 5.50 18.45
N ASP A 505 -21.50 6.69 19.05
CA ASP A 505 -21.50 6.81 20.50
C ASP A 505 -22.90 6.63 21.14
N PHE A 506 -23.93 6.44 20.31
CA PHE A 506 -25.27 6.02 20.77
C PHE A 506 -25.61 4.56 20.48
N VAL A 507 -24.91 3.92 19.55
CA VAL A 507 -25.27 2.56 19.11
C VAL A 507 -25.18 1.49 20.21
N GLU A 508 -24.37 1.73 21.23
CA GLU A 508 -24.23 0.79 22.36
C GLU A 508 -25.20 1.04 23.51
N VAL A 509 -26.16 1.95 23.36
CA VAL A 509 -27.22 2.12 24.36
C VAL A 509 -28.11 0.86 24.48
N PRO A 510 -28.71 0.39 23.37
CA PRO A 510 -29.65 -0.73 23.48
C PRO A 510 -29.03 -2.05 23.93
N SER A 511 -27.75 -2.24 23.62
CA SER A 511 -27.01 -3.45 24.02
C SER A 511 -26.63 -3.42 25.49
N GLN A 512 -26.04 -2.31 25.94
CA GLN A 512 -25.57 -2.19 27.33
C GLN A 512 -26.71 -2.12 28.35
N MET A 513 -27.89 -1.64 27.94
CA MET A 513 -29.03 -1.62 28.85
C MET A 513 -29.55 -3.01 29.16
N LEU A 514 -29.61 -3.86 28.15
CA LEU A 514 -30.04 -5.26 28.34
C LEU A 514 -29.11 -6.07 29.24
N GLU A 515 -27.84 -5.68 29.33
CA GLU A 515 -26.90 -6.30 30.31
C GLU A 515 -27.39 -6.22 31.75
N ASN A 516 -28.15 -5.16 32.09
CA ASN A 516 -28.71 -5.00 33.43
C ASN A 516 -29.60 -6.16 33.90
N TRP A 517 -30.25 -6.85 32.95
CA TRP A 517 -31.10 -8.02 33.23
C TRP A 517 -30.32 -9.28 33.62
N VAL A 518 -29.00 -9.23 33.44
CA VAL A 518 -28.09 -10.30 33.87
C VAL A 518 -27.51 -10.01 35.28
N TRP A 519 -27.87 -8.89 35.88
CA TRP A 519 -27.50 -8.58 37.28
C TRP A 519 -28.72 -8.47 38.23
N ASP A 520 -29.87 -9.00 37.81
CA ASP A 520 -31.09 -9.02 38.61
C ASP A 520 -31.34 -10.44 39.13
N VAL A 521 -31.78 -10.55 40.38
CA VAL A 521 -31.89 -11.84 41.07
C VAL A 521 -32.96 -12.75 40.44
N ASP A 522 -34.16 -12.20 40.22
CA ASP A 522 -35.27 -12.96 39.63
C ASP A 522 -34.97 -13.35 38.17
N SER A 523 -34.47 -12.39 37.39
CA SER A 523 -34.04 -12.64 36.00
C SER A 523 -32.98 -13.74 35.89
N LEU A 524 -31.96 -13.67 36.75
CA LEU A 524 -30.92 -14.70 36.81
C LEU A 524 -31.44 -16.09 37.20
N ARG A 525 -32.45 -16.15 38.06
CA ARG A 525 -33.10 -17.41 38.42
C ARG A 525 -33.84 -18.03 37.23
N ARG A 526 -34.48 -17.18 36.40
CA ARG A 526 -35.10 -17.63 35.15
C ARG A 526 -34.08 -18.15 34.13
N LEU A 527 -32.88 -17.55 34.11
CA LEU A 527 -31.81 -17.94 33.19
C LEU A 527 -30.95 -19.12 33.64
N SER A 528 -31.10 -19.56 34.90
CA SER A 528 -30.19 -20.57 35.46
C SER A 528 -30.87 -21.86 35.87
N LYS A 529 -30.13 -22.96 35.70
CA LYS A 529 -30.56 -24.29 36.11
C LYS A 529 -29.34 -25.20 36.04
N HIS A 530 -29.09 -26.01 37.07
CA HIS A 530 -27.92 -26.90 37.07
C HIS A 530 -28.06 -27.97 35.98
N TYR A 531 -26.96 -28.30 35.32
CA TYR A 531 -27.01 -29.11 34.09
C TYR A 531 -27.28 -30.61 34.33
N LYS A 532 -26.93 -31.12 35.51
CA LYS A 532 -27.30 -32.48 35.96
C LYS A 532 -28.59 -32.52 36.81
N ASP A 533 -28.53 -31.98 38.02
CA ASP A 533 -29.65 -31.94 38.97
C ASP A 533 -30.91 -31.26 38.43
N GLY A 534 -30.71 -30.13 37.75
CA GLY A 534 -31.79 -29.21 37.43
C GLY A 534 -32.09 -28.23 38.56
N SER A 535 -31.23 -28.22 39.59
CA SER A 535 -31.48 -27.43 40.81
C SER A 535 -31.15 -25.96 40.57
N PRO A 536 -31.79 -25.06 41.33
CA PRO A 536 -31.53 -23.64 41.14
C PRO A 536 -30.23 -23.21 41.81
N ILE A 537 -29.73 -22.04 41.44
CA ILE A 537 -28.60 -21.42 42.14
C ILE A 537 -29.11 -21.07 43.53
N ALA A 538 -28.31 -21.35 44.56
CA ALA A 538 -28.66 -21.04 45.94
C ALA A 538 -28.92 -19.54 46.07
N ASP A 539 -29.93 -19.15 46.83
CA ASP A 539 -30.27 -17.73 47.00
C ASP A 539 -29.07 -16.91 47.49
N ASP A 540 -28.33 -17.48 48.45
CA ASP A 540 -27.07 -16.90 48.95
C ASP A 540 -26.10 -16.49 47.82
N LEU A 541 -25.71 -17.46 46.99
CA LEU A 541 -24.80 -17.19 45.85
C LEU A 541 -25.40 -16.24 44.81
N LEU A 542 -26.72 -16.30 44.67
CA LEU A 542 -27.45 -15.40 43.76
C LEU A 542 -27.41 -13.95 44.27
N GLU A 543 -27.49 -13.75 45.60
CA GLU A 543 -27.31 -12.41 46.20
C GLU A 543 -25.90 -11.88 45.99
N LYS A 544 -24.91 -12.76 46.16
CA LYS A 544 -23.49 -12.39 45.99
C LYS A 544 -23.11 -12.04 44.55
N LEU A 545 -23.68 -12.75 43.58
CA LEU A 545 -23.45 -12.47 42.15
C LEU A 545 -23.89 -11.06 41.79
N VAL A 546 -25.10 -10.67 42.21
CA VAL A 546 -25.62 -9.32 42.00
C VAL A 546 -24.75 -8.28 42.71
N ALA A 547 -24.34 -8.58 43.94
CA ALA A 547 -23.46 -7.70 44.72
C ALA A 547 -22.05 -7.57 44.13
N SER A 548 -21.58 -8.60 43.41
CA SER A 548 -20.26 -8.59 42.78
C SER A 548 -20.15 -7.73 41.50
N ARG A 549 -21.25 -7.12 41.05
CA ARG A 549 -21.23 -6.16 39.94
C ARG A 549 -20.17 -5.08 40.11
N LEU A 550 -19.99 -4.62 41.36
CA LEU A 550 -19.02 -3.57 41.70
C LEU A 550 -17.55 -4.02 41.83
N VAL A 551 -17.29 -5.34 41.87
CA VAL A 551 -15.92 -5.82 42.11
C VAL A 551 -15.02 -5.48 40.93
N ASN A 552 -13.80 -5.03 41.25
CA ASN A 552 -12.83 -4.62 40.25
C ASN A 552 -13.28 -3.47 39.33
N THR A 553 -14.35 -2.76 39.69
CA THR A 553 -14.97 -1.80 38.78
C THR A 553 -14.06 -0.61 38.47
N GLY A 554 -13.27 -0.18 39.46
CA GLY A 554 -12.29 0.89 39.28
C GLY A 554 -11.29 0.59 38.18
N LEU A 555 -10.63 -0.56 38.27
CA LEU A 555 -9.61 -0.95 37.29
C LEU A 555 -10.19 -1.35 35.94
N LEU A 556 -11.36 -1.99 35.93
CA LEU A 556 -12.04 -2.32 34.69
C LEU A 556 -12.46 -1.06 33.93
N THR A 557 -12.99 -0.07 34.65
CA THR A 557 -13.41 1.20 34.04
C THR A 557 -12.21 2.08 33.66
N LEU A 558 -11.18 2.10 34.51
CA LEU A 558 -9.93 2.82 34.20
C LEU A 558 -9.28 2.27 32.94
N ARG A 559 -9.32 0.94 32.78
CA ARG A 559 -8.87 0.27 31.56
C ARG A 559 -9.60 0.78 30.31
N GLN A 560 -10.93 0.90 30.41
CA GLN A 560 -11.74 1.46 29.33
C GLN A 560 -11.44 2.93 29.06
N ILE A 561 -11.15 3.68 30.12
CA ILE A 561 -10.73 5.08 29.97
C ILE A 561 -9.40 5.19 29.21
N VAL A 562 -8.44 4.31 29.52
CA VAL A 562 -7.15 4.26 28.82
C VAL A 562 -7.35 4.07 27.32
N LEU A 563 -8.14 3.06 26.96
CA LEU A 563 -8.39 2.74 25.56
C LEU A 563 -9.09 3.89 24.85
N SER A 564 -10.05 4.54 25.54
CA SER A 564 -10.72 5.73 25.01
C SER A 564 -9.75 6.88 24.78
N LYS A 565 -8.93 7.17 25.79
CA LYS A 565 -7.93 8.24 25.74
C LYS A 565 -6.89 8.00 24.65
N VAL A 566 -6.40 6.77 24.55
CA VAL A 566 -5.46 6.38 23.48
C VAL A 566 -6.10 6.61 22.10
N ASP A 567 -7.28 6.05 21.91
CA ASP A 567 -8.03 6.21 20.66
C ASP A 567 -8.17 7.67 20.22
N GLN A 568 -8.45 8.55 21.19
CA GLN A 568 -8.50 9.99 20.95
C GLN A 568 -7.13 10.55 20.60
N SER A 569 -6.13 10.19 21.39
CA SER A 569 -4.78 10.71 21.23
C SER A 569 -4.16 10.33 19.88
N LEU A 570 -4.36 9.09 19.46
CA LEU A 570 -3.87 8.64 18.15
C LEU A 570 -4.50 9.38 16.98
N HIS A 571 -5.75 9.83 17.15
CA HIS A 571 -6.45 10.59 16.10
C HIS A 571 -6.45 12.12 16.29
N THR A 572 -5.70 12.65 17.27
CA THR A 572 -5.56 14.10 17.47
C THR A 572 -4.17 14.66 17.13
N ASN A 573 -3.11 13.87 17.26
CA ASN A 573 -1.81 14.22 16.66
C ASN A 573 -1.00 12.98 16.32
N THR A 574 -0.50 12.94 15.08
CA THR A 574 0.10 11.74 14.50
C THR A 574 1.63 11.83 14.30
N SER A 575 2.29 12.55 15.21
CA SER A 575 3.74 12.43 15.42
C SER A 575 4.04 11.83 16.82
N LEU A 576 3.09 11.02 17.33
CA LEU A 576 3.29 10.21 18.53
C LEU A 576 3.52 8.77 18.12
N ASP A 577 4.39 8.07 18.87
CA ASP A 577 4.50 6.62 18.76
C ASP A 577 3.28 6.04 19.46
N ALA A 578 2.51 5.22 18.73
CA ALA A 578 1.25 4.66 19.24
C ALA A 578 1.42 3.83 20.50
N ALA A 579 2.43 2.97 20.52
CA ALA A 579 2.73 2.12 21.68
C ALA A 579 3.19 2.92 22.90
N SER A 580 3.95 3.98 22.67
CA SER A 580 4.37 4.88 23.74
C SER A 580 3.18 5.56 24.41
N GLU A 581 2.27 6.06 23.58
CA GLU A 581 1.06 6.73 24.04
C GLU A 581 0.17 5.79 24.86
N TYR A 582 0.10 4.53 24.44
CA TYR A 582 -0.60 3.49 25.20
C TYR A 582 0.08 3.20 26.53
N ALA A 583 1.42 3.12 26.52
CA ALA A 583 2.20 2.94 27.75
C ALA A 583 2.00 4.10 28.72
N LYS A 584 1.92 5.32 28.17
CA LYS A 584 1.72 6.54 28.96
C LYS A 584 0.43 6.50 29.79
N TYR A 585 -0.70 6.20 29.13
CA TYR A 585 -2.00 6.17 29.82
C TYR A 585 -2.16 4.95 30.75
N CYS A 586 -1.58 3.82 30.37
CA CYS A 586 -1.50 2.64 31.24
C CYS A 586 -0.80 2.97 32.56
N SER A 587 0.21 3.83 32.50
CA SER A 587 0.94 4.26 33.69
C SER A 587 0.14 5.31 34.47
N GLU A 588 -0.28 6.37 33.79
CA GLU A 588 -0.92 7.53 34.44
C GLU A 588 -2.36 7.30 34.95
N ILE A 589 -3.15 6.52 34.20
CA ILE A 589 -4.57 6.33 34.52
C ILE A 589 -4.82 4.98 35.20
N LEU A 590 -4.39 3.90 34.56
CA LEU A 590 -4.67 2.53 35.06
C LEU A 590 -3.75 2.13 36.21
N GLY A 591 -2.50 2.60 36.18
CA GLY A 591 -1.50 2.25 37.19
C GLY A 591 -0.85 0.89 37.04
N VAL A 592 -1.05 0.24 35.88
CA VAL A 592 -0.43 -1.03 35.56
C VAL A 592 0.28 -0.85 34.21
N ALA A 593 1.60 -1.01 34.19
CA ALA A 593 2.42 -0.65 33.02
C ALA A 593 2.25 -1.64 31.87
N ALA A 594 2.28 -1.12 30.65
CA ALA A 594 2.38 -1.94 29.44
C ALA A 594 3.78 -2.52 29.40
N THR A 595 3.91 -3.77 28.96
CA THR A 595 5.20 -4.46 29.00
C THR A 595 6.04 -4.05 27.78
N PRO A 596 7.32 -3.65 27.99
CA PRO A 596 8.23 -3.30 26.89
C PRO A 596 8.25 -4.35 25.78
N GLY A 597 8.18 -3.90 24.53
CA GLY A 597 8.14 -4.79 23.37
C GLY A 597 6.76 -5.06 22.79
N THR A 598 5.71 -4.81 23.57
CA THR A 598 4.34 -4.97 23.09
C THR A 598 3.87 -3.74 22.33
N ASN A 599 2.85 -3.97 21.50
CA ASN A 599 2.16 -2.92 20.77
C ASN A 599 0.68 -3.26 20.79
N MET A 600 0.01 -2.81 21.85
CA MET A 600 -1.42 -3.07 22.02
C MET A 600 -2.25 -2.41 20.92
N PRO A 601 -1.95 -1.13 20.56
CA PRO A 601 -2.62 -0.49 19.42
C PRO A 601 -2.65 -1.29 18.11
N ALA A 602 -1.59 -2.06 17.83
CA ALA A 602 -1.55 -2.91 16.63
C ALA A 602 -2.56 -4.08 16.65
N THR A 603 -3.04 -4.46 17.84
CA THR A 603 -4.14 -5.42 17.99
C THR A 603 -5.53 -4.76 18.11
N PHE A 604 -5.57 -3.42 18.15
CA PHE A 604 -6.76 -2.68 18.56
C PHE A 604 -7.69 -2.54 17.36
N GLY A 605 -8.39 -3.62 17.07
CA GLY A 605 -9.25 -3.74 15.90
C GLY A 605 -10.42 -2.79 15.80
N HIS A 606 -10.78 -2.14 16.91
CA HIS A 606 -11.77 -1.05 16.89
C HIS A 606 -11.29 0.14 16.05
N LEU A 607 -9.98 0.37 16.03
CA LEU A 607 -9.37 1.47 15.25
C LEU A 607 -9.61 1.36 13.73
N ALA A 608 -9.79 0.14 13.24
CA ALA A 608 -10.03 -0.12 11.82
C ALA A 608 -11.46 -0.58 11.50
N GLY A 609 -12.28 -0.79 12.52
CA GLY A 609 -13.64 -1.35 12.36
C GLY A 609 -14.77 -0.38 12.60
N GLY A 610 -14.55 0.91 12.31
CA GLY A 610 -15.59 1.93 12.43
C GLY A 610 -15.82 2.51 13.83
N TYR A 611 -14.87 2.31 14.74
CA TYR A 611 -14.87 2.96 16.05
C TYR A 611 -13.66 3.92 16.21
N ASP A 612 -13.00 4.24 15.10
CA ASP A 612 -11.88 5.20 15.08
C ASP A 612 -12.25 6.58 15.63
N GLY A 613 -11.55 7.00 16.68
CA GLY A 613 -11.86 8.24 17.41
C GLY A 613 -13.21 8.22 18.10
N GLN A 614 -13.76 7.02 18.29
CA GLN A 614 -15.11 6.85 18.79
C GLN A 614 -15.24 5.74 19.84
N TYR A 615 -14.12 5.31 20.44
CA TYR A 615 -14.14 4.25 21.45
C TYR A 615 -14.77 4.71 22.77
N TYR A 616 -14.65 6.00 23.07
CA TYR A 616 -15.36 6.62 24.20
C TYR A 616 -16.85 6.25 24.21
N GLY A 617 -17.42 6.04 23.00
CA GLY A 617 -18.81 5.65 22.80
C GLY A 617 -19.42 4.62 23.73
N TYR A 618 -18.62 3.63 24.14
CA TYR A 618 -19.08 2.62 25.10
C TYR A 618 -19.43 3.26 26.44
N LEU A 619 -18.46 3.90 27.08
CA LEU A 619 -18.67 4.61 28.34
C LEU A 619 -19.70 5.74 28.20
N TRP A 620 -19.69 6.43 27.06
CA TRP A 620 -20.61 7.56 26.81
C TRP A 620 -22.07 7.10 26.75
N SER A 621 -22.33 6.01 26.04
CA SER A 621 -23.69 5.43 25.97
C SER A 621 -24.10 4.73 27.25
N GLU A 622 -23.15 4.17 28.00
CA GLU A 622 -23.45 3.53 29.29
C GLU A 622 -24.08 4.50 30.30
N VAL A 623 -23.71 5.78 30.21
CA VAL A 623 -24.34 6.83 31.01
C VAL A 623 -25.83 6.89 30.69
N PHE A 624 -26.16 6.81 29.40
CA PHE A 624 -27.55 6.85 28.94
C PHE A 624 -28.31 5.57 29.27
N SER A 625 -27.66 4.42 29.11
CA SER A 625 -28.32 3.14 29.38
C SER A 625 -28.67 2.99 30.87
N MET A 626 -27.73 3.37 31.74
CA MET A 626 -27.95 3.35 33.19
C MET A 626 -29.01 4.35 33.63
N ASP A 627 -29.02 5.52 33.01
CA ASP A 627 -30.04 6.53 33.34
C ASP A 627 -31.45 6.04 32.99
N MET A 628 -31.58 5.38 31.85
CA MET A 628 -32.86 4.77 31.46
C MET A 628 -33.24 3.59 32.36
N PHE A 629 -32.28 2.75 32.71
CA PHE A 629 -32.54 1.56 33.53
C PHE A 629 -33.04 1.90 34.93
N TYR A 630 -32.33 2.81 35.60
CA TYR A 630 -32.66 3.20 36.98
C TYR A 630 -33.96 4.03 37.04
N SER A 631 -34.04 5.07 36.21
CA SER A 631 -35.13 6.05 36.28
C SER A 631 -36.50 5.56 35.79
N CYS A 632 -36.53 4.50 34.96
CA CYS A 632 -37.77 4.02 34.35
C CYS A 632 -38.07 2.53 34.53
N PHE A 633 -37.10 1.67 34.25
CA PHE A 633 -37.29 0.22 34.39
C PHE A 633 -37.27 -0.24 35.85
N LYS A 634 -36.19 0.09 36.55
CA LYS A 634 -36.02 -0.31 37.96
C LYS A 634 -37.07 0.32 38.90
N LYS A 635 -37.57 1.49 38.51
CA LYS A 635 -38.62 2.19 39.25
C LYS A 635 -39.96 1.45 39.16
N GLU A 636 -40.39 1.14 37.94
CA GLU A 636 -41.70 0.51 37.69
C GLU A 636 -41.64 -1.00 37.37
N GLY A 637 -40.57 -1.68 37.81
CA GLY A 637 -40.41 -3.12 37.57
C GLY A 637 -39.76 -3.42 36.22
N ILE A 638 -38.68 -4.20 36.25
CA ILE A 638 -37.84 -4.41 35.04
C ILE A 638 -38.44 -5.33 33.97
N MET A 639 -39.54 -6.02 34.30
CA MET A 639 -40.29 -6.83 33.32
C MET A 639 -41.64 -6.20 32.92
N ASN A 640 -41.86 -4.94 33.28
CA ASN A 640 -43.08 -4.21 32.95
C ASN A 640 -43.21 -4.02 31.43
N PRO A 641 -44.26 -4.63 30.81
CA PRO A 641 -44.42 -4.50 29.34
C PRO A 641 -44.73 -3.09 28.81
N GLU A 642 -45.29 -2.22 29.67
CA GLU A 642 -45.62 -0.85 29.28
C GLU A 642 -44.38 0.04 29.16
N VAL A 643 -43.40 -0.18 30.03
CA VAL A 643 -42.09 0.50 29.95
C VAL A 643 -41.28 -0.08 28.79
N GLY A 644 -41.30 -1.41 28.67
CA GLY A 644 -40.63 -2.11 27.57
C GLY A 644 -41.15 -1.76 26.17
N MET A 645 -42.46 -1.47 26.07
CA MET A 645 -43.06 -1.01 24.82
C MET A 645 -42.66 0.44 24.54
N LYS A 646 -42.59 1.25 25.58
CA LYS A 646 -42.12 2.65 25.50
C LYS A 646 -40.66 2.71 25.00
N TYR A 647 -39.81 1.89 25.62
CA TYR A 647 -38.41 1.73 25.18
C TYR A 647 -38.29 1.24 23.74
N ARG A 648 -39.15 0.29 23.35
CA ARG A 648 -39.18 -0.18 21.97
C ARG A 648 -39.61 0.94 21.02
N ASN A 649 -40.70 1.62 21.35
CA ASN A 649 -41.27 2.64 20.45
C ASN A 649 -40.41 3.90 20.31
N LEU A 650 -39.74 4.31 21.39
CA LEU A 650 -39.03 5.58 21.44
C LEU A 650 -37.51 5.50 21.23
N ILE A 651 -36.91 4.33 21.53
CA ILE A 651 -35.46 4.13 21.41
C ILE A 651 -35.06 3.16 20.29
N LEU A 652 -35.83 2.10 20.07
CA LEU A 652 -35.50 1.12 19.01
C LEU A 652 -36.17 1.45 17.69
N LYS A 653 -37.49 1.66 17.71
CA LYS A 653 -38.29 1.80 16.49
C LYS A 653 -37.82 2.91 15.51
N PRO A 654 -37.44 4.08 16.02
CA PRO A 654 -37.01 5.15 15.11
C PRO A 654 -35.70 4.88 14.36
N GLY A 655 -34.81 4.07 14.93
CA GLY A 655 -33.50 3.80 14.34
C GLY A 655 -32.69 5.07 14.25
N GLY A 656 -32.01 5.27 13.11
CA GLY A 656 -31.29 6.50 12.82
C GLY A 656 -32.11 7.65 12.23
N SER A 657 -33.43 7.49 12.16
CA SER A 657 -34.33 8.55 11.67
C SER A 657 -34.47 9.74 12.63
N LEU A 658 -34.05 9.57 13.88
CA LEU A 658 -33.99 10.67 14.84
C LEU A 658 -32.63 10.72 15.49
N ASP A 659 -32.23 11.90 15.96
CA ASP A 659 -30.98 12.07 16.70
C ASP A 659 -31.07 11.34 18.03
N GLY A 660 -29.92 10.89 18.52
CA GLY A 660 -29.86 10.06 19.73
C GLY A 660 -30.37 10.77 20.97
N MET A 661 -30.01 12.05 21.10
CA MET A 661 -30.40 12.85 22.26
C MET A 661 -31.88 13.24 22.23
N ASP A 662 -32.47 13.38 21.04
CA ASP A 662 -33.91 13.58 20.89
C ASP A 662 -34.68 12.35 21.38
N MET A 663 -34.21 11.16 20.97
CA MET A 663 -34.84 9.89 21.36
C MET A 663 -34.68 9.62 22.86
N LEU A 664 -33.55 10.03 23.43
CA LEU A 664 -33.38 10.02 24.89
C LEU A 664 -34.34 10.96 25.58
N HIS A 665 -34.49 12.17 25.02
CA HIS A 665 -35.43 13.17 25.54
C HIS A 665 -36.88 12.67 25.50
N ASN A 666 -37.26 12.02 24.40
CA ASN A 666 -38.61 11.45 24.27
C ASN A 666 -38.90 10.36 25.30
N PHE A 667 -37.89 9.54 25.60
CA PHE A 667 -38.04 8.45 26.57
C PHE A 667 -37.99 8.98 27.99
N LEU A 668 -36.92 9.73 28.31
CA LEU A 668 -36.70 10.24 29.67
C LEU A 668 -37.58 11.45 30.04
N LYS A 669 -38.15 12.12 29.05
CA LYS A 669 -38.90 13.39 29.23
C LYS A 669 -38.00 14.54 29.71
N ARG A 670 -36.70 14.43 29.48
CA ARG A 670 -35.71 15.40 29.94
C ARG A 670 -34.35 15.10 29.32
N GLU A 671 -33.37 15.98 29.53
CA GLU A 671 -31.98 15.66 29.17
C GLU A 671 -31.40 14.68 30.18
N PRO A 672 -30.48 13.78 29.72
CA PRO A 672 -29.90 12.81 30.65
C PRO A 672 -28.85 13.43 31.58
N ASN A 673 -28.49 12.69 32.61
CA ASN A 673 -27.42 13.07 33.53
C ASN A 673 -26.69 11.83 34.03
N GLN A 674 -25.57 12.04 34.71
CA GLN A 674 -24.73 10.94 35.16
C GLN A 674 -25.18 10.27 36.46
N LYS A 675 -26.12 10.85 37.19
CA LYS A 675 -26.50 10.38 38.55
C LYS A 675 -26.61 8.86 38.65
N ALA A 676 -27.46 8.28 37.81
CA ALA A 676 -27.66 6.82 37.78
C ALA A 676 -26.37 6.07 37.44
N PHE A 677 -25.66 6.54 36.42
CA PHE A 677 -24.39 5.92 36.01
C PHE A 677 -23.33 5.98 37.12
N LEU A 678 -23.21 7.16 37.73
CA LEU A 678 -22.29 7.34 38.84
C LEU A 678 -22.68 6.35 39.92
N MET A 679 -23.95 6.39 40.32
CA MET A 679 -24.54 5.46 41.31
C MET A 679 -24.32 3.97 41.01
N SER A 680 -24.33 3.60 39.73
CA SER A 680 -23.99 2.24 39.29
C SER A 680 -22.57 1.77 39.68
N ARG A 681 -21.61 2.69 39.70
CA ARG A 681 -20.20 2.39 40.06
C ARG A 681 -19.88 2.56 41.55
N GLY A 682 -20.83 3.04 42.34
CA GLY A 682 -20.55 3.66 43.65
C GLY A 682 -20.64 5.15 43.43
N LEU A 683 -19.69 5.91 43.97
CA LEU A 683 -19.48 7.33 43.57
C LEU A 683 -20.67 8.28 43.87
N HIS A 684 -20.53 9.55 43.46
CA HIS A 684 -21.54 10.59 43.72
C HIS A 684 -21.29 11.86 42.88
N GLY B 18 14.97 30.87 -39.61
CA GLY B 18 14.37 31.03 -38.25
C GLY B 18 15.38 31.55 -37.24
N SER B 19 15.04 32.66 -36.58
CA SER B 19 15.98 33.43 -35.74
C SER B 19 16.44 32.71 -34.46
N SER B 20 15.51 32.04 -33.77
CA SER B 20 15.81 31.30 -32.53
C SER B 20 16.81 30.15 -32.72
N SER B 21 16.83 29.59 -33.93
CA SER B 21 17.69 28.45 -34.28
C SER B 21 19.19 28.66 -34.06
N TYR B 22 19.69 29.88 -34.31
CA TYR B 22 21.14 30.15 -34.30
C TYR B 22 21.65 30.85 -33.02
N THR B 23 20.84 30.86 -31.97
CA THR B 23 21.22 31.49 -30.70
C THR B 23 20.89 30.59 -29.51
N VAL B 24 21.53 30.90 -28.39
CA VAL B 24 21.34 30.19 -27.11
C VAL B 24 20.39 30.96 -26.18
N ALA B 25 20.42 32.29 -26.26
CA ALA B 25 19.88 33.17 -25.21
C ALA B 25 18.38 32.99 -24.99
N GLY B 26 18.00 32.73 -23.73
CA GLY B 26 16.60 32.61 -23.33
C GLY B 26 15.90 31.30 -23.67
N ARG B 27 16.64 30.33 -24.20
CA ARG B 27 16.08 29.05 -24.64
C ARG B 27 16.14 27.98 -23.54
N ASN B 28 17.15 28.05 -22.69
CA ASN B 28 17.20 27.25 -21.46
C ASN B 28 16.41 27.98 -20.36
N VAL B 29 15.20 27.49 -20.11
CA VAL B 29 14.24 28.09 -19.16
C VAL B 29 14.44 27.55 -17.72
N LEU B 30 15.37 26.61 -17.55
CA LEU B 30 15.48 25.85 -16.31
C LEU B 30 16.21 26.64 -15.20
N ARG B 31 15.71 26.49 -13.97
CA ARG B 31 16.27 27.12 -12.77
C ARG B 31 16.35 26.08 -11.63
N TRP B 32 17.51 26.01 -10.97
CA TRP B 32 17.75 25.04 -9.89
C TRP B 32 17.99 25.71 -8.52
N ASP B 33 17.30 26.82 -8.26
CA ASP B 33 17.41 27.58 -7.00
C ASP B 33 16.04 27.70 -6.32
N LEU B 34 15.34 26.57 -6.24
CA LEU B 34 13.99 26.51 -5.69
C LEU B 34 14.03 25.98 -4.25
N SER B 35 13.31 26.67 -3.36
CA SER B 35 13.10 26.19 -2.00
C SER B 35 12.08 25.04 -1.99
N PRO B 36 12.02 24.27 -0.89
CA PRO B 36 10.95 23.27 -0.72
C PRO B 36 9.52 23.82 -0.81
N GLU B 37 9.33 25.07 -0.37
CA GLU B 37 8.02 25.73 -0.42
C GLU B 37 7.69 26.19 -1.83
N GLN B 38 8.69 26.68 -2.56
CA GLN B 38 8.54 27.03 -3.98
C GLN B 38 8.15 25.82 -4.83
N ILE B 39 8.75 24.67 -4.57
CA ILE B 39 8.41 23.43 -5.29
C ILE B 39 6.94 23.04 -5.07
N LYS B 40 6.51 23.09 -3.81
CA LYS B 40 5.14 22.72 -3.44
C LYS B 40 4.09 23.64 -4.09
N THR B 41 4.33 24.96 -4.04
CA THR B 41 3.39 25.94 -4.59
C THR B 41 3.42 25.96 -6.13
N ARG B 42 4.59 25.73 -6.73
CA ARG B 42 4.69 25.60 -8.20
C ARG B 42 4.09 24.29 -8.73
N THR B 43 4.01 23.27 -7.88
CA THR B 43 3.33 22.02 -8.21
C THR B 43 1.82 22.24 -8.32
N GLU B 44 1.21 22.81 -7.29
CA GLU B 44 -0.23 23.09 -7.31
C GLU B 44 -0.62 24.16 -8.33
N GLU B 45 0.26 25.13 -8.59
CA GLU B 45 0.10 26.08 -9.71
C GLU B 45 0.15 25.38 -11.07
N LEU B 46 1.10 24.45 -11.23
CA LEU B 46 1.22 23.67 -12.46
C LEU B 46 -0.02 22.79 -12.74
N ILE B 47 -0.64 22.27 -11.68
CA ILE B 47 -1.89 21.50 -11.81
C ILE B 47 -3.04 22.39 -12.29
N VAL B 48 -3.17 23.57 -11.69
CA VAL B 48 -4.24 24.52 -12.06
C VAL B 48 -4.11 24.95 -13.53
N GLN B 49 -2.93 25.41 -13.92
CA GLN B 49 -2.69 25.90 -15.28
C GLN B 49 -2.83 24.80 -16.34
N THR B 50 -2.40 23.58 -16.01
CA THR B 50 -2.42 22.45 -16.95
C THR B 50 -3.83 21.85 -17.07
N LYS B 51 -4.47 21.56 -15.94
CA LYS B 51 -5.85 21.04 -15.94
C LYS B 51 -6.83 21.94 -16.72
N GLN B 52 -6.63 23.25 -16.60
CA GLN B 52 -7.39 24.28 -17.34
C GLN B 52 -7.49 23.99 -18.84
N VAL B 53 -6.36 23.62 -19.44
CA VAL B 53 -6.29 23.29 -20.87
C VAL B 53 -7.10 22.02 -21.15
N TYR B 54 -6.86 20.97 -20.37
CA TYR B 54 -7.62 19.71 -20.49
C TYR B 54 -9.11 19.91 -20.22
N ASP B 55 -9.48 20.82 -19.30
CA ASP B 55 -10.88 21.19 -19.06
C ASP B 55 -11.52 21.87 -20.28
N ALA B 56 -10.79 22.79 -20.88
CA ALA B 56 -11.25 23.52 -22.07
C ALA B 56 -11.54 22.59 -23.26
N VAL B 57 -10.65 21.61 -23.49
CA VAL B 57 -10.82 20.62 -24.57
C VAL B 57 -12.01 19.68 -24.30
N GLY B 58 -12.21 19.34 -23.02
CA GLY B 58 -13.35 18.53 -22.59
C GLY B 58 -14.70 19.22 -22.68
N MET B 59 -14.72 20.55 -22.53
CA MET B 59 -15.97 21.33 -22.64
C MET B 59 -16.38 21.66 -24.08
N LEU B 60 -15.46 21.55 -25.04
CA LEU B 60 -15.81 21.61 -26.46
C LEU B 60 -16.78 20.49 -26.83
N GLY B 61 -17.79 20.82 -27.63
CA GLY B 61 -18.74 19.82 -28.13
C GLY B 61 -18.10 18.94 -29.19
N ILE B 62 -18.70 17.78 -29.43
CA ILE B 62 -18.17 16.80 -30.39
C ILE B 62 -18.08 17.39 -31.81
N GLU B 63 -19.01 18.29 -32.15
CA GLU B 63 -19.03 18.94 -33.46
C GLU B 63 -18.00 20.07 -33.61
N GLU B 64 -17.64 20.73 -32.50
CA GLU B 64 -16.64 21.81 -32.52
C GLU B 64 -15.18 21.35 -32.63
N VAL B 65 -14.92 20.04 -32.51
CA VAL B 65 -13.55 19.50 -32.48
C VAL B 65 -12.82 19.67 -33.83
N THR B 66 -11.60 20.21 -33.76
CA THR B 66 -10.73 20.40 -34.92
C THR B 66 -9.27 20.15 -34.52
N TYR B 67 -8.35 20.27 -35.48
CA TYR B 67 -6.90 20.13 -35.23
C TYR B 67 -6.40 21.14 -34.19
N GLU B 68 -6.68 22.42 -34.43
CA GLU B 68 -6.11 23.50 -33.62
C GLU B 68 -6.61 23.57 -32.18
N ASN B 69 -7.90 23.30 -31.97
CA ASN B 69 -8.50 23.41 -30.63
C ASN B 69 -8.42 22.13 -29.77
N CYS B 70 -8.23 20.98 -30.41
CA CYS B 70 -8.16 19.67 -29.71
C CYS B 70 -6.75 19.08 -29.69
N LEU B 71 -6.22 18.74 -30.87
CA LEU B 71 -4.90 18.08 -30.99
C LEU B 71 -3.76 19.01 -30.59
N GLN B 72 -3.69 20.16 -31.27
CA GLN B 72 -2.65 21.16 -31.05
C GLN B 72 -2.68 21.69 -29.61
N ALA B 73 -3.88 21.93 -29.09
CA ALA B 73 -4.07 22.40 -27.71
C ALA B 73 -3.44 21.46 -26.68
N LEU B 74 -3.66 20.16 -26.87
CA LEU B 74 -3.04 19.13 -26.03
C LEU B 74 -1.54 19.02 -26.28
N ALA B 75 -1.15 19.04 -27.55
CA ALA B 75 0.28 19.00 -27.93
C ALA B 75 1.08 20.19 -27.38
N ASP B 76 0.46 21.37 -27.36
CA ASP B 76 1.10 22.59 -26.84
C ASP B 76 1.34 22.52 -25.33
N VAL B 77 0.32 22.09 -24.59
CA VAL B 77 0.41 22.01 -23.13
C VAL B 77 1.34 20.90 -22.63
N GLU B 78 1.41 19.79 -23.38
CA GLU B 78 2.40 18.73 -23.12
C GLU B 78 3.83 19.26 -23.03
N VAL B 79 4.17 20.22 -23.88
CA VAL B 79 5.50 20.85 -23.86
C VAL B 79 5.61 21.76 -22.63
N LYS B 80 4.62 22.64 -22.46
CA LYS B 80 4.58 23.58 -21.35
C LYS B 80 4.66 22.87 -19.98
N TYR B 81 3.95 21.75 -19.88
CA TYR B 81 3.90 20.96 -18.64
C TYR B 81 5.24 20.28 -18.33
N ILE B 82 5.75 19.50 -19.29
CA ILE B 82 6.94 18.67 -19.07
C ILE B 82 8.22 19.49 -18.75
N VAL B 83 8.32 20.69 -19.30
CA VAL B 83 9.45 21.59 -19.01
C VAL B 83 9.38 22.11 -17.57
N GLU B 84 8.21 22.58 -17.17
CA GLU B 84 7.97 23.03 -15.80
C GLU B 84 8.09 21.86 -14.82
N ARG B 85 7.61 20.69 -15.24
CA ARG B 85 7.63 19.48 -14.43
C ARG B 85 9.04 19.05 -14.02
N THR B 86 10.02 19.18 -14.93
CA THR B 86 11.40 18.76 -14.64
C THR B 86 12.09 19.60 -13.56
N MET B 87 11.71 20.88 -13.44
CA MET B 87 12.21 21.73 -12.36
C MET B 87 11.70 21.32 -10.98
N LEU B 88 10.61 20.54 -10.97
CA LEU B 88 10.05 19.94 -9.75
C LEU B 88 10.45 18.46 -9.56
N ASP B 89 10.54 17.69 -10.66
CA ASP B 89 10.98 16.28 -10.62
C ASP B 89 12.44 16.13 -10.28
N PHE B 90 13.29 16.84 -11.03
CA PHE B 90 14.72 16.56 -11.12
C PHE B 90 15.53 16.82 -9.84
N PRO B 91 15.20 17.87 -9.07
CA PRO B 91 15.98 18.16 -7.85
C PRO B 91 16.20 16.99 -6.88
N GLN B 92 15.26 16.03 -6.82
CA GLN B 92 15.41 14.84 -5.97
C GLN B 92 16.65 13.98 -6.30
N HIS B 93 17.12 14.03 -7.54
CA HIS B 93 18.31 13.28 -7.97
C HIS B 93 19.63 14.01 -7.81
N VAL B 94 19.61 15.34 -7.77
CA VAL B 94 20.85 16.15 -7.82
C VAL B 94 21.03 17.26 -6.78
N SER B 95 19.97 17.70 -6.11
CA SER B 95 20.07 18.80 -5.15
C SER B 95 20.94 18.40 -3.97
N SER B 96 21.65 19.37 -3.41
CA SER B 96 22.52 19.15 -2.26
C SER B 96 21.72 19.14 -0.94
N ASP B 97 20.56 19.82 -0.95
CA ASP B 97 19.70 19.97 0.23
C ASP B 97 18.75 18.76 0.38
N LYS B 98 18.66 18.24 1.60
CA LYS B 98 17.84 17.05 1.92
C LYS B 98 16.35 17.31 1.79
N GLU B 99 15.90 18.45 2.34
CA GLU B 99 14.49 18.83 2.32
C GLU B 99 13.99 19.27 0.94
N VAL B 100 14.90 19.64 0.04
CA VAL B 100 14.59 19.91 -1.37
C VAL B 100 14.33 18.61 -2.12
N ARG B 101 15.16 17.59 -1.86
CA ARG B 101 14.94 16.25 -2.43
C ARG B 101 13.63 15.59 -1.95
N ALA B 102 13.22 15.89 -0.72
CA ALA B 102 11.96 15.39 -0.17
C ALA B 102 10.75 16.02 -0.86
N ALA B 103 10.76 17.33 -0.97
CA ALA B 103 9.69 18.10 -1.64
C ALA B 103 9.60 17.78 -3.13
N SER B 104 10.75 17.61 -3.77
CA SER B 104 10.84 17.20 -5.17
C SER B 104 10.20 15.82 -5.40
N THR B 105 10.45 14.89 -4.47
CA THR B 105 9.83 13.56 -4.49
C THR B 105 8.31 13.62 -4.24
N GLU B 106 7.87 14.52 -3.34
CA GLU B 106 6.44 14.73 -3.13
C GLU B 106 5.74 15.31 -4.36
N ALA B 107 6.42 16.23 -5.05
CA ALA B 107 5.91 16.78 -6.32
C ALA B 107 5.77 15.66 -7.37
N ASP B 108 6.81 14.84 -7.47
CA ASP B 108 6.82 13.68 -8.38
C ASP B 108 5.67 12.71 -8.06
N LYS B 109 5.40 12.48 -6.77
CA LYS B 109 4.29 11.62 -6.36
C LYS B 109 2.94 12.24 -6.71
N ARG B 110 2.79 13.54 -6.42
CA ARG B 110 1.54 14.27 -6.70
C ARG B 110 1.30 14.45 -8.20
N LEU B 111 2.33 14.88 -8.92
CA LEU B 111 2.21 15.12 -10.36
C LEU B 111 2.02 13.84 -11.17
N SER B 112 2.52 12.71 -10.67
CA SER B 112 2.25 11.39 -11.27
C SER B 112 0.80 10.96 -11.10
N ARG B 113 0.19 11.33 -9.97
CA ARG B 113 -1.24 11.10 -9.77
C ARG B 113 -2.05 12.07 -10.64
N PHE B 114 -1.56 13.29 -10.82
CA PHE B 114 -2.15 14.24 -11.76
C PHE B 114 -2.05 13.77 -13.21
N ASP B 115 -0.91 13.20 -13.60
CA ASP B 115 -0.71 12.62 -14.93
C ASP B 115 -1.72 11.52 -15.25
N ILE B 116 -1.92 10.62 -14.30
CA ILE B 116 -2.86 9.51 -14.46
C ILE B 116 -4.29 10.03 -14.63
N GLU B 117 -4.65 11.06 -13.86
CA GLU B 117 -5.96 11.72 -14.03
C GLU B 117 -6.15 12.26 -15.45
N MET B 118 -5.19 13.01 -15.95
CA MET B 118 -5.31 13.67 -17.26
C MET B 118 -5.30 12.69 -18.43
N SER B 119 -4.47 11.65 -18.33
CA SER B 119 -4.40 10.63 -19.36
C SER B 119 -5.67 9.76 -19.44
N MET B 120 -6.38 9.63 -18.33
CA MET B 120 -7.59 8.80 -18.26
C MET B 120 -8.91 9.57 -18.37
N ARG B 121 -8.85 10.82 -18.85
CA ARG B 121 -10.07 11.60 -19.11
C ARG B 121 -10.81 11.04 -20.33
N GLY B 122 -11.93 10.35 -20.07
CA GLY B 122 -12.73 9.70 -21.10
C GLY B 122 -13.40 10.65 -22.09
N ASP B 123 -13.64 11.89 -21.66
CA ASP B 123 -14.20 12.92 -22.55
C ASP B 123 -13.21 13.33 -23.65
N ILE B 124 -11.93 13.49 -23.32
CA ILE B 124 -10.89 13.85 -24.30
C ILE B 124 -10.62 12.69 -25.27
N PHE B 125 -10.56 11.46 -24.74
CA PHE B 125 -10.44 10.26 -25.58
C PHE B 125 -11.51 10.25 -26.67
N GLU B 126 -12.77 10.46 -26.27
CA GLU B 126 -13.92 10.54 -27.18
C GLU B 126 -13.75 11.59 -28.29
N ARG B 127 -13.15 12.74 -27.94
CA ARG B 127 -12.92 13.83 -28.90
C ARG B 127 -11.84 13.43 -29.92
N ILE B 128 -10.74 12.84 -29.42
CA ILE B 128 -9.62 12.39 -30.26
C ILE B 128 -10.05 11.28 -31.22
N VAL B 129 -10.85 10.34 -30.71
CA VAL B 129 -11.40 9.24 -31.53
C VAL B 129 -12.35 9.77 -32.62
N HIS B 130 -13.15 10.77 -32.27
CA HIS B 130 -14.01 11.46 -33.24
C HIS B 130 -13.16 12.22 -34.27
N LEU B 131 -12.16 12.94 -33.79
CA LEU B 131 -11.27 13.74 -34.65
C LEU B 131 -10.53 12.90 -35.71
N GLN B 132 -10.20 11.65 -35.37
CA GLN B 132 -9.60 10.72 -36.34
C GLN B 132 -10.60 10.31 -37.43
N GLU B 133 -11.83 10.00 -37.04
CA GLU B 133 -12.87 9.59 -37.98
C GLU B 133 -13.32 10.71 -38.93
N THR B 134 -13.42 11.94 -38.42
CA THR B 134 -13.90 13.08 -39.22
C THR B 134 -12.83 13.71 -40.10
N CYS B 135 -11.71 14.11 -39.50
CA CYS B 135 -10.67 14.89 -40.18
C CYS B 135 -10.04 14.13 -41.36
N ASP B 136 -9.69 14.88 -42.41
CA ASP B 136 -8.93 14.33 -43.53
C ASP B 136 -7.48 14.19 -43.07
N LEU B 137 -7.03 12.95 -42.93
CA LEU B 137 -5.70 12.65 -42.38
C LEU B 137 -4.56 12.86 -43.39
N GLY B 138 -4.90 13.04 -44.67
CA GLY B 138 -3.92 13.35 -45.70
C GLY B 138 -3.26 14.72 -45.60
N LYS B 139 -4.05 15.75 -45.24
CA LYS B 139 -3.55 17.13 -45.19
C LYS B 139 -2.57 17.39 -44.04
N ILE B 140 -2.88 16.87 -42.86
CA ILE B 140 -1.98 16.99 -41.70
C ILE B 140 -0.76 16.08 -41.84
N LYS B 141 0.30 16.44 -41.14
CA LYS B 141 1.64 15.84 -41.32
C LYS B 141 1.69 14.35 -40.96
N PRO B 142 2.72 13.61 -41.44
CA PRO B 142 2.82 12.19 -41.07
C PRO B 142 3.03 11.96 -39.56
N GLU B 143 3.71 12.90 -38.90
CA GLU B 143 3.94 12.83 -37.45
C GLU B 143 2.68 13.15 -36.64
N ALA B 144 1.82 14.02 -37.16
CA ALA B 144 0.53 14.31 -36.53
C ALA B 144 -0.44 13.14 -36.64
N ARG B 145 -0.40 12.41 -37.76
CA ARG B 145 -1.15 11.14 -37.89
C ARG B 145 -0.71 10.15 -36.84
N ARG B 146 0.61 10.04 -36.64
CA ARG B 146 1.19 9.20 -35.60
C ARG B 146 0.80 9.67 -34.19
N TYR B 147 0.82 10.99 -33.95
CA TYR B 147 0.36 11.56 -32.67
C TYR B 147 -1.06 11.12 -32.32
N LEU B 148 -1.97 11.15 -33.29
CA LEU B 148 -3.35 10.68 -33.10
C LEU B 148 -3.41 9.19 -32.79
N GLU B 149 -2.80 8.37 -33.66
CA GLU B 149 -2.84 6.91 -33.53
C GLU B 149 -2.29 6.42 -32.18
N LYS B 150 -1.25 7.09 -31.68
CA LYS B 150 -0.68 6.79 -30.36
C LYS B 150 -1.51 7.34 -29.21
N SER B 151 -2.09 8.53 -29.38
CA SER B 151 -3.04 9.07 -28.38
C SER B 151 -4.25 8.16 -28.17
N ILE B 152 -4.75 7.54 -29.24
CA ILE B 152 -5.84 6.55 -29.15
C ILE B 152 -5.32 5.24 -28.54
N LYS B 153 -4.11 4.83 -28.94
CA LYS B 153 -3.50 3.60 -28.43
C LYS B 153 -3.22 3.68 -26.92
N MET B 154 -2.70 4.84 -26.46
CA MET B 154 -2.51 5.08 -25.03
C MET B 154 -3.84 5.02 -24.28
N GLY B 155 -4.87 5.63 -24.85
CA GLY B 155 -6.23 5.58 -24.32
C GLY B 155 -6.74 4.17 -24.13
N LYS B 156 -6.50 3.31 -25.12
CA LYS B 156 -6.90 1.90 -25.04
C LYS B 156 -6.05 1.11 -24.03
N ARG B 157 -4.76 1.45 -23.93
CA ARG B 157 -3.90 0.89 -22.89
C ARG B 157 -4.19 1.41 -21.47
N ASN B 158 -4.98 2.49 -21.37
CA ASN B 158 -5.52 2.97 -20.09
C ASN B 158 -6.99 2.55 -19.85
N GLY B 159 -7.57 1.81 -20.79
CA GLY B 159 -8.91 1.24 -20.63
C GLY B 159 -10.08 2.16 -20.91
N LEU B 160 -9.85 3.25 -21.66
CA LEU B 160 -10.90 4.25 -21.89
C LEU B 160 -12.01 3.83 -22.85
N HIS B 161 -11.81 2.73 -23.58
CA HIS B 161 -12.87 2.07 -24.37
C HIS B 161 -13.70 1.07 -23.55
N LEU B 162 -13.30 0.82 -22.29
CA LEU B 162 -13.98 -0.10 -21.38
C LEU B 162 -14.94 0.66 -20.48
N PRO B 163 -15.80 -0.04 -19.71
CA PRO B 163 -16.73 0.68 -18.82
C PRO B 163 -16.03 1.53 -17.76
N GLU B 164 -16.70 2.58 -17.28
CA GLU B 164 -16.15 3.47 -16.25
C GLU B 164 -15.74 2.77 -14.94
N GLN B 165 -16.44 1.68 -14.59
CA GLN B 165 -16.14 0.89 -13.38
C GLN B 165 -14.75 0.29 -13.46
N VAL B 166 -14.42 -0.23 -14.65
CA VAL B 166 -13.13 -0.84 -14.92
C VAL B 166 -12.05 0.24 -15.01
N GLN B 167 -12.39 1.40 -15.58
CA GLN B 167 -11.47 2.55 -15.64
C GLN B 167 -11.07 3.01 -14.24
N ASN B 168 -12.06 3.21 -13.38
CA ASN B 168 -11.83 3.69 -12.01
C ASN B 168 -10.97 2.72 -11.21
N GLU B 169 -11.17 1.42 -11.44
CA GLU B 169 -10.30 0.40 -10.87
C GLU B 169 -8.87 0.48 -11.39
N ILE B 170 -8.71 0.65 -12.71
CA ILE B 170 -7.40 0.82 -13.33
C ILE B 170 -6.69 2.08 -12.81
N LYS B 171 -7.45 3.15 -12.62
CA LYS B 171 -6.90 4.43 -12.16
C LYS B 171 -6.32 4.34 -10.75
N SER B 172 -7.05 3.68 -9.85
CA SER B 172 -6.62 3.55 -8.46
C SER B 172 -5.36 2.71 -8.35
N MET B 173 -5.31 1.61 -9.10
CA MET B 173 -4.15 0.72 -9.11
C MET B 173 -2.92 1.40 -9.72
N LYS B 174 -3.12 2.22 -10.75
CA LYS B 174 -2.02 2.99 -11.35
C LYS B 174 -1.47 4.08 -10.42
N LYS B 175 -2.35 4.79 -9.73
CA LYS B 175 -1.94 5.76 -8.71
C LYS B 175 -1.16 5.11 -7.58
N ARG B 176 -1.56 3.89 -7.20
CA ARG B 176 -0.86 3.10 -6.18
C ARG B 176 0.51 2.64 -6.69
N MET B 177 0.51 2.05 -7.89
CA MET B 177 1.75 1.60 -8.54
C MET B 177 2.79 2.70 -8.68
N SER B 178 2.34 3.89 -9.09
CA SER B 178 3.19 5.08 -9.23
C SER B 178 4.00 5.35 -7.98
N GLU B 179 3.31 5.45 -6.84
CA GLU B 179 3.96 5.77 -5.57
C GLU B 179 4.89 4.66 -5.10
N LEU B 180 4.50 3.42 -5.33
CA LEU B 180 5.34 2.26 -5.01
C LEU B 180 6.68 2.28 -5.78
N CYS B 181 6.63 2.66 -7.06
CA CYS B 181 7.84 2.77 -7.89
C CYS B 181 8.77 3.91 -7.43
N ILE B 182 8.19 5.07 -7.14
CA ILE B 182 8.96 6.23 -6.66
C ILE B 182 9.64 5.93 -5.32
N ASP B 183 8.89 5.34 -4.38
CA ASP B 183 9.44 4.90 -3.10
C ASP B 183 10.54 3.85 -3.27
N PHE B 184 10.31 2.88 -4.16
CA PHE B 184 11.26 1.79 -4.40
C PHE B 184 12.66 2.34 -4.67
N ASN B 185 12.76 3.24 -5.64
CA ASN B 185 14.03 3.85 -6.01
C ASN B 185 14.54 4.91 -5.03
N LYS B 186 13.64 5.63 -4.37
CA LYS B 186 14.02 6.57 -3.31
C LYS B 186 14.71 5.83 -2.16
N ASN B 187 14.14 4.69 -1.76
CA ASN B 187 14.72 3.87 -0.69
C ASN B 187 16.19 3.50 -0.95
N LEU B 188 16.49 3.11 -2.18
CA LEU B 188 17.85 2.75 -2.58
C LEU B 188 18.80 3.95 -2.60
N ASN B 189 18.32 5.09 -3.10
CA ASN B 189 19.12 6.33 -3.14
C ASN B 189 19.42 6.93 -1.76
N GLU B 190 18.45 6.87 -0.85
CA GLU B 190 18.60 7.44 0.50
C GLU B 190 19.41 6.54 1.45
N ASP B 191 19.66 5.28 1.06
CA ASP B 191 20.37 4.30 1.91
C ASP B 191 21.79 4.76 2.32
N ASP B 192 22.14 4.48 3.58
CA ASP B 192 23.39 4.96 4.22
C ASP B 192 24.38 3.86 4.57
N THR B 193 24.01 2.59 4.36
CA THR B 193 24.59 1.44 5.07
C THR B 193 26.13 1.38 5.10
N PHE B 194 26.71 1.48 6.32
CA PHE B 194 28.14 1.27 6.54
C PHE B 194 28.47 -0.20 6.73
N LEU B 195 29.72 -0.53 6.46
CA LEU B 195 30.42 -1.64 7.11
C LEU B 195 31.79 -1.10 7.51
N VAL B 196 32.40 -1.71 8.53
CA VAL B 196 33.69 -1.27 9.06
C VAL B 196 34.73 -2.39 9.02
N PHE B 197 35.96 -2.03 8.64
CA PHE B 197 37.06 -2.98 8.48
C PHE B 197 38.42 -2.39 8.90
N SER B 198 39.33 -3.29 9.31
CA SER B 198 40.72 -2.93 9.59
C SER B 198 41.53 -2.86 8.29
N LYS B 199 42.80 -2.47 8.40
CA LYS B 199 43.73 -2.51 7.28
C LYS B 199 43.97 -3.94 6.79
N ALA B 200 44.04 -4.88 7.74
CA ALA B 200 44.24 -6.31 7.44
C ALA B 200 43.09 -6.90 6.62
N GLU B 201 41.86 -6.65 7.08
CA GLU B 201 40.65 -7.14 6.41
C GLU B 201 40.45 -6.57 5.00
N LEU B 202 40.99 -5.38 4.74
CA LEU B 202 40.99 -4.78 3.40
C LEU B 202 42.28 -5.07 2.62
N GLY B 203 42.80 -6.30 2.74
CA GLY B 203 44.06 -6.69 2.11
C GLY B 203 44.07 -6.59 0.60
N ALA B 204 45.25 -6.32 0.04
CA ALA B 204 45.47 -6.15 -1.42
C ALA B 204 44.70 -5.00 -2.08
N LEU B 205 44.27 -4.00 -1.29
CA LEU B 205 43.63 -2.81 -1.84
C LEU B 205 44.67 -1.68 -1.92
N PRO B 206 44.62 -0.86 -2.99
CA PRO B 206 45.61 0.23 -3.17
C PRO B 206 45.66 1.26 -2.03
N ASP B 207 46.76 2.00 -1.97
CA ASP B 207 46.90 3.11 -1.01
C ASP B 207 45.87 4.21 -1.30
N ASP B 208 45.67 4.52 -2.59
CA ASP B 208 44.73 5.56 -3.06
C ASP B 208 43.29 5.33 -2.59
N PHE B 209 42.81 4.11 -2.72
CA PHE B 209 41.48 3.71 -2.24
C PHE B 209 41.36 3.93 -0.74
N ILE B 210 42.39 3.49 0.00
CA ILE B 210 42.38 3.52 1.47
C ILE B 210 42.54 4.95 2.00
N ASP B 211 43.40 5.74 1.37
CA ASP B 211 43.61 7.15 1.77
C ASP B 211 42.35 8.02 1.57
N SER B 212 41.56 7.71 0.55
CA SER B 212 40.30 8.42 0.30
C SER B 212 39.17 8.08 1.30
N LEU B 213 39.27 6.92 1.96
CA LEU B 213 38.26 6.49 2.92
C LEU B 213 38.22 7.32 4.20
N GLU B 214 37.11 7.20 4.91
CA GLU B 214 36.89 7.89 6.18
C GLU B 214 37.26 6.95 7.32
N LYS B 215 37.83 7.50 8.39
CA LYS B 215 38.27 6.74 9.55
C LYS B 215 37.22 6.77 10.66
N THR B 216 37.21 5.73 11.50
CA THR B 216 36.21 5.54 12.57
C THR B 216 36.78 5.89 13.95
N ASP B 217 35.99 5.66 14.99
CA ASP B 217 36.43 5.79 16.40
C ASP B 217 37.62 4.87 16.70
N ASP B 218 37.50 3.60 16.30
CA ASP B 218 38.61 2.65 16.34
C ASP B 218 39.47 2.88 15.08
N ASP B 219 40.66 2.27 15.04
CA ASP B 219 41.53 2.34 13.85
C ASP B 219 41.01 1.44 12.73
N LYS B 220 39.92 1.88 12.10
CA LYS B 220 39.21 1.12 11.06
C LYS B 220 38.61 2.08 10.03
N TYR B 221 38.27 1.54 8.86
CA TYR B 221 37.81 2.36 7.73
C TYR B 221 36.33 2.10 7.44
N LYS B 222 35.63 3.17 7.03
CA LYS B 222 34.22 3.07 6.64
C LYS B 222 34.10 2.70 5.17
N ILE B 223 33.45 1.57 4.90
CA ILE B 223 33.14 1.14 3.53
C ILE B 223 31.63 1.22 3.32
N THR B 224 31.20 2.12 2.44
CA THR B 224 29.79 2.22 2.04
C THR B 224 29.45 1.13 1.02
N LEU B 225 28.18 1.01 0.68
CA LEU B 225 27.72 0.08 -0.34
C LEU B 225 27.43 0.76 -1.69
N LYS B 226 28.01 1.95 -1.91
CA LYS B 226 27.89 2.65 -3.18
C LYS B 226 28.88 2.06 -4.19
N TYR B 227 28.67 2.38 -5.46
CA TYR B 227 29.41 1.76 -6.58
C TYR B 227 30.91 2.10 -6.62
N PRO B 228 31.31 3.31 -6.19
CA PRO B 228 32.75 3.60 -6.03
C PRO B 228 33.47 2.82 -4.91
N HIS B 229 32.73 2.18 -4.01
CA HIS B 229 33.31 1.38 -2.92
C HIS B 229 33.10 -0.13 -3.11
N TYR B 230 31.87 -0.55 -3.40
CA TYR B 230 31.53 -1.98 -3.49
C TYR B 230 32.37 -2.73 -4.54
N PHE B 231 32.38 -2.22 -5.77
CA PHE B 231 33.03 -2.92 -6.88
C PHE B 231 34.56 -3.01 -6.79
N PRO B 232 35.24 -1.92 -6.37
CA PRO B 232 36.67 -2.04 -6.08
C PRO B 232 37.03 -3.10 -5.04
N VAL B 233 36.25 -3.20 -3.96
CA VAL B 233 36.48 -4.22 -2.92
C VAL B 233 36.24 -5.62 -3.48
N MET B 234 35.08 -5.85 -4.10
CA MET B 234 34.73 -7.17 -4.65
C MET B 234 35.69 -7.64 -5.75
N LYS B 235 36.30 -6.70 -6.46
CA LYS B 235 37.30 -7.00 -7.50
C LYS B 235 38.72 -7.21 -6.97
N LYS B 236 39.13 -6.44 -5.96
CA LYS B 236 40.53 -6.40 -5.51
C LYS B 236 40.81 -7.07 -4.16
N CYS B 237 39.88 -7.01 -3.22
CA CYS B 237 40.13 -7.48 -1.85
C CYS B 237 40.38 -8.99 -1.79
N CYS B 238 41.53 -9.37 -1.25
CA CYS B 238 41.96 -10.77 -1.23
C CYS B 238 41.41 -11.59 -0.06
N ILE B 239 40.77 -10.95 0.93
CA ILE B 239 40.19 -11.63 2.09
C ILE B 239 38.77 -12.06 1.71
N PRO B 240 38.49 -13.38 1.66
CA PRO B 240 37.14 -13.85 1.29
C PRO B 240 36.00 -13.34 2.18
N GLU B 241 36.23 -13.33 3.50
CA GLU B 241 35.19 -12.92 4.47
C GLU B 241 34.77 -11.46 4.32
N THR B 242 35.67 -10.60 3.84
CA THR B 242 35.35 -9.20 3.58
C THR B 242 34.45 -9.08 2.35
N ARG B 243 34.73 -9.87 1.32
CA ARG B 243 33.88 -9.96 0.13
C ARG B 243 32.52 -10.60 0.44
N ARG B 244 32.50 -11.58 1.34
CA ARG B 244 31.26 -12.30 1.73
C ARG B 244 30.27 -11.37 2.43
N ARG B 245 30.74 -10.63 3.42
CA ARG B 245 29.90 -9.71 4.19
C ARG B 245 29.42 -8.53 3.35
N MET B 246 30.31 -7.95 2.53
CA MET B 246 29.95 -6.87 1.63
C MET B 246 28.85 -7.29 0.63
N GLU B 247 28.92 -8.52 0.15
CA GLU B 247 27.95 -9.04 -0.81
C GLU B 247 26.57 -9.25 -0.17
N MET B 248 26.54 -9.80 1.05
CA MET B 248 25.29 -9.94 1.81
C MET B 248 24.64 -8.58 2.06
N ALA B 249 25.45 -7.60 2.45
CA ALA B 249 24.97 -6.23 2.70
C ALA B 249 24.46 -5.56 1.42
N PHE B 250 25.16 -5.79 0.31
CA PHE B 250 24.81 -5.21 -0.98
C PHE B 250 23.52 -5.80 -1.57
N ASN B 251 23.33 -7.11 -1.41
CA ASN B 251 22.11 -7.78 -1.91
C ASN B 251 20.99 -7.91 -0.87
N THR B 252 21.10 -7.15 0.22
CA THR B 252 20.01 -6.97 1.18
C THR B 252 19.71 -5.48 1.42
N ARG B 253 20.16 -4.58 0.53
CA ARG B 253 19.86 -3.16 0.64
C ARG B 253 18.36 -2.95 0.52
N CYS B 254 17.75 -2.36 1.55
CA CYS B 254 16.31 -2.15 1.62
C CYS B 254 15.48 -3.45 1.52
N LYS B 255 16.04 -4.56 2.01
CA LYS B 255 15.39 -5.88 1.91
C LYS B 255 13.97 -5.85 2.48
N GLU B 256 13.81 -5.26 3.67
CA GLU B 256 12.52 -5.27 4.37
C GLU B 256 11.48 -4.44 3.61
N GLU B 257 11.85 -3.23 3.22
CA GLU B 257 10.89 -2.25 2.67
C GLU B 257 10.53 -2.59 1.23
N ASN B 258 11.55 -2.80 0.40
CA ASN B 258 11.36 -3.10 -1.02
C ASN B 258 10.78 -4.49 -1.33
N THR B 259 10.88 -5.44 -0.39
CA THR B 259 10.14 -6.71 -0.50
C THR B 259 8.63 -6.47 -0.35
N ILE B 260 8.27 -5.61 0.59
CA ILE B 260 6.86 -5.23 0.81
C ILE B 260 6.34 -4.50 -0.44
N ILE B 261 7.18 -3.66 -1.05
CA ILE B 261 6.79 -2.94 -2.28
C ILE B 261 6.59 -3.90 -3.46
N LEU B 262 7.53 -4.81 -3.69
CA LEU B 262 7.39 -5.80 -4.78
C LEU B 262 6.16 -6.70 -4.63
N GLN B 263 5.86 -7.11 -3.39
CA GLN B 263 4.69 -7.95 -3.10
C GLN B 263 3.36 -7.24 -3.37
N GLN B 264 3.37 -5.90 -3.36
CA GLN B 264 2.22 -5.09 -3.81
C GLN B 264 2.31 -4.82 -5.31
N LEU B 265 3.47 -4.35 -5.75
CA LEU B 265 3.68 -3.85 -7.12
C LEU B 265 3.42 -4.89 -8.19
N LEU B 266 3.93 -6.11 -7.99
CA LEU B 266 3.88 -7.13 -9.04
C LEU B 266 2.46 -7.69 -9.27
N PRO B 267 1.72 -8.01 -8.18
CA PRO B 267 0.30 -8.37 -8.38
C PRO B 267 -0.57 -7.26 -8.99
N LEU B 268 -0.29 -6.01 -8.61
CA LEU B 268 -1.02 -4.86 -9.18
C LEU B 268 -0.80 -4.74 -10.68
N ARG B 269 0.43 -4.96 -11.13
CA ARG B 269 0.74 -4.98 -12.56
C ARG B 269 -0.02 -6.10 -13.30
N THR B 270 -0.02 -7.30 -12.73
CA THR B 270 -0.77 -8.42 -13.27
C THR B 270 -2.27 -8.13 -13.32
N LYS B 271 -2.81 -7.65 -12.21
CA LYS B 271 -4.23 -7.34 -12.07
C LYS B 271 -4.67 -6.29 -13.09
N VAL B 272 -3.89 -5.21 -13.24
CA VAL B 272 -4.19 -4.13 -14.18
C VAL B 272 -4.12 -4.63 -15.63
N ALA B 273 -3.06 -5.35 -15.96
CA ALA B 273 -2.90 -5.97 -17.27
C ALA B 273 -4.11 -6.84 -17.65
N LYS B 274 -4.57 -7.66 -16.71
CA LYS B 274 -5.75 -8.52 -16.89
C LYS B 274 -7.01 -7.72 -17.23
N LEU B 275 -7.23 -6.61 -16.53
CA LEU B 275 -8.38 -5.74 -16.79
C LEU B 275 -8.33 -5.08 -18.18
N LEU B 276 -7.12 -4.79 -18.65
CA LEU B 276 -6.91 -4.23 -20.00
C LEU B 276 -6.93 -5.28 -21.14
N GLY B 277 -7.03 -6.57 -20.79
CA GLY B 277 -7.17 -7.65 -21.77
C GLY B 277 -5.88 -8.34 -22.18
N TYR B 278 -4.86 -8.29 -21.34
CA TYR B 278 -3.57 -8.92 -21.60
C TYR B 278 -3.33 -10.01 -20.55
N SER B 279 -2.72 -11.11 -20.98
CA SER B 279 -2.44 -12.25 -20.08
C SER B 279 -1.44 -11.89 -18.99
N THR B 280 -0.43 -11.09 -19.33
CA THR B 280 0.65 -10.74 -18.42
C THR B 280 1.02 -9.27 -18.55
N HIS B 281 1.67 -8.74 -17.52
CA HIS B 281 2.26 -7.40 -17.60
C HIS B 281 3.36 -7.33 -18.66
N ALA B 282 4.11 -8.41 -18.82
CA ALA B 282 5.14 -8.51 -19.86
C ALA B 282 4.53 -8.37 -21.25
N ASP B 283 3.50 -9.16 -21.53
CA ASP B 283 2.72 -9.04 -22.78
C ASP B 283 2.21 -7.61 -23.00
N PHE B 284 1.80 -6.95 -21.93
CA PHE B 284 1.35 -5.55 -21.99
C PHE B 284 2.45 -4.61 -22.47
N VAL B 285 3.57 -4.53 -21.73
CA VAL B 285 4.69 -3.64 -22.11
C VAL B 285 5.36 -4.01 -23.44
N LEU B 286 5.39 -5.31 -23.76
CA LEU B 286 6.01 -5.79 -25.00
C LEU B 286 5.36 -5.29 -26.29
N GLU B 287 4.05 -5.02 -26.24
CA GLU B 287 3.33 -4.46 -27.38
C GLU B 287 3.90 -3.12 -27.88
N MET B 288 4.43 -2.31 -26.94
CA MET B 288 5.08 -1.03 -27.26
C MET B 288 6.60 -1.15 -27.35
N ASN B 289 7.08 -2.26 -27.92
CA ASN B 289 8.50 -2.48 -28.18
C ASN B 289 8.72 -3.12 -29.56
N THR B 290 9.95 -3.05 -30.06
CA THR B 290 10.31 -3.66 -31.35
C THR B 290 10.21 -5.18 -31.35
N ALA B 291 10.45 -5.80 -30.18
CA ALA B 291 10.33 -7.24 -30.01
C ALA B 291 8.88 -7.74 -30.05
N LYS B 292 7.92 -6.87 -29.75
CA LYS B 292 6.48 -7.12 -29.94
C LYS B 292 5.82 -8.11 -28.97
N SER B 293 6.34 -9.34 -28.88
CA SER B 293 5.79 -10.36 -27.99
C SER B 293 6.81 -10.89 -26.98
N THR B 294 6.30 -11.42 -25.86
CA THR B 294 7.14 -12.14 -24.89
C THR B 294 7.64 -13.47 -25.45
N SER B 295 6.89 -14.03 -26.40
CA SER B 295 7.29 -15.24 -27.12
C SER B 295 8.64 -15.07 -27.83
N ARG B 296 8.82 -13.95 -28.53
CA ARG B 296 10.10 -13.65 -29.20
C ARG B 296 11.24 -13.35 -28.22
N VAL B 297 10.88 -12.76 -27.06
CA VAL B 297 11.84 -12.49 -25.99
C VAL B 297 12.35 -13.78 -25.35
N THR B 298 11.46 -14.75 -25.12
CA THR B 298 11.85 -16.05 -24.56
C THR B 298 12.80 -16.75 -25.52
N ALA B 299 12.40 -16.84 -26.78
CA ALA B 299 13.24 -17.45 -27.84
C ALA B 299 14.57 -16.71 -28.02
N PHE B 300 14.58 -15.39 -27.88
CA PHE B 300 15.81 -14.59 -27.94
C PHE B 300 16.78 -14.96 -26.81
N LEU B 301 16.29 -14.91 -25.57
CA LEU B 301 17.13 -15.14 -24.38
C LEU B 301 17.58 -16.59 -24.23
N ASP B 302 16.70 -17.54 -24.52
CA ASP B 302 17.05 -18.97 -24.41
C ASP B 302 18.06 -19.40 -25.48
N ASP B 303 17.85 -18.95 -26.73
CA ASP B 303 18.76 -19.28 -27.83
C ASP B 303 20.15 -18.70 -27.57
N LEU B 304 20.18 -17.43 -27.17
CA LEU B 304 21.42 -16.75 -26.84
C LEU B 304 22.12 -17.39 -25.63
N SER B 305 21.36 -17.77 -24.62
CA SER B 305 21.87 -18.52 -23.46
C SER B 305 22.50 -19.86 -23.85
N GLN B 306 21.96 -20.50 -24.88
CA GLN B 306 22.49 -21.78 -25.36
C GLN B 306 23.86 -21.64 -26.01
N LYS B 307 24.03 -20.59 -26.81
CA LYS B 307 25.30 -20.32 -27.48
C LYS B 307 26.40 -19.90 -26.49
N LEU B 308 26.00 -19.27 -25.39
CA LEU B 308 26.94 -18.81 -24.36
C LEU B 308 27.29 -19.86 -23.32
N LYS B 309 26.52 -20.94 -23.26
CA LYS B 309 26.69 -22.00 -22.25
C LYS B 309 28.13 -22.58 -22.19
N PRO B 310 28.72 -22.95 -23.35
CA PRO B 310 30.09 -23.50 -23.31
C PRO B 310 31.12 -22.54 -22.74
N LEU B 311 31.07 -21.27 -23.18
CA LEU B 311 31.93 -20.22 -22.61
C LEU B 311 31.73 -20.09 -21.10
N GLY B 312 30.49 -20.16 -20.65
CA GLY B 312 30.18 -20.16 -19.23
C GLY B 312 30.89 -21.27 -18.48
N GLU B 313 30.84 -22.48 -19.05
CA GLU B 313 31.49 -23.66 -18.46
C GLU B 313 33.01 -23.57 -18.44
N ALA B 314 33.60 -23.07 -19.52
CA ALA B 314 35.05 -22.88 -19.62
C ALA B 314 35.54 -21.83 -18.62
N GLU B 315 34.82 -20.72 -18.53
CA GLU B 315 35.18 -19.62 -17.62
C GLU B 315 34.97 -20.00 -16.15
N ARG B 316 33.90 -20.76 -15.86
CA ARG B 316 33.67 -21.31 -14.51
C ARG B 316 34.74 -22.32 -14.12
N GLU B 317 35.15 -23.17 -15.06
CA GLU B 317 36.24 -24.13 -14.85
C GLU B 317 37.53 -23.41 -14.45
N PHE B 318 37.88 -22.37 -15.20
CA PHE B 318 39.12 -21.62 -14.95
C PHE B 318 39.08 -20.87 -13.62
N ILE B 319 37.96 -20.19 -13.35
CA ILE B 319 37.76 -19.46 -12.08
C ILE B 319 37.87 -20.40 -10.88
N LEU B 320 37.23 -21.56 -10.96
CA LEU B 320 37.20 -22.52 -9.86
C LEU B 320 38.58 -23.12 -9.58
N ASN B 321 39.29 -23.48 -10.65
CA ASN B 321 40.70 -23.95 -10.56
C ASN B 321 41.61 -22.88 -9.95
N LEU B 322 41.39 -21.64 -10.37
CA LEU B 322 42.19 -20.51 -9.91
C LEU B 322 41.95 -20.20 -8.43
N LYS B 323 40.71 -20.33 -7.98
CA LYS B 323 40.35 -20.23 -6.55
C LYS B 323 41.00 -21.34 -5.74
N LYS B 324 40.92 -22.57 -6.24
CA LYS B 324 41.56 -23.73 -5.59
C LYS B 324 43.06 -23.52 -5.39
N LYS B 325 43.73 -22.94 -6.39
CA LYS B 325 45.16 -22.66 -6.34
C LYS B 325 45.48 -21.54 -5.33
N GLU B 326 44.69 -20.48 -5.33
CA GLU B 326 44.89 -19.36 -4.38
C GLU B 326 44.61 -19.78 -2.94
N CYS B 327 43.62 -20.63 -2.75
CA CYS B 327 43.31 -21.17 -1.42
C CYS B 327 44.45 -22.05 -0.87
N LYS B 328 45.11 -22.79 -1.75
CA LYS B 328 46.32 -23.54 -1.38
C LYS B 328 47.46 -22.59 -1.05
N ASP B 329 47.75 -21.67 -1.97
CA ASP B 329 48.90 -20.74 -1.84
C ASP B 329 48.82 -19.82 -0.61
N ARG B 330 47.69 -19.14 -0.44
CA ARG B 330 47.47 -18.30 0.76
C ARG B 330 47.26 -19.14 2.02
N GLY B 331 46.69 -20.34 1.84
CA GLY B 331 46.43 -21.27 2.93
C GLY B 331 45.02 -21.19 3.52
N PHE B 332 44.06 -20.70 2.72
CA PHE B 332 42.66 -20.60 3.16
C PHE B 332 41.91 -21.92 2.94
N GLU B 333 40.66 -21.96 3.44
CA GLU B 333 39.76 -23.09 3.22
C GLU B 333 39.13 -23.00 1.83
N TYR B 334 39.08 -24.14 1.13
CA TYR B 334 38.50 -24.24 -0.21
C TYR B 334 37.22 -25.06 -0.18
N ASP B 335 36.12 -24.48 -0.67
CA ASP B 335 34.79 -25.08 -0.56
C ASP B 335 34.24 -25.73 -1.84
N GLY B 336 35.07 -25.84 -2.88
CA GLY B 336 34.69 -26.55 -4.10
C GLY B 336 33.66 -25.85 -4.99
N LYS B 337 33.46 -24.55 -4.79
CA LYS B 337 32.43 -23.81 -5.52
C LYS B 337 32.77 -22.33 -5.68
N ILE B 338 32.18 -21.71 -6.69
CA ILE B 338 32.24 -20.27 -6.88
C ILE B 338 31.04 -19.70 -6.15
N ASN B 339 31.29 -18.91 -5.11
CA ASN B 339 30.24 -18.16 -4.43
C ASN B 339 30.04 -16.84 -5.15
N ALA B 340 28.88 -16.21 -4.94
CA ALA B 340 28.61 -14.88 -5.49
C ALA B 340 29.68 -13.85 -5.11
N TRP B 341 30.24 -13.98 -3.91
CA TRP B 341 31.27 -13.07 -3.41
C TRP B 341 32.69 -13.32 -3.94
N ASP B 342 32.89 -14.40 -4.69
CA ASP B 342 34.16 -14.71 -5.33
C ASP B 342 34.24 -14.25 -6.79
N LEU B 343 33.07 -14.08 -7.43
CA LEU B 343 32.98 -13.97 -8.89
C LEU B 343 33.78 -12.80 -9.48
N TYR B 344 33.54 -11.60 -8.97
CA TYR B 344 34.18 -10.38 -9.49
C TYR B 344 35.69 -10.37 -9.23
N TYR B 345 36.09 -10.97 -8.11
CA TYR B 345 37.50 -11.11 -7.75
C TYR B 345 38.26 -11.96 -8.77
N TYR B 346 37.74 -13.14 -9.07
CA TYR B 346 38.41 -14.07 -9.98
C TYR B 346 38.24 -13.76 -11.47
N MET B 347 37.19 -13.03 -11.83
CA MET B 347 37.06 -12.48 -13.19
C MET B 347 38.14 -11.43 -13.47
N THR B 348 38.44 -10.59 -12.47
CA THR B 348 39.50 -9.59 -12.62
C THR B 348 40.89 -10.22 -12.55
N GLN B 349 41.05 -11.30 -11.79
CA GLN B 349 42.29 -12.09 -11.81
C GLN B 349 42.51 -12.78 -13.17
N THR B 350 41.45 -13.34 -13.74
CA THR B 350 41.48 -13.93 -15.09
C THR B 350 41.97 -12.93 -16.13
N GLU B 351 41.48 -11.69 -16.04
CA GLU B 351 41.88 -10.60 -16.93
C GLU B 351 43.37 -10.27 -16.79
N GLU B 352 43.84 -10.20 -15.55
CA GLU B 352 45.27 -9.94 -15.27
C GLU B 352 46.17 -11.04 -15.83
N LEU B 353 45.81 -12.30 -15.55
CA LEU B 353 46.60 -13.45 -15.99
C LEU B 353 46.62 -13.65 -17.51
N LYS B 354 45.45 -13.58 -18.14
CA LYS B 354 45.31 -13.92 -19.57
C LYS B 354 45.66 -12.79 -20.53
N TYR B 355 45.49 -11.54 -20.11
CA TYR B 355 45.69 -10.38 -20.98
C TYR B 355 46.67 -9.33 -20.46
N SER B 356 47.34 -9.62 -19.34
CA SER B 356 48.34 -8.72 -18.74
C SER B 356 47.83 -7.28 -18.48
N ILE B 357 46.56 -7.17 -18.12
CA ILE B 357 45.90 -5.89 -17.88
C ILE B 357 45.88 -5.59 -16.39
N ASP B 358 46.63 -4.57 -15.97
CA ASP B 358 46.50 -4.00 -14.63
C ASP B 358 45.62 -2.76 -14.79
N GLN B 359 44.40 -2.82 -14.25
CA GLN B 359 43.45 -1.71 -14.34
C GLN B 359 43.89 -0.47 -13.54
N GLU B 360 44.62 -0.68 -12.45
CA GLU B 360 45.11 0.43 -11.63
C GLU B 360 46.32 1.16 -12.22
N PHE B 361 47.04 0.49 -13.14
CA PHE B 361 48.10 1.14 -13.92
C PHE B 361 47.50 1.86 -15.14
N LEU B 362 46.61 1.16 -15.85
CA LEU B 362 45.99 1.67 -17.07
C LEU B 362 45.20 2.98 -16.86
N LYS B 363 44.57 3.13 -15.70
CA LYS B 363 43.83 4.36 -15.36
C LYS B 363 44.72 5.62 -15.35
N GLU B 364 46.01 5.45 -15.11
CA GLU B 364 46.98 6.56 -15.16
C GLU B 364 47.01 7.29 -16.51
N TYR B 365 46.71 6.56 -17.59
CA TYR B 365 46.61 7.17 -18.94
C TYR B 365 45.26 7.84 -19.23
N PHE B 366 44.27 7.69 -18.36
CA PHE B 366 42.92 8.26 -18.55
C PHE B 366 42.54 9.26 -17.45
N PRO B 367 43.16 10.45 -17.44
CA PRO B 367 42.68 11.50 -16.53
C PRO B 367 41.38 12.13 -17.06
N ILE B 368 40.47 12.49 -16.15
CA ILE B 368 39.13 13.00 -16.50
C ILE B 368 39.12 14.09 -17.58
N GLU B 369 40.08 15.01 -17.52
CA GLU B 369 40.16 16.13 -18.46
C GLU B 369 40.48 15.70 -19.89
N VAL B 370 41.37 14.73 -20.04
CA VAL B 370 41.79 14.24 -21.37
C VAL B 370 40.74 13.30 -21.98
N VAL B 371 39.99 12.58 -21.14
CA VAL B 371 38.89 11.73 -21.62
C VAL B 371 37.73 12.60 -22.12
N THR B 372 37.34 13.60 -21.34
CA THR B 372 36.27 14.54 -21.73
C THR B 372 36.57 15.23 -23.05
N GLU B 373 37.79 15.77 -23.16
CA GLU B 373 38.23 16.47 -24.38
C GLU B 373 38.23 15.53 -25.58
N GLY B 374 38.80 14.34 -25.40
CA GLY B 374 38.82 13.31 -26.44
C GLY B 374 37.45 12.82 -26.85
N LEU B 375 36.58 12.59 -25.85
CA LEU B 375 35.18 12.22 -26.08
C LEU B 375 34.42 13.25 -26.91
N LEU B 376 34.54 14.52 -26.51
CA LEU B 376 33.89 15.62 -27.22
C LEU B 376 34.41 15.77 -28.65
N ASN B 377 35.73 15.73 -28.82
CA ASN B 377 36.35 15.74 -30.15
C ASN B 377 35.79 14.66 -31.06
N THR B 378 35.75 13.43 -30.55
CA THR B 378 35.32 12.25 -31.32
C THR B 378 33.93 12.41 -31.93
N TYR B 379 33.00 13.03 -31.20
CA TYR B 379 31.62 13.21 -31.68
C TYR B 379 31.33 14.59 -32.28
N GLN B 380 32.22 15.56 -32.07
CA GLN B 380 32.25 16.75 -32.93
C GLN B 380 32.53 16.30 -34.36
N GLU B 381 33.59 15.49 -34.52
CA GLU B 381 34.07 15.03 -35.82
C GLU B 381 33.10 14.09 -36.53
N LEU B 382 32.57 13.11 -35.81
CA LEU B 382 31.75 12.03 -36.40
C LEU B 382 30.34 12.48 -36.77
N LEU B 383 29.69 13.18 -35.85
CA LEU B 383 28.30 13.63 -36.03
C LEU B 383 28.19 15.01 -36.68
N GLY B 384 29.33 15.68 -36.90
CA GLY B 384 29.35 16.99 -37.53
C GLY B 384 28.75 18.04 -36.62
N LEU B 385 29.29 18.14 -35.40
CA LEU B 385 28.78 19.05 -34.37
C LEU B 385 29.91 19.91 -33.80
N SER B 386 29.52 20.95 -33.06
CA SER B 386 30.45 21.85 -32.40
C SER B 386 30.02 22.07 -30.94
N PHE B 387 30.87 21.68 -29.99
CA PHE B 387 30.60 21.87 -28.57
C PHE B 387 31.45 23.01 -28.01
N GLU B 388 30.84 23.86 -27.20
CA GLU B 388 31.53 24.93 -26.48
C GLU B 388 31.01 24.99 -25.05
N GLN B 389 31.93 25.08 -24.08
CA GLN B 389 31.57 25.17 -22.66
C GLN B 389 31.06 26.57 -22.32
N MET B 390 30.04 26.63 -21.47
CA MET B 390 29.47 27.90 -20.98
C MET B 390 30.11 28.23 -19.63
N THR B 391 30.79 29.37 -19.55
CA THR B 391 31.36 29.84 -18.27
C THR B 391 30.32 30.69 -17.53
N ASP B 392 30.37 30.63 -16.20
CA ASP B 392 29.35 31.20 -15.30
C ASP B 392 27.95 30.65 -15.63
N ALA B 393 27.85 29.33 -15.74
CA ALA B 393 26.61 28.64 -16.07
C ALA B 393 25.76 28.47 -14.82
N HIS B 394 24.45 28.69 -14.96
CA HIS B 394 23.50 28.46 -13.87
C HIS B 394 23.31 26.95 -13.68
N VAL B 395 23.83 26.45 -12.55
CA VAL B 395 23.89 25.01 -12.30
C VAL B 395 23.46 24.68 -10.89
N TRP B 396 23.05 23.42 -10.70
CA TRP B 396 22.57 22.91 -9.41
C TRP B 396 23.70 22.56 -8.42
N ASN B 397 24.95 22.56 -8.87
CA ASN B 397 26.10 22.29 -8.01
C ASN B 397 27.39 22.90 -8.61
N LYS B 398 28.33 23.26 -7.73
CA LYS B 398 29.61 23.91 -8.13
C LYS B 398 30.38 23.16 -9.21
N SER B 399 30.49 21.84 -9.02
CA SER B 399 31.26 20.97 -9.91
C SER B 399 30.58 20.64 -11.25
N VAL B 400 29.32 21.01 -11.42
CA VAL B 400 28.57 20.75 -12.66
C VAL B 400 28.96 21.76 -13.74
N THR B 401 29.08 21.28 -14.98
CA THR B 401 29.47 22.10 -16.12
C THR B 401 28.42 21.99 -17.23
N LEU B 402 28.21 23.08 -17.97
CA LEU B 402 27.21 23.16 -19.04
C LEU B 402 27.88 23.40 -20.39
N TYR B 403 27.34 22.79 -21.44
CA TYR B 403 27.83 22.93 -22.81
C TYR B 403 26.69 23.24 -23.78
N THR B 404 27.04 23.79 -24.93
CA THR B 404 26.09 24.11 -26.01
C THR B 404 26.50 23.36 -27.26
N VAL B 405 25.51 22.78 -27.96
CA VAL B 405 25.74 21.97 -29.15
C VAL B 405 25.27 22.72 -30.39
N LYS B 406 26.23 23.09 -31.25
CA LYS B 406 25.95 23.70 -32.56
C LYS B 406 26.22 22.68 -33.68
N ASP B 407 25.71 22.98 -34.87
CA ASP B 407 25.74 22.04 -36.00
C ASP B 407 27.00 22.13 -36.91
N LYS B 408 27.85 23.12 -36.71
CA LYS B 408 29.04 23.33 -37.57
C LYS B 408 28.68 23.84 -38.97
N ALA B 409 28.02 23.01 -39.79
CA ALA B 409 27.55 23.42 -41.12
C ALA B 409 26.41 24.45 -41.06
N THR B 410 25.40 24.16 -40.25
CA THR B 410 24.22 25.03 -40.14
C THR B 410 24.49 26.26 -39.27
N GLY B 411 25.20 26.07 -38.15
CA GLY B 411 25.29 27.08 -37.08
C GLY B 411 24.13 26.97 -36.08
N GLU B 412 23.29 25.95 -36.24
CA GLU B 412 22.02 25.80 -35.52
C GLU B 412 22.30 25.29 -34.11
N VAL B 413 21.74 25.97 -33.12
CA VAL B 413 21.86 25.57 -31.72
C VAL B 413 20.84 24.46 -31.46
N LEU B 414 21.30 23.21 -31.57
CA LEU B 414 20.44 22.04 -31.46
C LEU B 414 20.02 21.77 -30.01
N GLY B 415 20.95 22.00 -29.07
CA GLY B 415 20.66 21.83 -27.66
C GLY B 415 21.78 22.21 -26.71
N GLN B 416 21.61 21.80 -25.46
CA GLN B 416 22.64 21.94 -24.41
C GLN B 416 22.67 20.67 -23.56
N PHE B 417 23.81 20.39 -22.93
CA PHE B 417 23.90 19.28 -21.98
C PHE B 417 24.71 19.65 -20.73
N TYR B 418 24.24 19.20 -19.57
CA TYR B 418 24.97 19.33 -18.32
C TYR B 418 25.81 18.07 -18.08
N LEU B 419 26.98 18.24 -17.45
CA LEU B 419 27.80 17.12 -16.99
C LEU B 419 27.97 17.22 -15.46
N ASP B 420 27.32 16.30 -14.75
CA ASP B 420 27.43 16.18 -13.30
C ASP B 420 28.15 14.85 -13.02
N LEU B 421 29.48 14.91 -12.95
CA LEU B 421 30.33 13.72 -13.05
C LEU B 421 30.75 13.05 -11.73
N TYR B 422 30.62 13.75 -10.59
CA TYR B 422 31.23 13.29 -9.33
C TYR B 422 30.18 12.98 -8.23
N PRO B 423 30.44 11.94 -7.41
CA PRO B 423 29.49 11.56 -6.37
C PRO B 423 29.53 12.48 -5.15
N ARG B 424 28.36 12.68 -4.55
CA ARG B 424 28.21 13.41 -3.30
C ARG B 424 27.03 12.80 -2.54
N GLU B 425 26.82 13.25 -1.30
CA GLU B 425 25.70 12.76 -0.50
C GLU B 425 24.38 13.16 -1.15
N GLY B 426 23.45 12.20 -1.24
CA GLY B 426 22.12 12.45 -1.78
C GLY B 426 22.00 12.54 -3.29
N LYS B 427 23.11 12.36 -4.00
CA LYS B 427 23.09 12.32 -5.47
C LYS B 427 22.60 10.93 -5.90
N TYR B 428 22.00 10.88 -7.08
CA TYR B 428 21.61 9.63 -7.71
C TYR B 428 22.84 8.75 -7.94
N ASN B 429 22.93 7.65 -7.18
CA ASN B 429 23.91 6.59 -7.45
C ASN B 429 23.50 5.84 -8.72
N HIS B 430 24.48 5.31 -9.46
CA HIS B 430 24.30 4.68 -10.80
C HIS B 430 24.34 5.76 -11.90
N ALA B 431 24.78 5.36 -13.10
CA ALA B 431 24.89 6.26 -14.25
C ALA B 431 23.55 6.43 -14.95
N ALA B 432 23.27 7.63 -15.45
CA ALA B 432 22.02 7.91 -16.19
C ALA B 432 22.05 9.19 -17.04
N CYS B 433 21.10 9.29 -17.98
CA CYS B 433 20.86 10.48 -18.80
C CYS B 433 19.39 10.92 -18.64
N PHE B 434 19.20 12.19 -18.31
CA PHE B 434 17.89 12.77 -18.03
C PHE B 434 17.49 13.73 -19.15
N GLY B 435 16.26 13.59 -19.65
CA GLY B 435 15.67 14.56 -20.56
C GLY B 435 15.01 15.70 -19.79
N LEU B 436 15.59 16.89 -19.86
CA LEU B 436 15.11 18.06 -19.11
C LEU B 436 14.21 18.98 -19.95
N GLN B 437 14.64 19.25 -21.18
CA GLN B 437 13.80 19.93 -22.18
C GLN B 437 13.74 19.08 -23.45
N PRO B 438 12.53 18.90 -24.03
CA PRO B 438 12.37 18.17 -25.28
C PRO B 438 12.64 19.05 -26.51
N GLY B 439 13.33 18.50 -27.51
CA GLY B 439 13.63 19.21 -28.74
C GLY B 439 12.46 19.13 -29.70
N CYS B 440 11.45 19.97 -29.49
CA CYS B 440 10.21 19.94 -30.25
C CYS B 440 9.71 21.32 -30.65
N LEU B 441 8.68 21.35 -31.50
CA LEU B 441 8.05 22.59 -31.94
C LEU B 441 7.20 23.22 -30.84
N LEU B 442 7.29 24.55 -30.75
CA LEU B 442 6.47 25.35 -29.85
C LEU B 442 5.24 25.84 -30.62
N PRO B 443 4.23 26.43 -29.91
CA PRO B 443 3.05 26.99 -30.59
C PRO B 443 3.39 28.00 -31.69
N ASP B 444 4.35 28.90 -31.42
CA ASP B 444 4.75 29.94 -32.36
C ASP B 444 5.56 29.47 -33.59
N GLY B 445 5.93 28.19 -33.65
CA GLY B 445 6.60 27.62 -34.82
C GLY B 445 8.11 27.49 -34.69
N SER B 446 8.71 28.24 -33.76
CA SER B 446 10.14 28.10 -33.42
C SER B 446 10.40 26.79 -32.68
N ARG B 447 11.64 26.32 -32.76
CA ARG B 447 12.04 25.07 -32.11
C ARG B 447 12.47 25.33 -30.67
N MET B 448 12.01 24.49 -29.76
CA MET B 448 12.52 24.47 -28.39
C MET B 448 13.90 23.82 -28.40
N MET B 449 14.82 24.39 -27.63
CA MET B 449 16.17 23.89 -27.48
C MET B 449 16.17 22.67 -26.55
N ALA B 450 16.62 21.53 -27.07
CA ALA B 450 16.72 20.30 -26.27
C ALA B 450 17.77 20.47 -25.18
N VAL B 451 17.50 19.89 -24.01
CA VAL B 451 18.45 19.94 -22.88
C VAL B 451 18.54 18.56 -22.25
N ALA B 452 19.78 18.07 -22.13
CA ALA B 452 20.07 16.76 -21.51
C ALA B 452 20.93 16.98 -20.27
N ALA B 453 21.04 15.94 -19.45
CA ALA B 453 21.92 15.97 -18.28
C ALA B 453 22.56 14.60 -18.07
N LEU B 454 23.87 14.53 -18.34
CA LEU B 454 24.66 13.32 -18.08
C LEU B 454 25.01 13.28 -16.60
N VAL B 455 24.67 12.16 -15.95
CA VAL B 455 24.86 12.01 -14.50
C VAL B 455 25.60 10.70 -14.22
N VAL B 456 26.84 10.80 -13.73
CA VAL B 456 27.69 9.64 -13.41
C VAL B 456 28.45 9.87 -12.10
N ASN B 457 29.18 8.84 -11.65
CA ASN B 457 29.95 8.89 -10.39
C ASN B 457 31.38 8.36 -10.55
N PHE B 458 32.30 9.26 -10.93
CA PHE B 458 33.72 8.93 -11.07
C PHE B 458 34.49 9.38 -9.81
N SER B 459 35.74 9.83 -9.92
CA SER B 459 36.57 10.22 -8.77
C SER B 459 36.91 11.70 -8.79
N GLN B 460 37.40 12.22 -7.67
CA GLN B 460 37.83 13.63 -7.58
C GLN B 460 39.29 13.75 -8.02
N GLY B 464 44.35 17.83 -5.37
CA GLY B 464 45.59 17.17 -4.96
C GLY B 464 45.79 15.86 -5.72
N ARG B 465 44.86 14.93 -5.55
CA ARG B 465 44.87 13.62 -6.23
C ARG B 465 43.97 13.68 -7.47
N PRO B 466 44.56 13.70 -8.70
CA PRO B 466 43.73 13.84 -9.91
C PRO B 466 42.80 12.66 -10.19
N SER B 467 41.67 12.96 -10.84
CA SER B 467 40.64 11.96 -11.15
C SER B 467 41.10 11.06 -12.30
N LEU B 468 41.28 9.78 -12.01
CA LEU B 468 41.70 8.80 -13.00
C LEU B 468 40.58 7.79 -13.21
N LEU B 469 40.27 7.49 -14.47
CA LEU B 469 39.16 6.62 -14.85
C LEU B 469 39.66 5.27 -15.30
N ARG B 470 39.06 4.20 -14.79
CA ARG B 470 39.25 2.85 -15.33
C ARG B 470 38.63 2.76 -16.71
N HIS B 471 39.04 1.77 -17.50
CA HIS B 471 38.53 1.61 -18.86
C HIS B 471 37.00 1.50 -18.92
N ASP B 472 36.41 0.74 -17.97
CA ASP B 472 34.95 0.59 -17.92
C ASP B 472 34.20 1.88 -17.50
N GLU B 473 34.87 2.77 -16.77
CA GLU B 473 34.34 4.11 -16.48
C GLU B 473 34.35 5.00 -17.73
N VAL B 474 35.41 4.89 -18.53
CA VAL B 474 35.48 5.56 -19.84
C VAL B 474 34.37 5.05 -20.77
N ARG B 475 34.08 3.75 -20.70
CA ARG B 475 33.03 3.13 -21.50
C ARG B 475 31.61 3.59 -21.09
N THR B 476 31.39 3.77 -19.78
CA THR B 476 30.13 4.30 -19.26
C THR B 476 29.94 5.77 -19.65
N TYR B 477 31.05 6.51 -19.75
CA TYR B 477 31.02 7.91 -20.21
C TYR B 477 30.52 7.98 -21.66
N PHE B 478 31.14 7.19 -22.53
CA PHE B 478 30.72 7.06 -23.93
C PHE B 478 29.30 6.54 -24.09
N HIS B 479 28.91 5.61 -23.23
CA HIS B 479 27.57 5.05 -23.23
C HIS B 479 26.54 6.16 -22.98
N GLN B 480 26.69 6.84 -21.85
CA GLN B 480 25.74 7.88 -21.44
C GLN B 480 25.74 9.08 -22.38
N PHE B 481 26.89 9.39 -22.97
CA PHE B 481 26.97 10.48 -23.94
C PHE B 481 26.24 10.17 -25.24
N GLY B 482 26.08 8.88 -25.57
CA GLY B 482 25.23 8.44 -26.67
C GLY B 482 23.77 8.81 -26.50
N HIS B 483 23.27 8.78 -25.27
CA HIS B 483 21.91 9.27 -24.96
C HIS B 483 21.81 10.78 -25.09
N VAL B 484 22.85 11.49 -24.63
CA VAL B 484 22.89 12.95 -24.72
C VAL B 484 22.80 13.38 -26.18
N MET B 485 23.56 12.72 -27.06
CA MET B 485 23.50 13.02 -28.49
C MET B 485 22.15 12.68 -29.10
N HIS B 486 21.57 11.54 -28.69
CA HIS B 486 20.23 11.15 -29.12
C HIS B 486 19.18 12.18 -28.67
N GLN B 487 19.36 12.70 -27.45
CA GLN B 487 18.47 13.73 -26.89
C GLN B 487 18.55 15.05 -27.67
N ILE B 488 19.76 15.48 -28.02
CA ILE B 488 20.00 16.78 -28.68
C ILE B 488 19.74 16.71 -30.19
N CYS B 489 20.30 15.70 -30.87
CA CYS B 489 20.15 15.56 -32.33
C CYS B 489 18.74 15.18 -32.80
N ALA B 490 17.90 14.64 -31.91
CA ALA B 490 16.51 14.36 -32.25
C ALA B 490 15.74 15.66 -32.44
N GLN B 491 15.11 15.79 -33.60
CA GLN B 491 14.30 16.97 -33.94
C GLN B 491 12.93 16.53 -34.46
N THR B 492 11.97 16.48 -33.53
CA THR B 492 10.60 16.11 -33.82
C THR B 492 9.70 17.33 -33.64
N ASP B 493 8.43 17.16 -33.95
CA ASP B 493 7.43 18.23 -33.83
C ASP B 493 6.71 18.18 -32.49
N PHE B 494 6.31 16.99 -32.07
CA PHE B 494 5.60 16.80 -30.79
C PHE B 494 6.58 16.38 -29.69
N ALA B 495 6.31 16.84 -28.47
CA ALA B 495 7.18 16.53 -27.32
C ALA B 495 7.24 15.05 -26.96
N ARG B 496 6.12 14.33 -27.11
CA ARG B 496 6.08 12.91 -26.75
C ARG B 496 6.96 12.02 -27.63
N PHE B 497 7.27 12.47 -28.86
CA PHE B 497 8.21 11.77 -29.74
C PHE B 497 9.65 12.29 -29.67
N SER B 498 9.92 13.28 -28.82
CA SER B 498 11.23 13.94 -28.80
C SER B 498 12.33 13.11 -28.13
N GLY B 499 13.58 13.41 -28.49
CA GLY B 499 14.76 12.87 -27.82
C GLY B 499 14.82 11.36 -27.81
N THR B 500 15.00 10.80 -26.61
CA THR B 500 15.13 9.36 -26.41
C THR B 500 13.79 8.63 -26.22
N ASN B 501 12.66 9.30 -26.46
CA ASN B 501 11.32 8.67 -26.38
C ASN B 501 11.04 7.70 -27.54
N VAL B 502 11.88 6.67 -27.64
CA VAL B 502 11.70 5.59 -28.61
C VAL B 502 11.27 4.42 -27.76
N GLU B 503 11.00 3.29 -28.40
CA GLU B 503 10.65 2.08 -27.67
C GLU B 503 11.84 1.58 -26.84
N THR B 504 11.57 1.06 -25.64
CA THR B 504 12.60 0.75 -24.64
C THR B 504 13.65 -0.27 -25.10
N ASP B 505 13.22 -1.21 -25.96
CA ASP B 505 14.12 -2.06 -26.77
C ASP B 505 15.21 -1.28 -27.48
N PHE B 506 14.80 -0.23 -28.17
CA PHE B 506 15.65 0.51 -29.09
C PHE B 506 16.49 1.60 -28.41
N VAL B 507 16.05 2.12 -27.26
CA VAL B 507 16.68 3.29 -26.65
C VAL B 507 18.16 3.07 -26.29
N GLU B 508 18.56 1.81 -26.09
CA GLU B 508 19.95 1.47 -25.79
C GLU B 508 20.83 1.19 -27.03
N VAL B 509 20.30 1.40 -28.24
CA VAL B 509 21.10 1.29 -29.48
C VAL B 509 22.15 2.40 -29.58
N PRO B 510 21.76 3.68 -29.46
CA PRO B 510 22.73 4.77 -29.59
C PRO B 510 23.85 4.76 -28.55
N SER B 511 23.50 4.40 -27.31
CA SER B 511 24.46 4.34 -26.22
C SER B 511 25.47 3.22 -26.40
N GLN B 512 24.98 2.00 -26.60
CA GLN B 512 25.84 0.82 -26.71
C GLN B 512 26.66 0.78 -28.00
N MET B 513 26.19 1.41 -29.07
CA MET B 513 26.99 1.52 -30.30
C MET B 513 28.22 2.40 -30.10
N LEU B 514 28.07 3.49 -29.35
CA LEU B 514 29.19 4.37 -29.05
C LEU B 514 30.26 3.74 -28.13
N GLU B 515 29.88 2.72 -27.35
CA GLU B 515 30.86 1.94 -26.57
C GLU B 515 31.97 1.32 -27.44
N ASN B 516 31.63 0.97 -28.68
CA ASN B 516 32.60 0.38 -29.63
C ASN B 516 33.81 1.28 -29.92
N TRP B 517 33.67 2.59 -29.70
CA TRP B 517 34.78 3.55 -29.89
C TRP B 517 35.84 3.50 -28.78
N VAL B 518 35.55 2.88 -27.64
CA VAL B 518 36.57 2.64 -26.59
C VAL B 518 37.28 1.29 -26.75
N TRP B 519 36.97 0.55 -27.82
CA TRP B 519 37.65 -0.71 -28.15
C TRP B 519 38.42 -0.65 -29.48
N ASP B 520 38.56 0.55 -30.06
CA ASP B 520 39.33 0.75 -31.28
C ASP B 520 40.71 1.29 -30.89
N VAL B 521 41.76 0.75 -31.51
CA VAL B 521 43.16 1.09 -31.15
C VAL B 521 43.46 2.57 -31.44
N ASP B 522 43.03 3.06 -32.60
CA ASP B 522 43.27 4.43 -33.02
C ASP B 522 42.52 5.41 -32.12
N SER B 523 41.24 5.14 -31.89
CA SER B 523 40.40 5.93 -31.00
C SER B 523 40.97 6.03 -29.58
N LEU B 524 41.44 4.91 -29.05
CA LEU B 524 42.05 4.87 -27.71
C LEU B 524 43.31 5.72 -27.54
N ARG B 525 44.09 5.86 -28.62
CA ARG B 525 45.31 6.69 -28.59
C ARG B 525 45.00 8.20 -28.51
N ARG B 526 43.88 8.63 -29.07
CA ARG B 526 43.39 10.01 -28.92
C ARG B 526 42.85 10.29 -27.51
N LEU B 527 42.19 9.29 -26.92
CA LEU B 527 41.61 9.40 -25.57
C LEU B 527 42.65 9.32 -24.45
N SER B 528 43.78 8.65 -24.70
CA SER B 528 44.77 8.36 -23.65
C SER B 528 45.91 9.37 -23.63
N LYS B 529 46.34 9.72 -22.41
CA LYS B 529 47.53 10.56 -22.19
C LYS B 529 47.92 10.49 -20.70
N HIS B 530 49.15 10.06 -20.39
CA HIS B 530 49.57 9.84 -18.99
C HIS B 530 49.59 11.15 -18.20
N TYR B 531 49.08 11.10 -16.97
CA TYR B 531 48.83 12.30 -16.17
C TYR B 531 50.11 13.03 -15.69
N LYS B 532 51.25 12.34 -15.70
CA LYS B 532 52.56 12.96 -15.41
C LYS B 532 53.31 13.34 -16.69
N ASP B 533 53.93 12.37 -17.34
CA ASP B 533 54.79 12.61 -18.52
C ASP B 533 54.04 12.94 -19.83
N GLY B 534 52.73 12.71 -19.87
CA GLY B 534 51.93 13.02 -21.07
C GLY B 534 52.14 12.09 -22.24
N SER B 535 52.64 10.88 -21.98
CA SER B 535 52.93 9.90 -23.03
C SER B 535 51.67 9.09 -23.36
N PRO B 536 51.61 8.50 -24.57
CA PRO B 536 50.51 7.61 -24.91
C PRO B 536 50.71 6.21 -24.33
N ILE B 537 49.71 5.35 -24.49
CA ILE B 537 49.80 3.96 -24.05
C ILE B 537 50.70 3.22 -25.04
N ALA B 538 51.50 2.28 -24.53
CA ALA B 538 52.37 1.46 -25.38
C ALA B 538 51.53 0.61 -26.35
N ASP B 539 52.03 0.45 -27.57
CA ASP B 539 51.33 -0.32 -28.61
C ASP B 539 51.10 -1.78 -28.22
N ASP B 540 52.01 -2.33 -27.40
CA ASP B 540 51.86 -3.67 -26.84
C ASP B 540 50.62 -3.76 -25.96
N LEU B 541 50.45 -2.78 -25.06
CA LEU B 541 49.32 -2.77 -24.12
C LEU B 541 47.97 -2.42 -24.78
N LEU B 542 47.99 -1.57 -25.81
CA LEU B 542 46.75 -1.20 -26.53
C LEU B 542 46.11 -2.40 -27.24
N GLU B 543 46.91 -3.15 -28.00
CA GLU B 543 46.38 -4.33 -28.71
C GLU B 543 45.98 -5.47 -27.75
N LYS B 544 46.61 -5.51 -26.56
CA LYS B 544 46.15 -6.39 -25.46
C LYS B 544 44.80 -5.95 -24.89
N LEU B 545 44.62 -4.63 -24.72
CA LEU B 545 43.36 -4.07 -24.22
C LEU B 545 42.19 -4.31 -25.19
N VAL B 546 42.46 -4.20 -26.49
CA VAL B 546 41.46 -4.52 -27.52
C VAL B 546 41.15 -6.02 -27.54
N ALA B 547 42.19 -6.85 -27.40
CA ALA B 547 42.02 -8.31 -27.31
C ALA B 547 41.24 -8.76 -26.07
N SER B 548 41.37 -8.00 -24.97
CA SER B 548 40.69 -8.34 -23.70
C SER B 548 39.16 -8.22 -23.72
N ARG B 549 38.59 -7.56 -24.74
CA ARG B 549 37.13 -7.39 -24.90
C ARG B 549 36.31 -8.66 -24.57
N LEU B 550 36.77 -9.81 -25.08
CA LEU B 550 36.09 -11.10 -24.90
C LEU B 550 36.31 -11.77 -23.54
N VAL B 551 37.16 -11.20 -22.68
CA VAL B 551 37.45 -11.83 -21.38
C VAL B 551 36.20 -11.81 -20.51
N ASN B 552 35.91 -12.96 -19.90
CA ASN B 552 34.72 -13.15 -19.07
C ASN B 552 33.37 -12.86 -19.76
N THR B 553 33.33 -12.83 -21.09
CA THR B 553 32.12 -12.41 -21.82
C THR B 553 30.97 -13.42 -21.65
N GLY B 554 31.32 -14.70 -21.52
CA GLY B 554 30.34 -15.74 -21.23
C GLY B 554 29.57 -15.47 -19.95
N LEU B 555 30.29 -15.30 -18.85
CA LEU B 555 29.66 -15.07 -17.54
C LEU B 555 29.05 -13.68 -17.39
N LEU B 556 29.72 -12.65 -17.92
CA LEU B 556 29.17 -11.29 -17.90
C LEU B 556 27.84 -11.21 -18.64
N THR B 557 27.78 -11.84 -19.82
CA THR B 557 26.54 -11.88 -20.61
C THR B 557 25.50 -12.81 -19.99
N LEU B 558 25.93 -13.98 -19.50
CA LEU B 558 25.02 -14.91 -18.82
C LEU B 558 24.29 -14.28 -17.64
N ARG B 559 24.96 -13.42 -16.88
CA ARG B 559 24.32 -12.69 -15.79
C ARG B 559 23.24 -11.73 -16.30
N GLN B 560 23.50 -11.03 -17.41
CA GLN B 560 22.50 -10.17 -18.04
C GLN B 560 21.28 -10.97 -18.52
N ILE B 561 21.50 -12.22 -18.92
CA ILE B 561 20.42 -13.13 -19.27
C ILE B 561 19.63 -13.55 -18.02
N VAL B 562 20.32 -13.74 -16.89
CA VAL B 562 19.65 -14.01 -15.62
C VAL B 562 18.71 -12.86 -15.25
N LEU B 563 19.23 -11.64 -15.26
CA LEU B 563 18.45 -10.45 -14.92
C LEU B 563 17.25 -10.25 -15.88
N SER B 564 17.48 -10.48 -17.16
CA SER B 564 16.41 -10.43 -18.17
C SER B 564 15.34 -11.50 -17.96
N LYS B 565 15.77 -12.73 -17.67
CA LYS B 565 14.86 -13.86 -17.44
C LYS B 565 14.06 -13.71 -16.13
N VAL B 566 14.69 -13.18 -15.09
CA VAL B 566 14.00 -12.84 -13.83
C VAL B 566 12.93 -11.79 -14.09
N ASP B 567 13.32 -10.71 -14.76
CA ASP B 567 12.42 -9.62 -15.12
C ASP B 567 11.16 -10.09 -15.87
N GLN B 568 11.33 -11.03 -16.80
CA GLN B 568 10.20 -11.62 -17.52
C GLN B 568 9.32 -12.50 -16.62
N SER B 569 9.95 -13.27 -15.73
CA SER B 569 9.24 -14.16 -14.82
C SER B 569 8.39 -13.41 -13.79
N LEU B 570 8.94 -12.32 -13.23
CA LEU B 570 8.21 -11.51 -12.25
C LEU B 570 7.00 -10.82 -12.86
N HIS B 571 7.01 -10.60 -14.17
CA HIS B 571 5.88 -9.99 -14.88
C HIS B 571 5.11 -10.95 -15.81
N THR B 572 5.20 -12.26 -15.56
CA THR B 572 4.37 -13.25 -16.25
C THR B 572 3.79 -14.26 -15.26
N ASN B 573 4.67 -15.03 -14.63
CA ASN B 573 4.25 -15.99 -13.61
C ASN B 573 3.71 -15.23 -12.39
N THR B 574 2.52 -15.61 -11.96
CA THR B 574 1.84 -14.94 -10.86
C THR B 574 2.22 -15.59 -9.53
N SER B 575 2.32 -14.76 -8.49
CA SER B 575 2.51 -15.21 -7.10
C SER B 575 3.71 -16.14 -6.86
N LEU B 576 4.85 -15.82 -7.49
CA LEU B 576 6.12 -16.52 -7.25
C LEU B 576 7.06 -15.60 -6.47
N ASP B 577 7.79 -16.18 -5.52
CA ASP B 577 8.74 -15.40 -4.69
C ASP B 577 9.90 -14.93 -5.57
N ALA B 578 10.20 -13.63 -5.48
CA ALA B 578 11.16 -13.00 -6.38
C ALA B 578 12.59 -13.47 -6.15
N ALA B 579 12.98 -13.57 -4.88
CA ALA B 579 14.33 -14.02 -4.51
C ALA B 579 14.59 -15.48 -4.88
N SER B 580 13.57 -16.32 -4.72
CA SER B 580 13.64 -17.72 -5.17
C SER B 580 13.78 -17.83 -6.68
N GLU B 581 13.07 -16.98 -7.41
CA GLU B 581 13.12 -16.95 -8.88
C GLU B 581 14.48 -16.46 -9.38
N TYR B 582 15.06 -15.49 -8.67
CA TYR B 582 16.44 -15.03 -8.92
C TYR B 582 17.45 -16.16 -8.71
N ALA B 583 17.31 -16.88 -7.60
CA ALA B 583 18.19 -18.00 -7.26
C ALA B 583 18.12 -19.15 -8.29
N LYS B 584 16.91 -19.43 -8.77
CA LYS B 584 16.68 -20.44 -9.81
C LYS B 584 17.52 -20.15 -11.05
N TYR B 585 17.35 -18.96 -11.61
CA TYR B 585 18.07 -18.58 -12.84
C TYR B 585 19.57 -18.42 -12.62
N CYS B 586 19.97 -17.86 -11.47
CA CYS B 586 21.38 -17.84 -11.06
C CYS B 586 22.04 -19.23 -11.15
N SER B 587 21.36 -20.22 -10.57
CA SER B 587 21.83 -21.59 -10.56
C SER B 587 21.85 -22.22 -11.97
N GLU B 588 20.75 -22.07 -12.69
CA GLU B 588 20.55 -22.75 -13.98
C GLU B 588 21.27 -22.09 -15.16
N ILE B 589 21.47 -20.78 -15.12
CA ILE B 589 22.08 -20.05 -16.24
C ILE B 589 23.51 -19.58 -15.93
N LEU B 590 23.70 -18.88 -14.81
CA LEU B 590 25.02 -18.33 -14.47
C LEU B 590 25.97 -19.37 -13.87
N GLY B 591 25.41 -20.38 -13.18
CA GLY B 591 26.22 -21.42 -12.53
C GLY B 591 26.92 -20.94 -11.27
N VAL B 592 26.41 -19.85 -10.69
CA VAL B 592 26.93 -19.27 -9.45
C VAL B 592 25.70 -18.93 -8.61
N ALA B 593 25.58 -19.58 -7.45
CA ALA B 593 24.35 -19.52 -6.67
C ALA B 593 24.14 -18.15 -6.01
N ALA B 594 22.88 -17.73 -5.95
CA ALA B 594 22.49 -16.61 -5.09
C ALA B 594 22.66 -17.06 -3.65
N THR B 595 23.22 -16.19 -2.81
CA THR B 595 23.58 -16.58 -1.46
C THR B 595 22.32 -16.52 -0.60
N PRO B 596 22.03 -17.57 0.21
CA PRO B 596 20.76 -17.55 0.96
C PRO B 596 20.66 -16.38 1.93
N GLY B 597 19.47 -15.82 2.07
CA GLY B 597 19.23 -14.64 2.91
C GLY B 597 19.26 -13.30 2.18
N THR B 598 19.62 -13.31 0.90
CA THR B 598 19.67 -12.09 0.08
C THR B 598 18.43 -11.96 -0.79
N ASN B 599 18.15 -10.74 -1.22
CA ASN B 599 17.05 -10.44 -2.13
C ASN B 599 17.47 -9.39 -3.14
N MET B 600 18.13 -9.86 -4.20
CA MET B 600 18.61 -8.98 -5.26
C MET B 600 17.48 -8.22 -5.98
N PRO B 601 16.36 -8.91 -6.32
CA PRO B 601 15.22 -8.18 -6.90
C PRO B 601 14.75 -6.96 -6.11
N ALA B 602 14.85 -6.99 -4.78
CA ALA B 602 14.53 -5.82 -3.95
C ALA B 602 15.51 -4.64 -4.12
N THR B 603 16.73 -4.92 -4.61
CA THR B 603 17.69 -3.88 -5.00
C THR B 603 17.66 -3.52 -6.51
N PHE B 604 16.74 -4.13 -7.26
CA PHE B 604 16.79 -4.10 -8.72
C PHE B 604 15.98 -2.91 -9.25
N GLY B 605 16.60 -1.73 -9.16
CA GLY B 605 15.96 -0.45 -9.48
C GLY B 605 15.32 -0.28 -10.84
N HIS B 606 15.82 -1.04 -11.82
CA HIS B 606 15.23 -1.09 -13.17
C HIS B 606 13.73 -1.48 -13.18
N LEU B 607 13.34 -2.35 -12.25
CA LEU B 607 11.94 -2.81 -12.13
C LEU B 607 10.96 -1.70 -11.71
N ALA B 608 11.48 -0.63 -11.12
CA ALA B 608 10.69 0.56 -10.75
C ALA B 608 11.02 1.82 -11.55
N GLY B 609 12.01 1.76 -12.44
CA GLY B 609 12.43 2.92 -13.24
C GLY B 609 12.18 2.82 -14.73
N GLY B 610 11.14 2.10 -15.12
CA GLY B 610 10.71 2.03 -16.52
C GLY B 610 11.38 0.98 -17.39
N TYR B 611 11.94 -0.05 -16.76
CA TYR B 611 12.43 -1.24 -17.46
C TYR B 611 11.70 -2.50 -16.96
N ASP B 612 10.50 -2.30 -16.42
CA ASP B 612 9.65 -3.40 -15.95
C ASP B 612 9.20 -4.28 -17.13
N GLY B 613 9.68 -5.53 -17.13
CA GLY B 613 9.47 -6.45 -18.25
C GLY B 613 10.21 -6.06 -19.53
N GLN B 614 11.25 -5.25 -19.40
CA GLN B 614 11.95 -4.67 -20.54
C GLN B 614 13.49 -4.69 -20.39
N TYR B 615 14.01 -5.48 -19.45
CA TYR B 615 15.45 -5.50 -19.18
C TYR B 615 16.25 -6.17 -20.30
N TYR B 616 15.61 -7.12 -20.98
CA TYR B 616 16.16 -7.74 -22.20
C TYR B 616 16.54 -6.71 -23.28
N GLY B 617 15.94 -5.52 -23.22
CA GLY B 617 16.26 -4.42 -24.14
C GLY B 617 17.72 -4.09 -24.37
N TYR B 618 18.55 -4.24 -23.33
CA TYR B 618 19.99 -3.98 -23.46
C TYR B 618 20.65 -4.95 -24.45
N LEU B 619 20.48 -6.25 -24.21
CA LEU B 619 20.99 -7.29 -25.11
C LEU B 619 20.31 -7.27 -26.48
N TRP B 620 19.02 -6.99 -26.49
CA TRP B 620 18.26 -6.83 -27.74
C TRP B 620 18.79 -5.67 -28.60
N SER B 621 19.00 -4.52 -27.97
CA SER B 621 19.59 -3.36 -28.64
C SER B 621 21.02 -3.61 -29.09
N GLU B 622 21.78 -4.38 -28.31
CA GLU B 622 23.16 -4.69 -28.66
C GLU B 622 23.29 -5.49 -29.95
N VAL B 623 22.26 -6.29 -30.29
CA VAL B 623 22.22 -6.98 -31.59
C VAL B 623 22.21 -5.94 -32.73
N PHE B 624 21.37 -4.92 -32.59
CA PHE B 624 21.25 -3.87 -33.59
C PHE B 624 22.47 -2.95 -33.65
N SER B 625 23.05 -2.65 -32.48
CA SER B 625 24.21 -1.74 -32.42
C SER B 625 25.45 -2.37 -33.05
N MET B 626 25.68 -3.66 -32.75
CA MET B 626 26.80 -4.41 -33.34
C MET B 626 26.62 -4.65 -34.84
N ASP B 627 25.38 -4.86 -35.27
CA ASP B 627 25.07 -4.98 -36.71
C ASP B 627 25.40 -3.68 -37.44
N MET B 628 25.07 -2.54 -36.81
CA MET B 628 25.37 -1.22 -37.39
C MET B 628 26.87 -0.89 -37.39
N PHE B 629 27.57 -1.22 -36.31
CA PHE B 629 29.00 -0.92 -36.18
C PHE B 629 29.84 -1.73 -37.18
N TYR B 630 29.62 -3.04 -37.22
CA TYR B 630 30.39 -3.94 -38.10
C TYR B 630 30.07 -3.76 -39.59
N SER B 631 28.79 -3.57 -39.92
CA SER B 631 28.36 -3.43 -41.32
C SER B 631 28.77 -2.10 -41.95
N CYS B 632 28.47 -1.00 -41.27
CA CYS B 632 28.61 0.34 -41.85
C CYS B 632 29.89 1.07 -41.41
N PHE B 633 30.13 1.15 -40.10
CA PHE B 633 31.25 1.94 -39.56
C PHE B 633 32.61 1.26 -39.77
N LYS B 634 32.71 -0.01 -39.38
CA LYS B 634 33.98 -0.75 -39.44
C LYS B 634 34.42 -1.02 -40.89
N LYS B 635 33.46 -1.16 -41.80
CA LYS B 635 33.74 -1.31 -43.23
C LYS B 635 34.31 -0.02 -43.83
N GLU B 636 33.63 1.11 -43.57
CA GLU B 636 33.98 2.40 -44.16
C GLU B 636 34.77 3.35 -43.23
N GLY B 637 35.42 2.82 -42.20
CA GLY B 637 36.20 3.63 -41.25
C GLY B 637 35.32 4.28 -40.20
N ILE B 638 35.66 4.10 -38.93
CA ILE B 638 34.80 4.51 -37.82
C ILE B 638 34.67 6.03 -37.60
N MET B 639 35.63 6.80 -38.10
CA MET B 639 35.59 8.26 -38.01
C MET B 639 35.17 8.94 -39.33
N ASN B 640 34.50 8.18 -40.21
CA ASN B 640 34.01 8.71 -41.49
C ASN B 640 32.83 9.65 -41.25
N PRO B 641 32.97 10.95 -41.60
CA PRO B 641 31.87 11.91 -41.34
C PRO B 641 30.56 11.65 -42.08
N GLU B 642 30.61 10.99 -43.25
CA GLU B 642 29.38 10.71 -44.02
C GLU B 642 28.58 9.53 -43.44
N VAL B 643 29.25 8.59 -42.77
CA VAL B 643 28.58 7.49 -42.07
C VAL B 643 27.96 7.99 -40.77
N GLY B 644 28.72 8.76 -40.00
CA GLY B 644 28.22 9.38 -38.77
C GLY B 644 27.07 10.36 -38.97
N MET B 645 27.04 11.03 -40.12
CA MET B 645 25.94 11.93 -40.48
C MET B 645 24.69 11.13 -40.89
N LYS B 646 24.90 10.06 -41.64
CA LYS B 646 23.83 9.12 -42.00
C LYS B 646 23.22 8.47 -40.74
N TYR B 647 24.07 8.14 -39.77
CA TYR B 647 23.64 7.62 -38.46
C TYR B 647 22.78 8.66 -37.73
N ARG B 648 23.33 9.87 -37.62
CA ARG B 648 22.62 10.99 -37.02
C ARG B 648 21.26 11.26 -37.66
N ASN B 649 21.21 11.31 -38.99
CA ASN B 649 19.96 11.60 -39.72
C ASN B 649 18.88 10.51 -39.62
N LEU B 650 19.29 9.24 -39.66
CA LEU B 650 18.35 8.11 -39.74
C LEU B 650 18.08 7.39 -38.42
N ILE B 651 18.92 7.63 -37.41
CA ILE B 651 18.78 6.98 -36.09
C ILE B 651 18.53 7.97 -34.95
N LEU B 652 19.26 9.08 -34.91
CA LEU B 652 19.10 10.06 -33.84
C LEU B 652 18.00 11.08 -34.13
N LYS B 653 18.06 11.69 -35.31
CA LYS B 653 17.19 12.81 -35.72
C LYS B 653 15.67 12.56 -35.62
N PRO B 654 15.18 11.41 -36.10
CA PRO B 654 13.73 11.21 -36.09
C PRO B 654 13.11 11.02 -34.70
N GLY B 655 13.92 10.71 -33.69
CA GLY B 655 13.42 10.50 -32.33
C GLY B 655 12.46 9.32 -32.31
N GLY B 656 11.37 9.48 -31.58
CA GLY B 656 10.28 8.49 -31.56
C GLY B 656 9.18 8.73 -32.59
N SER B 657 9.45 9.58 -33.59
CA SER B 657 8.49 9.84 -34.66
C SER B 657 8.44 8.72 -35.69
N LEU B 658 9.35 7.75 -35.62
CA LEU B 658 9.29 6.53 -36.41
C LEU B 658 9.61 5.31 -35.55
N ASP B 659 9.07 4.15 -35.95
CA ASP B 659 9.37 2.87 -35.29
C ASP B 659 10.84 2.54 -35.45
N GLY B 660 11.38 1.80 -34.47
CA GLY B 660 12.80 1.49 -34.41
C GLY B 660 13.26 0.61 -35.56
N MET B 661 12.47 -0.42 -35.86
CA MET B 661 12.78 -1.36 -36.95
C MET B 661 12.76 -0.68 -38.32
N ASP B 662 11.88 0.32 -38.49
CA ASP B 662 11.86 1.14 -39.72
C ASP B 662 13.11 2.00 -39.84
N MET B 663 13.57 2.58 -38.73
CA MET B 663 14.82 3.35 -38.71
C MET B 663 16.05 2.48 -38.98
N LEU B 664 16.02 1.24 -38.48
CA LEU B 664 17.07 0.26 -38.80
C LEU B 664 17.07 -0.14 -40.26
N HIS B 665 15.88 -0.41 -40.80
CA HIS B 665 15.74 -0.77 -42.21
C HIS B 665 16.20 0.36 -43.16
N ASN B 666 16.03 1.62 -42.74
CA ASN B 666 16.55 2.76 -43.49
C ASN B 666 18.09 2.82 -43.48
N PHE B 667 18.68 2.69 -42.29
CA PHE B 667 20.13 2.83 -42.13
C PHE B 667 20.91 1.64 -42.67
N LEU B 668 20.53 0.43 -42.26
CA LEU B 668 21.18 -0.81 -42.72
C LEU B 668 20.84 -1.19 -44.17
N LYS B 669 19.73 -0.68 -44.69
CA LYS B 669 19.21 -1.02 -46.03
C LYS B 669 18.76 -2.49 -46.13
N ARG B 670 18.34 -3.04 -45.00
CA ARG B 670 17.87 -4.42 -44.85
C ARG B 670 17.41 -4.63 -43.40
N GLU B 671 16.69 -5.72 -43.16
CA GLU B 671 16.38 -6.13 -41.79
C GLU B 671 17.67 -6.60 -41.11
N PRO B 672 17.81 -6.35 -39.79
CA PRO B 672 19.05 -6.71 -39.11
C PRO B 672 19.15 -8.20 -38.81
N ASN B 673 20.33 -8.65 -38.37
CA ASN B 673 20.52 -10.03 -37.92
C ASN B 673 21.61 -10.15 -36.84
N GLN B 674 21.74 -11.35 -36.30
CA GLN B 674 22.63 -11.62 -35.16
C GLN B 674 24.10 -11.87 -35.51
N LYS B 675 24.45 -11.94 -36.80
CA LYS B 675 25.79 -12.39 -37.21
C LYS B 675 26.92 -11.53 -36.66
N ALA B 676 26.80 -10.21 -36.82
CA ALA B 676 27.78 -9.27 -36.27
C ALA B 676 27.82 -9.30 -34.73
N PHE B 677 26.66 -9.46 -34.11
CA PHE B 677 26.55 -9.59 -32.66
C PHE B 677 27.22 -10.86 -32.13
N LEU B 678 26.95 -11.98 -32.79
CA LEU B 678 27.56 -13.27 -32.44
C LEU B 678 29.07 -13.28 -32.70
N MET B 679 29.48 -12.66 -33.81
CA MET B 679 30.90 -12.52 -34.15
C MET B 679 31.66 -11.64 -33.15
N SER B 680 30.96 -10.66 -32.56
CA SER B 680 31.51 -9.82 -31.50
C SER B 680 31.80 -10.58 -30.20
N ARG B 681 31.02 -11.61 -29.91
CA ARG B 681 31.19 -12.45 -28.72
C ARG B 681 32.17 -13.62 -28.92
N GLY B 682 32.51 -13.91 -30.18
CA GLY B 682 33.30 -15.09 -30.53
C GLY B 682 32.42 -16.30 -30.73
N LEU B 683 31.37 -16.14 -31.54
CA LEU B 683 30.38 -17.19 -31.82
C LEU B 683 30.06 -17.22 -33.33
N HIS B 684 29.05 -18.00 -33.73
CA HIS B 684 28.69 -18.14 -35.16
C HIS B 684 27.24 -18.60 -35.37
N ALA B 685 26.73 -18.36 -36.58
CA ALA B 685 25.37 -18.75 -37.02
C ALA B 685 24.26 -18.16 -36.16
N PRO C 7 -21.37 -0.54 8.84
CA PRO C 7 -20.98 -1.94 8.82
C PRO C 7 -21.18 -2.63 10.20
N ARG C 8 -20.13 -3.17 10.83
CA ARG C 8 -20.31 -4.22 11.84
C ARG C 8 -20.36 -3.63 13.26
N ARG C 9 -21.09 -4.29 14.15
CA ARG C 9 -21.32 -3.82 15.54
C ARG C 9 -20.82 -4.85 16.56
N PRO C 10 -19.60 -4.62 17.14
CA PRO C 10 -19.11 -5.42 18.27
C PRO C 10 -19.32 -4.71 19.61
N LYS D 6 9.77 10.90 -12.80
CA LYS D 6 10.94 11.17 -13.70
C LYS D 6 11.31 9.92 -14.51
N PRO D 7 11.21 9.99 -15.86
CA PRO D 7 11.66 8.89 -16.70
C PRO D 7 13.11 9.09 -17.14
N ARG D 8 14.05 8.43 -16.46
CA ARG D 8 15.48 8.53 -16.79
C ARG D 8 15.84 7.37 -17.71
N ARG D 9 17.07 7.41 -18.24
CA ARG D 9 17.59 6.36 -19.12
C ARG D 9 18.98 5.94 -18.61
N PRO D 10 19.06 4.89 -17.77
CA PRO D 10 20.33 4.37 -17.27
C PRO D 10 20.83 3.19 -18.12
N TYR E 11 -16.33 -4.30 23.07
CA TYR E 11 -15.24 -3.53 23.74
C TYR E 11 -14.14 -4.45 24.26
N ILE E 12 -12.88 -4.04 24.10
CA ILE E 12 -11.71 -4.84 24.52
C ILE E 12 -11.56 -4.83 26.04
N LEU E 13 -11.14 -5.96 26.59
CA LEU E 13 -11.05 -6.16 28.05
C LEU E 13 -9.75 -5.55 28.59
N TYR F 11 22.96 -0.45 -17.64
CA TYR F 11 22.58 -1.79 -17.09
C TYR F 11 23.35 -2.12 -15.81
N ILE F 12 22.70 -2.84 -14.90
CA ILE F 12 23.30 -3.23 -13.61
C ILE F 12 24.31 -4.39 -13.79
N LEU F 13 25.44 -4.29 -13.10
CA LEU F 13 26.48 -5.32 -13.14
C LEU F 13 26.09 -6.52 -12.27
ZN ZN G . -22.02 -3.89 21.18
CL CL H . -6.78 16.22 -11.18
C1 GOL I . -27.42 1.60 3.36
O1 GOL I . -27.93 2.74 2.65
C2 GOL I . -27.13 1.90 4.84
O2 GOL I . -26.52 0.77 5.47
C3 GOL I . -26.22 3.13 5.01
O3 GOL I . -25.00 2.97 4.30
ZN ZN J . 21.64 3.44 -21.26
CL CL K . -17.10 2.89 -10.14
#